data_6WUB
#
_entry.id   6WUB
#
loop_
_entity.id
_entity.type
_entity.pdbx_description
1 polymer '16S rRNA'
2 polymer '30S ribosomal protein S4'
3 polymer '30S ribosomal protein S5'
4 polymer '30S ribosomal protein S6'
5 polymer '30S ribosomal protein S8'
6 polymer '30S ribosomal protein S11'
7 polymer '30S ribosomal protein S12'
8 polymer '30S ribosomal protein S15'
9 polymer '30S ribosomal protein S16'
10 polymer '30S ribosomal protein S17'
11 polymer '30S ribosomal protein S18'
12 polymer '30S ribosomal protein S20'
#
loop_
_entity_poly.entity_id
_entity_poly.type
_entity_poly.pdbx_seq_one_letter_code
_entity_poly.pdbx_strand_id
1 'polyribonucleotide'
;UGAGAGUUUGAUCCUGGCUCAGGACGAACGCUGGCGGCGUGCCUAAUACAUGCAAGUCGAACGCUUCUUUCCUCCCGAGU
GCUUGCACUCAAUUGGAAAGAGGAGUGGCGGACGGGUGAGUAACACGUGGGUAACCUACCCAUCAGAGGGGGAUAACACU
UGGAAACAGGUGCUAAUACCGCAUAACAGUUUAUGCCGCAUGGCAUAAGAGUGAAAGGCGCUUUCGGGUGUCGCUGAUGG
AUGGACCCGCGGUGCAUUAGCUAGUUGGUGAGGUAACGGCUCACCAAGGCCACGAUGCAUAGCCGACCUGAGAGGGUGAU
CGGCCACACUGGGACUGAGACACGGCCCAGACUCCUACGGGAGGCAGCAGUAGGGAAUCUUCGGCAAUGGACGAAAGUCU
GACCGAGCAACGCCGCGUGAGUGAAGAAGGUUUUCGGAUCGUAAAACUCUGUUGUUAGAGAAGAACAAGGACGUUAGUAA
CUGAACGUCCCCUGACGGUAUCUAACCAGAAAGCCACGGCUAACUACGUGCCAGCAGCCGCGGUAAUACGUAGGUGGCAA
GCGUUGUCCGGAUUUAUUGGGCGUAAAGCGAGCGCAGGCGGUUUCUUAAGUCUGAUGUGAAAGCCCCCGGCUCAACCGGG
GAGGGUCAUUGGAAACUGGGAGACUUGAGUGCAGAAGAGGAGAGUGGAAUUCCAUGUGUAGCGGUGAAAUGCGUAGAUAU
AUGGAGGAACACCAGUGGCGAAGGCGGCUCUCUGGUCUGUAACUGACGCUGAGGCUCGAAAGCGUGGGGAGCAAACAGGA
UUAGAUACCCUGGUAGUCCACGCCGUAAACGAUGAGUGCUAAGUGUUGGAGGGUUUCCGCCCUUCAGUGCUGCAGCAAAC
GCAUUAAGCACUCCGCCUGGGGAGUACGACCGCAAGGUUGAAACUCAAAGGAAUUGACGGGGGCCCGCACAAGCGGUGGA
GCAUGUGGUUUAAUUCGAAGCAACGCGAAGAACCUUACCAGGUCUUGACAUCCUUUGACCACUCUAGAGAUAGAGCUUUC
CCUUCGGGGACAAAGUGACAGGUGGUGCAUGGUUGUCGUCAGCUCGUGUCGUGAGAUGUUGGGUUAAGUCCCGCAACGAG
CGCAACCCUUAUUGUUAGUUGCCAUCAUUUAGUUGGGCACUCUAGCGAGACUGCCGGUGACAAACCGGAGGAAGGUGGGG
AUGACGUCAAAUCAUCAUGCCCCUUAUGACCUGGGCUACACACGUGCUACAAUGGGAAGUACAACGAGUCGCUAGACCGC
GAGGUCAUGCAAAUCUCUUAAAGCUUCUCUCAGUUCGGAUUGCAGGCUGCAACUCGCCUGCAUGAAGCCGGAAUCGCUAG
UAAUCGCGGAUCAGCACGCCGCGGUGAAUACGUUCCCGGGCCUUGUACACACCGCCCGUCACACCACGAGAGUUUGUAAC
ACCCGAAGUCGGUGAGGUAACCUUUUUGGAGCCAGCCGCCUAAGGUGGGAUAGAUGAUUGGGGUGAAGUCGUAACAAGGU
AGCCGUAUCGGAAGGUGCGGCUGGAUCA
;
a
2 'polypeptide(L)'
;SRYTGPSWKVSRRLGISLSGTGKELARRPYKPGQHGPNSRGKVSEYGMQLTEKQKLRHMYGMNERQFRTLFIKASKIKEG
KHGVNFMVLLEQRLDNVVYRLGLATTRRQARQLVNHGHITVDGKRVDIPSYHVEVGQVIGVREKSQNISTIKEAVEATVG
RPAFVSFDTEKLEGSFTRLPERDELYPEIDEALVVEYYNQK
;
d
3 'polypeptide(L)'
;YIDPKHLELEDRVVAINRVTKVVKGGRRLRFAALVVVGDKNGHVGFGTGKAQEVPEAIRKAIEDAKKNLVEVPMVGSTIP
HEVIGVFGGGRILMKPAVEGSGVAAGGPVRAVLELAGVADITSKSLGSNTPINVVRATVEGLKQLKRAEEVAALRGKSVE
EII
;
e
4 'polypeptide(L)'
;QDTKYEIMYIIRPNIDEEAKTALVERFDTILKDNGAEVIESKDWEKRRLAYEMNGFREGIYHIVNVTSPSTAGAINEFDR
LAKINDDIIRHMIVKVE
;
f
5 'polypeptide(L)'
;VMTDPIADFLTRIRNANMVKHETLEVPASKIKRDIAEILKREGFIRDVEYIEDDKQGVIRVFLKYGKNEERVITNLKRIS
KPGLRAYVKADEVPKVLNGLGIAIISTSEGVITDKEARAKNIGGEVIAYVW
;
h
6 'polypeptide(L)'
;KKNIESGVAHIHSTFNNTIVMITDTHGNALAWSSAGSLGFKGSKKSTPFAAQMAAEAATKVAMEHGLKTVDVTVKGPGSG
REAAIRSLQATGLEVTAIRDVTPVPHNGCRPPKRRRV
;
k
7 'polypeptide(L)'
;PTINQLVRKPRKSKVEKSDSPALNKGYNSFKKTQTNVNSPQKRGVCTRVGTMTPKKPNSALRKYARVRLSNLIEVTAYIP
GIGHNLQEHSVVLLRGGRVKDLPGVRYHIVRGALDTAGVNDRKQSRSKYGTKRPKA
;
l
8 'polypeptide(L)'
;AISQERKNEIIKEYARHEGDTGSPEVQIAVLTEDINQLNEHARTHKKDHHSYRGLMKKIGHRRNLLAYLRKTDIQRYREL
IQRLGLRR
;
o
9 'polypeptide(L)'
;AVKIRLKRMGSKKSPFYRIVVADSRSPRDGRFIETVGTYNPLKDPAEVVLKEDLVLDWLSKGAQPSDTVRNILSKEGVMK
KHHEAKNVK
;
p
10 'polypeptide(L)'
;ERNQRKVYQGRVVSDKMDKTITVVVETKKNHPIYGKRMKYSKKYKAHDENNTAKVGDIVKIMETRPLSATKRFRLLEVVE
EAV
;
q
11 'polypeptide(L)' KVDYIAANHIEYIDYKDTELLKRFISERGKILPRRVTGTGAKNQRKLTIAIKRARIMGLLPFVSDE r
12 'polypeptide(L)'
;PNIESAIKRVRTSANANAKNSSQTNAMRTAIKKFEEAVAAGADNVDALYNEAVKAVDMAATKGLIHKNKANRDKIRLSKL
AK
;
t
#
loop_
_chem_comp.id
_chem_comp.type
_chem_comp.name
_chem_comp.formula
A RNA linking ADENOSINE-5'-MONOPHOSPHATE 'C10 H14 N5 O7 P'
C RNA linking CYTIDINE-5'-MONOPHOSPHATE 'C9 H14 N3 O8 P'
G RNA linking GUANOSINE-5'-MONOPHOSPHATE 'C10 H14 N5 O8 P'
U RNA linking URIDINE-5'-MONOPHOSPHATE 'C9 H13 N2 O9 P'
#
# COMPACT_ATOMS: atom_id res chain seq x y z
N SER B 1 37.86 -38.95 4.06
CA SER B 1 37.50 -40.01 4.99
C SER B 1 36.51 -40.95 4.34
N ARG B 2 36.44 -42.21 4.78
CA ARG B 2 35.25 -42.95 4.40
C ARG B 2 34.39 -43.39 5.58
N TYR B 3 34.80 -44.45 6.26
CA TYR B 3 34.20 -44.94 7.51
C TYR B 3 34.86 -46.27 7.85
N THR B 4 35.09 -46.56 9.11
CA THR B 4 35.69 -47.84 9.45
C THR B 4 35.00 -48.52 10.62
N GLY B 5 33.97 -47.92 11.20
CA GLY B 5 33.40 -48.41 12.42
C GLY B 5 32.70 -49.74 12.25
N PRO B 6 32.07 -50.20 13.33
CA PRO B 6 31.54 -51.55 13.37
C PRO B 6 30.41 -51.85 12.38
N SER B 7 29.96 -50.90 11.56
CA SER B 7 29.24 -51.26 10.33
C SER B 7 27.94 -52.04 10.52
N TRP B 8 27.57 -52.28 11.76
CA TRP B 8 26.45 -53.18 12.02
C TRP B 8 25.55 -52.49 13.01
N LYS B 9 26.15 -51.69 13.90
CA LYS B 9 25.41 -50.66 14.60
C LYS B 9 24.64 -49.79 13.63
N VAL B 10 25.19 -49.60 12.42
CA VAL B 10 24.59 -48.71 11.43
C VAL B 10 23.26 -49.26 10.96
N SER B 11 23.17 -50.56 10.74
CA SER B 11 21.93 -51.17 10.30
C SER B 11 20.89 -51.20 11.41
N ARG B 12 21.32 -51.46 12.64
CA ARG B 12 20.40 -51.44 13.77
C ARG B 12 19.81 -50.06 14.03
N ARG B 13 20.41 -49.01 13.50
CA ARG B 13 19.92 -47.66 13.72
C ARG B 13 18.98 -47.21 12.61
N LEU B 14 19.12 -47.74 11.41
CA LEU B 14 18.20 -47.43 10.33
C LEU B 14 17.00 -48.37 10.28
N GLY B 15 17.13 -49.57 10.85
CA GLY B 15 16.09 -50.56 10.75
C GLY B 15 16.02 -51.25 9.42
N ILE B 16 17.12 -51.30 8.68
CA ILE B 16 17.22 -51.92 7.37
C ILE B 16 18.53 -52.69 7.37
N SER B 17 18.63 -53.72 6.53
CA SER B 17 19.77 -54.62 6.64
C SER B 17 21.06 -53.97 6.22
N LEU B 18 21.14 -53.51 4.96
CA LEU B 18 22.30 -52.88 4.31
C LEU B 18 23.36 -53.87 3.87
N SER B 19 23.29 -55.15 4.23
CA SER B 19 24.34 -56.08 3.84
C SER B 19 23.69 -57.30 3.22
N GLY B 20 23.25 -57.15 1.97
CA GLY B 20 22.76 -58.27 1.18
C GLY B 20 21.88 -59.29 1.90
N THR B 21 21.10 -58.83 2.86
CA THR B 21 20.12 -59.61 3.63
C THR B 21 20.78 -60.55 4.62
N GLY B 22 22.10 -60.70 4.54
CA GLY B 22 22.86 -61.32 5.60
C GLY B 22 22.62 -60.56 6.89
N LYS B 23 22.16 -61.26 7.93
CA LYS B 23 21.43 -60.63 9.02
C LYS B 23 22.36 -60.05 10.08
N GLU B 24 22.41 -58.73 10.12
CA GLU B 24 22.88 -57.98 11.26
C GLU B 24 21.79 -57.76 12.30
N LEU B 25 20.54 -57.67 11.85
CA LEU B 25 19.39 -57.55 12.74
C LEU B 25 18.82 -58.93 13.09
N ALA B 26 19.67 -59.90 13.42
CA ALA B 26 19.16 -61.23 13.74
C ALA B 26 18.74 -61.29 15.20
N ARG B 27 19.69 -61.18 16.10
CA ARG B 27 19.40 -60.89 17.50
C ARG B 27 19.33 -59.38 17.69
N ARG B 28 18.69 -58.98 18.78
CA ARG B 28 18.56 -57.58 19.17
C ARG B 28 18.29 -56.66 18.00
N PRO B 29 17.07 -56.62 17.48
CA PRO B 29 16.76 -55.73 16.35
C PRO B 29 16.61 -54.25 16.74
N TYR B 30 16.96 -53.89 17.97
CA TYR B 30 16.81 -52.53 18.44
C TYR B 30 18.11 -51.75 18.29
N LYS B 31 18.09 -50.49 18.70
CA LYS B 31 19.18 -49.56 18.51
C LYS B 31 20.31 -49.83 19.49
N PRO B 32 21.49 -49.24 19.27
CA PRO B 32 22.61 -49.43 20.19
C PRO B 32 22.50 -48.57 21.43
N GLY B 33 23.40 -48.81 22.38
CA GLY B 33 23.49 -48.04 23.59
C GLY B 33 22.68 -48.59 24.74
N GLN B 34 22.73 -47.87 25.86
CA GLN B 34 21.97 -48.25 27.05
C GLN B 34 20.49 -48.36 26.75
N HIS B 35 19.93 -47.36 26.10
CA HIS B 35 18.49 -47.26 25.95
C HIS B 35 18.01 -47.96 24.69
N GLY B 36 18.55 -49.15 24.47
CA GLY B 36 18.26 -49.90 23.28
C GLY B 36 16.95 -50.65 23.38
N PRO B 37 16.91 -51.66 24.25
CA PRO B 37 15.68 -52.45 24.39
C PRO B 37 14.50 -51.67 24.94
N ASN B 38 14.74 -50.55 25.61
CA ASN B 38 13.66 -49.74 26.20
C ASN B 38 13.37 -48.56 25.29
N SER B 39 12.58 -48.81 24.25
CA SER B 39 12.25 -47.75 23.30
C SER B 39 11.41 -46.67 23.97
N ARG B 40 11.23 -45.56 23.24
CA ARG B 40 10.46 -44.45 23.80
C ARG B 40 9.51 -43.91 22.74
N GLY B 41 8.89 -42.77 23.03
CA GLY B 41 7.76 -42.27 22.26
C GLY B 41 8.02 -41.96 20.80
N LYS B 42 7.09 -41.21 20.20
CA LYS B 42 7.04 -41.06 18.75
C LYS B 42 8.24 -40.30 18.22
N VAL B 43 8.38 -40.33 16.89
CA VAL B 43 9.45 -39.67 16.17
C VAL B 43 8.80 -38.62 15.26
N SER B 44 9.42 -37.44 15.18
CA SER B 44 8.84 -36.35 14.39
C SER B 44 8.75 -36.71 12.91
N GLU B 45 8.22 -35.80 12.10
CA GLU B 45 8.38 -35.93 10.66
C GLU B 45 9.64 -35.25 10.14
N TYR B 46 10.49 -34.74 11.03
CA TYR B 46 11.86 -34.46 10.68
C TYR B 46 12.74 -35.69 10.86
N GLY B 47 12.51 -36.44 11.94
CA GLY B 47 13.25 -37.66 12.13
C GLY B 47 13.03 -38.66 11.02
N MET B 48 11.84 -38.67 10.43
CA MET B 48 11.53 -39.62 9.38
C MET B 48 12.28 -39.31 8.09
N GLN B 49 12.26 -38.05 7.67
CA GLN B 49 12.99 -37.65 6.48
C GLN B 49 14.49 -37.76 6.68
N LEU B 50 14.99 -37.44 7.88
CA LEU B 50 16.40 -37.65 8.17
C LEU B 50 16.77 -39.13 8.11
N THR B 51 15.90 -39.99 8.65
CA THR B 51 16.22 -41.42 8.69
C THR B 51 16.23 -42.01 7.28
N GLU B 52 15.34 -41.56 6.42
CA GLU B 52 15.36 -42.03 5.05
C GLU B 52 16.63 -41.58 4.34
N LYS B 53 16.98 -40.31 4.50
CA LYS B 53 18.21 -39.82 3.87
C LYS B 53 19.43 -40.59 4.35
N GLN B 54 19.49 -40.89 5.66
CA GLN B 54 20.65 -41.60 6.18
C GLN B 54 20.70 -43.02 5.68
N LYS B 55 19.53 -43.65 5.53
CA LYS B 55 19.47 -44.98 4.94
C LYS B 55 20.11 -44.99 3.57
N LEU B 56 19.73 -44.03 2.73
CA LEU B 56 20.30 -44.00 1.39
C LEU B 56 21.78 -43.61 1.40
N ARG B 57 22.19 -42.74 2.31
CA ARG B 57 23.59 -42.32 2.32
C ARG B 57 24.50 -43.44 2.77
N HIS B 58 24.05 -44.26 3.73
CA HIS B 58 24.88 -45.34 4.22
C HIS B 58 24.81 -46.59 3.36
N MET B 59 23.78 -46.71 2.52
CA MET B 59 23.73 -47.83 1.59
C MET B 59 25.01 -47.94 0.78
N TYR B 60 25.38 -46.84 0.12
CA TYR B 60 26.52 -46.82 -0.79
C TYR B 60 27.73 -46.11 -0.23
N GLY B 61 27.80 -45.91 1.08
CA GLY B 61 28.99 -45.43 1.75
C GLY B 61 29.66 -44.16 1.25
N MET B 62 28.91 -43.08 1.06
CA MET B 62 29.46 -41.82 0.61
C MET B 62 29.25 -40.72 1.64
N ASN B 63 29.89 -39.58 1.39
CA ASN B 63 29.89 -38.43 2.28
C ASN B 63 28.85 -37.41 1.84
N GLU B 64 28.62 -36.45 2.73
CA GLU B 64 27.46 -35.58 2.61
C GLU B 64 27.60 -34.57 1.47
N ARG B 65 28.80 -34.04 1.24
CA ARG B 65 28.97 -33.12 0.12
C ARG B 65 28.68 -33.80 -1.21
N GLN B 66 29.27 -34.99 -1.41
CA GLN B 66 29.14 -35.70 -2.67
C GLN B 66 27.71 -36.17 -2.91
N PHE B 67 27.04 -36.64 -1.84
CA PHE B 67 25.64 -37.00 -1.93
C PHE B 67 24.81 -35.85 -2.45
N ARG B 68 25.03 -34.66 -1.89
CA ARG B 68 24.23 -33.50 -2.25
C ARG B 68 24.54 -33.03 -3.67
N THR B 69 25.80 -33.13 -4.11
CA THR B 69 26.10 -32.72 -5.49
C THR B 69 25.48 -33.68 -6.48
N LEU B 70 25.53 -34.99 -6.19
CA LEU B 70 24.86 -35.95 -7.05
C LEU B 70 23.37 -35.66 -7.13
N PHE B 71 22.74 -35.33 -6.00
CA PHE B 71 21.32 -35.00 -6.00
C PHE B 71 21.04 -33.76 -6.83
N ILE B 72 21.91 -32.75 -6.75
CA ILE B 72 21.69 -31.54 -7.53
C ILE B 72 21.86 -31.82 -9.01
N LYS B 73 22.73 -32.76 -9.36
CA LYS B 73 22.96 -33.10 -10.75
C LYS B 73 21.78 -33.87 -11.34
N ALA B 74 21.24 -34.83 -10.58
CA ALA B 74 20.08 -35.57 -11.04
C ALA B 74 18.86 -34.69 -11.27
N SER B 75 18.86 -33.48 -10.75
CA SER B 75 17.71 -32.58 -10.90
C SER B 75 17.68 -31.87 -12.24
N LYS B 76 18.72 -32.00 -13.05
CA LYS B 76 18.79 -31.30 -14.33
C LYS B 76 18.31 -32.15 -15.50
N ILE B 77 17.67 -33.29 -15.21
CA ILE B 77 17.28 -34.19 -16.28
C ILE B 77 15.93 -33.74 -16.84
N LYS B 78 14.91 -33.76 -15.99
CA LYS B 78 13.54 -33.41 -16.39
C LYS B 78 12.99 -34.40 -17.42
N GLU B 79 13.36 -35.67 -17.26
CA GLU B 79 12.82 -36.79 -18.04
C GLU B 79 12.52 -37.90 -17.05
N GLY B 80 11.31 -37.88 -16.51
CA GLY B 80 10.97 -38.79 -15.44
C GLY B 80 10.74 -38.02 -14.16
N LYS B 81 10.94 -38.66 -13.03
CA LYS B 81 10.85 -37.99 -11.74
C LYS B 81 12.23 -37.50 -11.33
N HIS B 82 12.38 -37.11 -10.05
CA HIS B 82 13.64 -36.61 -9.53
C HIS B 82 14.23 -37.52 -8.45
N GLY B 83 13.45 -38.41 -7.86
CA GLY B 83 14.02 -39.38 -6.96
C GLY B 83 14.43 -40.65 -7.66
N VAL B 84 13.69 -41.01 -8.71
CA VAL B 84 14.05 -42.17 -9.52
C VAL B 84 15.38 -41.94 -10.23
N ASN B 85 15.48 -40.82 -10.93
CA ASN B 85 16.71 -40.46 -11.62
C ASN B 85 17.89 -40.39 -10.66
N PHE B 86 17.64 -39.94 -9.43
CA PHE B 86 18.69 -39.93 -8.41
C PHE B 86 19.14 -41.34 -8.08
N MET B 87 18.24 -42.16 -7.59
CA MET B 87 18.62 -43.53 -7.20
C MET B 87 19.14 -44.34 -8.38
N VAL B 88 18.93 -43.89 -9.62
CA VAL B 88 19.48 -44.59 -10.77
C VAL B 88 20.88 -44.11 -11.10
N LEU B 89 21.14 -42.80 -11.03
CA LEU B 89 22.52 -42.32 -11.10
C LEU B 89 23.38 -42.90 -10.00
N LEU B 90 22.78 -43.15 -8.83
CA LEU B 90 23.53 -43.72 -7.72
C LEU B 90 24.06 -45.09 -8.06
N GLU B 91 23.36 -45.81 -8.92
CA GLU B 91 23.70 -47.20 -9.23
C GLU B 91 24.82 -47.29 -10.25
N GLN B 92 25.04 -46.24 -11.05
CA GLN B 92 25.99 -46.25 -12.14
C GLN B 92 27.40 -45.88 -11.71
N ARG B 93 27.71 -45.96 -10.43
CA ARG B 93 29.05 -45.65 -9.96
C ARG B 93 29.85 -46.93 -9.85
N LEU B 94 31.14 -46.85 -10.20
CA LEU B 94 31.94 -48.04 -10.45
C LEU B 94 31.96 -49.02 -9.28
N ASP B 95 31.64 -48.56 -8.08
CA ASP B 95 31.61 -49.47 -6.93
C ASP B 95 30.42 -50.41 -6.99
N ASN B 96 29.23 -49.89 -7.30
CA ASN B 96 28.07 -50.74 -7.46
C ASN B 96 28.23 -51.68 -8.63
N VAL B 97 29.01 -51.29 -9.63
CA VAL B 97 29.18 -52.15 -10.79
C VAL B 97 29.99 -53.39 -10.40
N VAL B 98 30.96 -53.22 -9.51
CA VAL B 98 31.74 -54.36 -9.05
C VAL B 98 30.93 -55.19 -8.07
N TYR B 99 30.11 -54.54 -7.24
CA TYR B 99 29.23 -55.29 -6.33
C TYR B 99 28.24 -56.14 -7.11
N ARG B 100 27.50 -55.52 -8.02
CA ARG B 100 26.47 -56.23 -8.76
C ARG B 100 27.07 -57.33 -9.63
N LEU B 101 28.18 -57.04 -10.30
CA LEU B 101 28.80 -58.04 -11.18
C LEU B 101 29.11 -59.31 -10.43
N GLY B 102 29.68 -59.18 -9.23
CA GLY B 102 29.86 -60.32 -8.38
C GLY B 102 31.30 -60.60 -8.04
N LEU B 103 32.17 -59.64 -8.29
CA LEU B 103 33.58 -59.83 -7.96
C LEU B 103 33.90 -59.58 -6.49
N ALA B 104 32.91 -59.18 -5.70
CA ALA B 104 33.12 -58.88 -4.31
C ALA B 104 31.85 -59.17 -3.52
N THR B 105 32.02 -59.58 -2.27
CA THR B 105 30.87 -59.83 -1.41
C THR B 105 30.21 -58.53 -0.97
N THR B 106 30.96 -57.68 -0.29
CA THR B 106 30.41 -56.45 0.27
C THR B 106 30.58 -55.31 -0.73
N ARG B 107 30.26 -54.08 -0.30
CA ARG B 107 30.63 -52.89 -1.05
C ARG B 107 31.93 -52.28 -0.54
N ARG B 108 32.29 -52.54 0.71
CA ARG B 108 33.59 -52.09 1.19
C ARG B 108 34.72 -52.85 0.50
N GLN B 109 34.55 -54.15 0.29
CA GLN B 109 35.55 -54.92 -0.44
C GLN B 109 35.64 -54.46 -1.89
N ALA B 110 34.51 -54.23 -2.52
CA ALA B 110 34.52 -53.74 -3.89
C ALA B 110 35.20 -52.39 -3.98
N ARG B 111 34.98 -51.53 -2.98
CA ARG B 111 35.64 -50.24 -2.95
C ARG B 111 37.15 -50.39 -2.84
N GLN B 112 37.62 -51.32 -2.01
CA GLN B 112 39.07 -51.46 -1.90
C GLN B 112 39.66 -52.09 -3.13
N LEU B 113 38.89 -52.91 -3.84
CA LEU B 113 39.39 -53.49 -5.07
C LEU B 113 39.53 -52.45 -6.17
N VAL B 114 38.55 -51.55 -6.28
CA VAL B 114 38.67 -50.51 -7.30
C VAL B 114 39.65 -49.41 -6.85
N ASN B 115 39.88 -49.25 -5.56
CA ASN B 115 40.84 -48.24 -5.12
C ASN B 115 42.27 -48.71 -5.31
N HIS B 116 42.54 -49.98 -5.04
CA HIS B 116 43.92 -50.44 -5.10
C HIS B 116 44.38 -50.76 -6.51
N GLY B 117 43.53 -50.55 -7.51
CA GLY B 117 43.95 -50.59 -8.89
C GLY B 117 43.93 -51.97 -9.51
N HIS B 118 42.86 -52.71 -9.29
CA HIS B 118 42.73 -54.07 -9.79
C HIS B 118 41.68 -54.22 -10.87
N ILE B 119 41.06 -53.15 -11.34
CA ILE B 119 40.01 -53.28 -12.34
C ILE B 119 40.23 -52.25 -13.45
N THR B 120 39.57 -52.50 -14.57
CA THR B 120 39.79 -51.75 -15.80
C THR B 120 38.46 -51.61 -16.53
N VAL B 121 38.23 -50.45 -17.13
CA VAL B 121 37.08 -50.25 -18.00
C VAL B 121 37.62 -50.03 -19.41
N ASP B 122 37.21 -50.90 -20.33
CA ASP B 122 37.64 -50.84 -21.72
C ASP B 122 39.14 -51.06 -21.88
N GLY B 123 39.75 -51.78 -20.92
CA GLY B 123 41.16 -52.06 -20.98
C GLY B 123 42.00 -51.12 -20.14
N LYS B 124 41.68 -49.83 -20.18
CA LYS B 124 42.41 -48.86 -19.38
C LYS B 124 42.03 -48.98 -17.91
N ARG B 125 43.04 -48.95 -17.05
CA ARG B 125 42.80 -48.96 -15.61
C ARG B 125 42.09 -47.68 -15.17
N VAL B 126 41.23 -47.81 -14.16
CA VAL B 126 40.62 -46.67 -13.49
C VAL B 126 40.58 -46.96 -12.00
N ASP B 127 41.01 -46.00 -11.20
CA ASP B 127 41.39 -46.20 -9.82
C ASP B 127 40.44 -45.60 -8.80
N ILE B 128 39.56 -44.68 -9.19
CA ILE B 128 38.80 -43.87 -8.25
C ILE B 128 37.37 -44.40 -8.17
N PRO B 129 36.83 -44.66 -6.98
CA PRO B 129 35.55 -45.36 -6.88
C PRO B 129 34.32 -44.56 -7.26
N SER B 130 34.35 -43.24 -7.26
CA SER B 130 33.17 -42.47 -7.63
C SER B 130 33.00 -42.33 -9.13
N TYR B 131 33.75 -43.09 -9.92
CA TYR B 131 33.68 -43.01 -11.37
C TYR B 131 32.26 -43.29 -11.83
N HIS B 132 31.91 -42.77 -13.00
CA HIS B 132 30.56 -42.90 -13.52
C HIS B 132 30.57 -43.89 -14.68
N VAL B 133 30.08 -45.10 -14.43
CA VAL B 133 30.04 -46.12 -15.47
C VAL B 133 28.81 -45.91 -16.33
N GLU B 134 29.02 -45.78 -17.63
CA GLU B 134 27.92 -45.61 -18.56
C GLU B 134 27.43 -46.97 -19.05
N VAL B 135 26.40 -46.95 -19.89
CA VAL B 135 25.77 -48.18 -20.36
C VAL B 135 26.60 -48.75 -21.49
N GLY B 136 27.00 -50.01 -21.36
CA GLY B 136 27.73 -50.66 -22.42
C GLY B 136 29.22 -50.43 -22.38
N GLN B 137 29.86 -50.84 -21.29
CA GLN B 137 31.31 -50.66 -21.12
C GLN B 137 31.81 -51.83 -20.31
N VAL B 138 32.51 -52.77 -20.95
CA VAL B 138 32.88 -54.00 -20.28
C VAL B 138 33.98 -53.71 -19.27
N ILE B 139 33.65 -53.78 -17.98
CA ILE B 139 34.63 -53.57 -16.93
C ILE B 139 35.28 -54.90 -16.60
N GLY B 140 36.60 -54.90 -16.48
CA GLY B 140 37.33 -56.14 -16.36
C GLY B 140 38.12 -56.21 -15.07
N VAL B 141 38.93 -57.26 -14.92
CA VAL B 141 39.56 -57.51 -13.64
C VAL B 141 41.08 -57.55 -13.75
N ARG B 142 41.65 -56.66 -14.55
CA ARG B 142 43.10 -56.47 -14.61
C ARG B 142 43.80 -57.77 -14.98
N GLU B 143 43.60 -58.18 -16.24
CA GLU B 143 44.01 -59.48 -16.73
C GLU B 143 45.50 -59.75 -16.53
N LYS B 144 46.18 -58.79 -15.92
CA LYS B 144 47.53 -59.01 -15.42
C LYS B 144 47.53 -60.00 -14.26
N SER B 145 46.78 -59.71 -13.21
CA SER B 145 46.89 -60.44 -11.95
C SER B 145 45.50 -60.77 -11.38
N GLN B 146 44.70 -61.47 -12.18
CA GLN B 146 43.36 -61.90 -11.80
C GLN B 146 43.34 -63.24 -11.07
N ASN B 147 44.44 -63.63 -10.43
CA ASN B 147 44.55 -64.92 -9.78
C ASN B 147 44.57 -64.79 -8.26
N ILE B 148 43.77 -63.87 -7.74
CA ILE B 148 43.80 -63.53 -6.33
C ILE B 148 42.76 -64.38 -5.59
N SER B 149 42.99 -64.56 -4.29
CA SER B 149 42.23 -65.54 -3.53
C SER B 149 40.76 -65.17 -3.42
N THR B 150 40.46 -63.93 -3.00
CA THR B 150 39.10 -63.59 -2.66
C THR B 150 38.23 -63.34 -3.89
N ILE B 151 38.80 -62.74 -4.92
CA ILE B 151 38.04 -62.53 -6.15
C ILE B 151 37.58 -63.87 -6.71
N LYS B 152 38.48 -64.86 -6.70
CA LYS B 152 38.16 -66.18 -7.21
C LYS B 152 36.98 -66.78 -6.45
N GLU B 153 37.03 -66.77 -5.13
CA GLU B 153 36.00 -67.43 -4.36
C GLU B 153 34.67 -66.68 -4.45
N ALA B 154 34.71 -65.35 -4.45
CA ALA B 154 33.49 -64.57 -4.53
C ALA B 154 32.89 -64.52 -5.93
N VAL B 155 33.59 -65.05 -6.94
CA VAL B 155 32.89 -65.25 -8.20
C VAL B 155 32.03 -66.53 -8.15
N GLU B 156 32.45 -67.54 -7.38
CA GLU B 156 31.70 -68.80 -7.32
C GLU B 156 30.32 -68.59 -6.70
N ALA B 157 30.29 -68.10 -5.45
CA ALA B 157 29.06 -68.01 -4.68
C ALA B 157 28.27 -66.78 -5.12
N THR B 158 27.37 -66.98 -6.08
CA THR B 158 26.55 -65.90 -6.64
C THR B 158 25.26 -65.79 -5.84
N VAL B 159 25.24 -64.89 -4.86
CA VAL B 159 24.02 -64.67 -4.08
C VAL B 159 23.01 -63.87 -4.88
N GLY B 160 23.45 -62.80 -5.55
CA GLY B 160 22.53 -62.04 -6.36
C GLY B 160 23.09 -61.46 -7.64
N ARG B 161 22.54 -61.89 -8.77
CA ARG B 161 22.88 -61.33 -10.08
C ARG B 161 21.59 -60.82 -10.70
N PRO B 162 21.54 -59.56 -11.12
CA PRO B 162 20.25 -58.94 -11.50
C PRO B 162 19.81 -59.19 -12.91
N ALA B 163 18.75 -58.48 -13.31
CA ALA B 163 18.16 -58.58 -14.63
C ALA B 163 18.64 -57.49 -15.59
N PHE B 164 19.47 -56.55 -15.11
CA PHE B 164 20.11 -55.58 -15.99
C PHE B 164 21.60 -55.82 -16.15
N VAL B 165 22.18 -56.74 -15.39
CA VAL B 165 23.61 -57.00 -15.39
C VAL B 165 23.89 -58.15 -16.34
N SER B 166 24.88 -57.98 -17.23
CA SER B 166 25.40 -59.05 -18.05
C SER B 166 26.78 -59.45 -17.54
N PHE B 167 27.17 -60.71 -17.80
CA PHE B 167 28.44 -61.16 -17.29
C PHE B 167 28.81 -62.51 -17.89
N ASP B 168 30.12 -62.74 -18.00
CA ASP B 168 30.68 -64.03 -18.40
C ASP B 168 31.82 -64.37 -17.45
N THR B 169 31.77 -65.57 -16.88
CA THR B 169 32.62 -65.97 -15.77
C THR B 169 33.93 -66.62 -16.21
N GLU B 170 34.32 -66.47 -17.48
CA GLU B 170 35.58 -66.98 -17.97
C GLU B 170 36.58 -65.88 -18.28
N LYS B 171 36.19 -64.91 -19.11
CA LYS B 171 37.01 -63.72 -19.31
C LYS B 171 36.85 -62.72 -18.18
N LEU B 172 35.79 -62.85 -17.38
CA LEU B 172 35.49 -61.99 -16.24
C LEU B 172 35.12 -60.57 -16.69
N GLU B 173 34.25 -60.49 -17.68
CA GLU B 173 33.74 -59.22 -18.17
C GLU B 173 32.28 -59.08 -17.80
N GLY B 174 31.89 -57.87 -17.39
CA GLY B 174 30.51 -57.56 -17.14
C GLY B 174 30.15 -56.21 -17.73
N SER B 175 28.86 -55.95 -17.80
CA SER B 175 28.39 -54.64 -18.26
C SER B 175 26.91 -54.53 -17.93
N PHE B 176 26.43 -53.29 -17.90
CA PHE B 176 25.01 -53.06 -17.83
C PHE B 176 24.39 -53.27 -19.20
N THR B 177 23.30 -54.03 -19.25
CA THR B 177 22.53 -54.10 -20.49
C THR B 177 21.83 -52.78 -20.76
N ARG B 178 20.96 -52.36 -19.84
CA ARG B 178 20.32 -51.05 -19.87
C ARG B 178 20.12 -50.55 -18.45
N LEU B 179 19.45 -49.41 -18.32
CA LEU B 179 19.22 -48.80 -17.03
C LEU B 179 18.16 -49.56 -16.24
N PRO B 180 18.32 -49.68 -14.94
CA PRO B 180 17.35 -50.42 -14.11
C PRO B 180 16.09 -49.60 -13.87
N GLU B 181 15.20 -50.16 -13.04
CA GLU B 181 13.95 -49.50 -12.70
C GLU B 181 13.67 -49.72 -11.22
N ARG B 182 12.77 -48.89 -10.68
CA ARG B 182 12.52 -48.91 -9.24
C ARG B 182 11.99 -50.26 -8.78
N ASP B 183 11.09 -50.85 -9.55
CA ASP B 183 10.66 -52.22 -9.25
C ASP B 183 11.85 -53.16 -9.11
N GLU B 184 12.92 -52.91 -9.85
CA GLU B 184 14.12 -53.74 -9.77
C GLU B 184 15.11 -53.24 -8.73
N LEU B 185 14.75 -52.22 -7.95
CA LEU B 185 15.73 -51.55 -7.10
C LEU B 185 15.02 -51.06 -5.83
N TYR B 186 15.24 -51.79 -4.73
CA TYR B 186 14.85 -51.43 -3.37
C TYR B 186 13.52 -50.69 -3.31
N PRO B 187 12.40 -51.34 -3.65
CA PRO B 187 11.11 -50.63 -3.62
C PRO B 187 10.60 -50.57 -2.20
N GLU B 188 11.52 -50.38 -1.29
CA GLU B 188 11.28 -50.52 0.14
C GLU B 188 11.50 -49.23 0.89
N ILE B 189 12.53 -48.47 0.54
CA ILE B 189 12.78 -47.29 1.36
C ILE B 189 11.95 -46.13 0.85
N ASP B 190 12.37 -45.53 -0.26
CA ASP B 190 11.74 -44.27 -0.67
C ASP B 190 12.45 -43.61 -1.85
N GLU B 191 11.79 -42.64 -2.47
CA GLU B 191 12.48 -41.55 -3.13
C GLU B 191 11.77 -40.22 -2.95
N ALA B 192 10.70 -40.16 -2.17
CA ALA B 192 9.90 -38.95 -1.95
C ALA B 192 10.22 -38.27 -0.64
N LEU B 193 10.38 -39.05 0.43
CA LEU B 193 10.88 -38.48 1.68
C LEU B 193 12.24 -37.81 1.47
N VAL B 194 13.11 -38.42 0.66
CA VAL B 194 14.44 -37.87 0.41
C VAL B 194 14.34 -36.58 -0.39
N VAL B 195 13.39 -36.51 -1.33
CA VAL B 195 13.23 -35.28 -2.11
C VAL B 195 12.71 -34.16 -1.24
N GLU B 196 11.74 -34.46 -0.37
CA GLU B 196 11.26 -33.45 0.57
C GLU B 196 12.36 -32.99 1.53
N TYR B 197 13.25 -33.89 1.95
CA TYR B 197 14.29 -33.50 2.89
C TYR B 197 15.17 -32.39 2.33
N TYR B 198 15.33 -32.31 1.03
CA TYR B 198 16.16 -31.28 0.43
C TYR B 198 15.37 -30.04 -0.01
N ASN B 199 14.07 -29.98 0.22
CA ASN B 199 13.31 -28.79 -0.15
C ASN B 199 13.68 -27.60 0.73
N GLN B 200 13.74 -27.80 2.04
CA GLN B 200 14.27 -26.79 2.95
C GLN B 200 15.70 -27.10 3.35
N LYS B 201 16.37 -28.00 2.63
CA LYS B 201 17.76 -28.43 2.84
C LYS B 201 18.21 -28.50 4.30
N TYR C 1 -22.53 -33.52 -0.89
CA TYR C 1 -23.36 -34.46 -0.15
C TYR C 1 -22.52 -35.25 0.87
N ILE C 2 -23.13 -36.25 1.50
CA ILE C 2 -22.43 -37.08 2.46
C ILE C 2 -21.62 -38.12 1.70
N ASP C 3 -20.31 -37.99 1.70
CA ASP C 3 -19.51 -39.19 1.46
C ASP C 3 -19.63 -40.04 2.71
N PRO C 4 -20.28 -41.19 2.66
CA PRO C 4 -20.52 -41.96 3.89
C PRO C 4 -19.25 -42.67 4.34
N LYS C 5 -19.04 -42.67 5.65
CA LYS C 5 -17.85 -43.25 6.27
C LYS C 5 -17.94 -44.78 6.23
N HIS C 6 -17.53 -45.35 5.11
CA HIS C 6 -17.44 -46.81 4.95
C HIS C 6 -16.21 -47.18 4.12
N LEU C 7 -15.04 -46.64 4.48
CA LEU C 7 -13.84 -46.87 3.69
C LEU C 7 -12.66 -47.31 4.52
N GLU C 8 -11.47 -47.29 3.92
CA GLU C 8 -10.21 -47.55 4.61
C GLU C 8 -9.53 -46.22 4.88
N LEU C 9 -9.55 -45.77 6.13
CA LEU C 9 -9.21 -44.41 6.49
C LEU C 9 -8.04 -44.37 7.46
N GLU C 10 -7.03 -43.56 7.13
CA GLU C 10 -5.84 -43.37 7.96
C GLU C 10 -5.89 -41.98 8.58
N ASP C 11 -6.11 -41.91 9.88
CA ASP C 11 -6.26 -40.65 10.58
C ASP C 11 -4.90 -40.02 10.88
N ARG C 12 -4.92 -38.89 11.58
CA ARG C 12 -3.70 -38.16 11.92
C ARG C 12 -3.98 -37.05 12.92
N VAL C 13 -3.15 -36.92 13.95
CA VAL C 13 -3.28 -35.85 14.92
C VAL C 13 -2.58 -34.61 14.36
N VAL C 14 -3.21 -33.45 14.51
CA VAL C 14 -2.63 -32.23 13.98
C VAL C 14 -2.27 -31.28 15.13
N ALA C 15 -2.90 -31.45 16.29
CA ALA C 15 -2.73 -30.55 17.41
C ALA C 15 -3.42 -31.13 18.63
N ILE C 16 -2.96 -30.71 19.82
CA ILE C 16 -3.66 -30.92 21.08
C ILE C 16 -3.48 -29.67 21.92
N ASN C 17 -4.33 -29.49 22.92
CA ASN C 17 -4.34 -28.22 23.63
C ASN C 17 -4.84 -28.42 25.06
N ARG C 18 -4.00 -28.06 26.03
CA ARG C 18 -4.43 -28.03 27.43
C ARG C 18 -5.26 -26.78 27.67
N VAL C 19 -6.52 -26.98 28.04
CA VAL C 19 -7.49 -25.89 28.12
C VAL C 19 -8.15 -25.95 29.48
N THR C 20 -8.21 -24.82 30.17
CA THR C 20 -8.72 -24.78 31.53
C THR C 20 -10.02 -23.99 31.62
N LYS C 21 -10.57 -23.99 32.82
CA LYS C 21 -11.79 -23.26 33.18
C LYS C 21 -11.72 -23.06 34.67
N VAL C 22 -11.51 -21.84 35.13
CA VAL C 22 -11.32 -21.63 36.55
C VAL C 22 -12.68 -21.63 37.24
N VAL C 23 -12.77 -22.37 38.34
CA VAL C 23 -14.01 -22.54 39.08
C VAL C 23 -13.76 -22.12 40.52
N LYS C 24 -14.76 -22.21 41.39
CA LYS C 24 -14.57 -22.01 42.82
C LYS C 24 -13.42 -22.87 43.33
N GLY C 25 -12.44 -22.21 43.96
CA GLY C 25 -11.28 -22.94 44.43
C GLY C 25 -10.13 -22.96 43.45
N GLY C 26 -10.04 -24.01 42.63
CA GLY C 26 -8.88 -24.19 41.78
C GLY C 26 -9.11 -24.10 40.29
N ARG C 27 -8.83 -25.18 39.57
CA ARG C 27 -8.79 -25.16 38.12
C ARG C 27 -9.17 -26.53 37.57
N ARG C 28 -9.97 -26.54 36.52
CA ARG C 28 -10.28 -27.74 35.75
C ARG C 28 -9.41 -27.74 34.51
N LEU C 29 -9.13 -28.93 33.98
CA LEU C 29 -8.36 -29.05 32.73
C LEU C 29 -8.94 -30.15 31.86
N ARG C 30 -9.17 -29.83 30.59
CA ARG C 30 -9.54 -30.80 29.56
C ARG C 30 -8.43 -30.86 28.52
N PHE C 31 -8.66 -31.66 27.48
CA PHE C 31 -7.77 -31.74 26.33
C PHE C 31 -8.62 -31.66 25.07
N ALA C 32 -8.27 -30.72 24.20
CA ALA C 32 -8.92 -30.59 22.91
C ALA C 32 -8.01 -31.17 21.83
N ALA C 33 -8.61 -31.89 20.89
CA ALA C 33 -7.87 -32.56 19.84
C ALA C 33 -8.36 -32.10 18.48
N LEU C 34 -7.43 -32.00 17.55
CA LEU C 34 -7.70 -31.71 16.15
C LEU C 34 -7.18 -32.87 15.34
N VAL C 35 -8.03 -33.46 14.48
CA VAL C 35 -7.70 -34.68 13.77
C VAL C 35 -8.13 -34.52 12.31
N VAL C 36 -7.37 -35.13 11.40
CA VAL C 36 -7.76 -35.25 10.01
C VAL C 36 -7.99 -36.72 9.71
N VAL C 37 -8.65 -36.97 8.59
CA VAL C 37 -9.14 -38.30 8.24
C VAL C 37 -9.26 -38.40 6.73
N GLY C 38 -8.75 -39.49 6.17
CA GLY C 38 -8.81 -39.66 4.74
C GLY C 38 -8.29 -41.01 4.35
N ASP C 39 -8.30 -41.27 3.04
CA ASP C 39 -7.90 -42.56 2.50
C ASP C 39 -6.80 -42.44 1.45
N LYS C 40 -6.22 -41.25 1.28
CA LYS C 40 -5.20 -41.01 0.27
C LYS C 40 -5.70 -41.36 -1.13
N ASN C 41 -6.97 -41.07 -1.38
CA ASN C 41 -7.53 -41.23 -2.72
C ASN C 41 -8.41 -40.07 -3.16
N GLY C 42 -8.65 -39.07 -2.31
CA GLY C 42 -9.43 -37.93 -2.71
C GLY C 42 -10.65 -37.68 -1.86
N HIS C 43 -10.61 -38.08 -0.60
CA HIS C 43 -11.71 -37.85 0.33
C HIS C 43 -11.10 -37.51 1.68
N VAL C 44 -11.35 -36.30 2.15
CA VAL C 44 -10.67 -35.79 3.34
C VAL C 44 -11.67 -35.05 4.20
N GLY C 45 -11.59 -35.27 5.50
CA GLY C 45 -12.44 -34.55 6.44
C GLY C 45 -11.64 -34.19 7.67
N PHE C 46 -12.09 -33.14 8.34
CA PHE C 46 -11.50 -32.74 9.60
C PHE C 46 -12.57 -32.71 10.67
N GLY C 47 -12.13 -32.85 11.90
CA GLY C 47 -13.06 -32.91 13.01
C GLY C 47 -12.35 -32.83 14.32
N THR C 48 -13.00 -32.25 15.32
CA THR C 48 -12.39 -32.05 16.62
C THR C 48 -13.36 -32.42 17.72
N GLY C 49 -12.81 -32.81 18.86
CA GLY C 49 -13.61 -33.17 20.01
C GLY C 49 -12.77 -33.06 21.25
N LYS C 50 -13.42 -32.87 22.39
CA LYS C 50 -12.69 -32.74 23.63
C LYS C 50 -13.17 -33.75 24.66
N ALA C 51 -12.24 -34.15 25.51
CA ALA C 51 -12.52 -35.08 26.60
C ALA C 51 -11.52 -34.79 27.71
N GLN C 52 -11.56 -35.61 28.76
CA GLN C 52 -10.73 -35.41 29.93
C GLN C 52 -9.37 -36.07 29.83
N GLU C 53 -9.18 -36.98 28.88
CA GLU C 53 -7.89 -37.57 28.61
C GLU C 53 -7.64 -37.62 27.10
N VAL C 54 -6.38 -37.80 26.74
CA VAL C 54 -5.95 -37.67 25.35
C VAL C 54 -6.53 -38.76 24.45
N PRO C 55 -6.55 -40.03 24.85
CA PRO C 55 -7.16 -41.04 23.97
C PRO C 55 -8.65 -40.81 23.76
N GLU C 56 -9.39 -40.52 24.82
CA GLU C 56 -10.82 -40.24 24.69
C GLU C 56 -11.05 -39.04 23.77
N ALA C 57 -10.21 -38.01 23.90
CA ALA C 57 -10.33 -36.84 23.03
C ALA C 57 -10.12 -37.21 21.57
N ILE C 58 -8.99 -37.85 21.25
CA ILE C 58 -8.72 -38.18 19.85
C ILE C 58 -9.80 -39.08 19.29
N ARG C 59 -10.38 -39.94 20.13
CA ARG C 59 -11.47 -40.81 19.67
C ARG C 59 -12.69 -39.99 19.27
N LYS C 60 -13.17 -39.13 20.18
CA LYS C 60 -14.33 -38.30 19.85
C LYS C 60 -14.07 -37.45 18.63
N ALA C 61 -12.82 -37.03 18.41
CA ALA C 61 -12.53 -36.23 17.24
C ALA C 61 -12.64 -37.04 15.95
N ILE C 62 -12.08 -38.25 15.94
CA ILE C 62 -12.25 -39.09 14.74
C ILE C 62 -13.73 -39.37 14.50
N GLU C 63 -14.48 -39.55 15.58
CA GLU C 63 -15.93 -39.64 15.46
C GLU C 63 -16.47 -38.45 14.69
N ASP C 64 -16.16 -37.24 15.16
CA ASP C 64 -16.60 -36.03 14.47
C ASP C 64 -16.03 -35.93 13.07
N ALA C 65 -14.74 -36.24 12.90
CA ALA C 65 -14.08 -36.00 11.61
C ALA C 65 -14.73 -36.78 10.48
N LYS C 66 -15.25 -37.97 10.77
CA LYS C 66 -15.83 -38.82 9.74
C LYS C 66 -17.18 -38.32 9.26
N LYS C 67 -17.86 -37.51 10.05
CA LYS C 67 -19.18 -37.03 9.64
C LYS C 67 -19.12 -36.09 8.46
N ASN C 68 -17.96 -35.50 8.18
CA ASN C 68 -17.77 -34.57 7.08
C ASN C 68 -16.67 -35.07 6.16
N LEU C 69 -16.86 -34.88 4.86
CA LEU C 69 -15.90 -35.34 3.87
C LEU C 69 -16.14 -34.57 2.57
N VAL C 70 -15.05 -34.28 1.85
CA VAL C 70 -15.10 -33.48 0.64
C VAL C 70 -14.49 -34.28 -0.50
N GLU C 71 -14.87 -33.94 -1.73
CA GLU C 71 -14.58 -34.73 -2.92
C GLU C 71 -13.20 -34.50 -3.52
N VAL C 72 -12.68 -33.28 -3.48
CA VAL C 72 -11.29 -33.00 -3.87
C VAL C 72 -10.97 -33.52 -5.26
N PRO C 73 -11.39 -32.85 -6.33
CA PRO C 73 -11.00 -33.29 -7.67
C PRO C 73 -9.52 -33.04 -7.95
N MET C 74 -9.02 -33.73 -8.97
CA MET C 74 -7.63 -33.59 -9.38
C MET C 74 -7.48 -34.16 -10.77
N VAL C 75 -6.42 -33.76 -11.46
CA VAL C 75 -6.17 -34.19 -12.83
C VAL C 75 -4.76 -34.77 -12.88
N GLY C 76 -4.63 -36.02 -12.44
CA GLY C 76 -3.36 -36.69 -12.46
C GLY C 76 -2.40 -36.24 -11.38
N SER C 77 -2.76 -36.53 -10.13
CA SER C 77 -1.97 -36.21 -8.94
C SER C 77 -1.67 -34.73 -8.79
N THR C 78 -2.38 -33.87 -9.53
CA THR C 78 -2.20 -32.42 -9.42
C THR C 78 -3.53 -31.72 -9.60
N ILE C 79 -3.86 -30.89 -8.61
CA ILE C 79 -5.02 -30.00 -8.57
C ILE C 79 -5.28 -29.35 -9.92
N PRO C 80 -6.55 -29.16 -10.30
CA PRO C 80 -6.84 -28.59 -11.64
C PRO C 80 -6.32 -27.18 -11.88
N HIS C 81 -6.43 -26.27 -10.92
CA HIS C 81 -5.97 -24.90 -11.14
C HIS C 81 -5.58 -24.30 -9.79
N GLU C 82 -5.52 -22.97 -9.74
CA GLU C 82 -5.02 -22.27 -8.57
C GLU C 82 -6.16 -21.64 -7.79
N VAL C 83 -6.15 -21.82 -6.48
CA VAL C 83 -7.19 -21.32 -5.60
C VAL C 83 -6.58 -20.61 -4.40
N ILE C 84 -7.38 -19.71 -3.79
CA ILE C 84 -7.02 -19.06 -2.54
C ILE C 84 -8.17 -19.27 -1.56
N GLY C 85 -7.89 -19.96 -0.45
CA GLY C 85 -8.90 -20.22 0.56
C GLY C 85 -8.72 -19.33 1.76
N VAL C 86 -9.80 -18.64 2.15
CA VAL C 86 -9.79 -17.70 3.27
C VAL C 86 -10.87 -18.09 4.27
N PHE C 87 -10.50 -18.22 5.54
CA PHE C 87 -11.49 -18.40 6.60
C PHE C 87 -10.95 -17.78 7.88
N GLY C 88 -11.47 -16.60 8.22
CA GLY C 88 -11.17 -15.94 9.47
C GLY C 88 -9.71 -15.74 9.81
N GLY C 89 -9.01 -14.93 9.03
CA GLY C 89 -7.64 -14.62 9.38
C GLY C 89 -6.61 -15.65 8.94
N GLY C 90 -7.02 -16.69 8.22
CA GLY C 90 -6.10 -17.64 7.62
C GLY C 90 -6.25 -17.66 6.12
N ARG C 91 -5.21 -17.24 5.39
CA ARG C 91 -5.21 -17.16 3.93
C ARG C 91 -4.19 -18.12 3.37
N ILE C 92 -4.62 -19.00 2.47
CA ILE C 92 -3.77 -20.06 1.95
C ILE C 92 -3.88 -20.14 0.44
N LEU C 93 -2.74 -20.01 -0.23
CA LEU C 93 -2.64 -20.09 -1.69
C LEU C 93 -2.11 -21.46 -2.09
N MET C 94 -2.70 -22.03 -3.15
CA MET C 94 -2.33 -23.35 -3.66
C MET C 94 -2.24 -23.30 -5.18
N LYS C 95 -1.16 -23.86 -5.72
CA LYS C 95 -0.81 -23.86 -7.13
C LYS C 95 -0.61 -25.28 -7.66
N PRO C 96 -0.87 -25.51 -8.95
CA PRO C 96 -0.52 -26.80 -9.56
C PRO C 96 1.00 -26.90 -9.77
N ALA C 97 1.53 -28.10 -9.59
CA ALA C 97 2.97 -28.31 -9.58
C ALA C 97 3.41 -29.24 -10.71
N VAL C 98 4.68 -29.62 -10.68
CA VAL C 98 5.31 -30.39 -11.74
C VAL C 98 5.45 -31.84 -11.30
N GLU C 99 5.51 -32.74 -12.27
CA GLU C 99 5.34 -34.18 -12.04
C GLU C 99 6.52 -34.74 -11.24
N GLY C 100 6.27 -35.14 -10.01
CA GLY C 100 7.31 -35.63 -9.14
C GLY C 100 8.00 -34.57 -8.32
N SER C 101 7.37 -33.41 -8.10
CA SER C 101 7.99 -32.34 -7.34
C SER C 101 7.75 -32.46 -5.85
N GLY C 102 6.66 -33.09 -5.44
CA GLY C 102 6.33 -33.23 -4.03
C GLY C 102 5.32 -32.22 -3.57
N VAL C 103 5.10 -32.20 -2.27
CA VAL C 103 4.29 -31.17 -1.62
C VAL C 103 5.22 -30.30 -0.81
N ALA C 104 5.25 -29.02 -1.13
CA ALA C 104 5.93 -28.00 -0.34
C ALA C 104 4.83 -27.27 0.40
N ALA C 105 4.52 -27.73 1.61
CA ALA C 105 3.43 -27.15 2.36
C ALA C 105 3.71 -27.23 3.85
N GLY C 106 3.16 -26.29 4.59
CA GLY C 106 3.40 -26.19 6.01
C GLY C 106 2.72 -27.31 6.80
N GLY C 107 2.82 -27.19 8.12
CA GLY C 107 2.41 -28.24 9.03
C GLY C 107 0.97 -28.67 8.90
N PRO C 108 0.03 -27.77 9.18
CA PRO C 108 -1.38 -28.17 9.10
C PRO C 108 -1.86 -28.48 7.70
N VAL C 109 -1.43 -27.71 6.70
CA VAL C 109 -1.99 -27.89 5.37
C VAL C 109 -1.46 -29.16 4.73
N ARG C 110 -0.24 -29.58 5.07
CA ARG C 110 0.31 -30.77 4.45
C ARG C 110 -0.39 -32.04 4.93
N ALA C 111 -0.88 -32.07 6.17
CA ALA C 111 -1.67 -33.21 6.61
C ALA C 111 -2.94 -33.35 5.78
N VAL C 112 -3.68 -32.25 5.64
CA VAL C 112 -4.88 -32.24 4.81
C VAL C 112 -4.56 -32.68 3.40
N LEU C 113 -3.47 -32.17 2.85
CA LEU C 113 -3.16 -32.42 1.45
C LEU C 113 -2.68 -33.84 1.21
N GLU C 114 -1.98 -34.42 2.16
CA GLU C 114 -1.45 -35.75 1.98
C GLU C 114 -2.52 -36.80 2.18
N LEU C 115 -3.48 -36.56 3.07
CA LEU C 115 -4.52 -37.58 3.28
C LEU C 115 -5.63 -37.54 2.24
N ALA C 116 -5.54 -36.69 1.22
CA ALA C 116 -6.45 -36.74 0.09
C ALA C 116 -5.78 -37.31 -1.14
N GLY C 117 -4.53 -37.76 -1.01
CA GLY C 117 -3.81 -38.30 -2.13
C GLY C 117 -3.19 -37.27 -3.06
N VAL C 118 -2.99 -36.05 -2.61
CA VAL C 118 -2.28 -35.07 -3.42
C VAL C 118 -0.80 -35.37 -3.38
N ALA C 119 -0.16 -35.33 -4.55
CA ALA C 119 1.24 -35.69 -4.66
C ALA C 119 2.16 -34.53 -5.01
N ASP C 120 1.73 -33.59 -5.86
CA ASP C 120 2.61 -32.53 -6.32
C ASP C 120 1.85 -31.20 -6.31
N ILE C 121 2.24 -30.31 -5.40
CA ILE C 121 1.51 -29.06 -5.18
C ILE C 121 2.41 -28.10 -4.40
N THR C 122 2.23 -26.81 -4.61
CA THR C 122 2.93 -25.78 -3.84
C THR C 122 1.92 -24.95 -3.05
N SER C 123 2.28 -24.56 -1.84
CA SER C 123 1.42 -23.79 -0.96
C SER C 123 2.16 -22.61 -0.35
N LYS C 124 1.40 -21.74 0.31
CA LYS C 124 1.93 -20.65 1.11
C LYS C 124 0.82 -20.08 1.97
N SER C 125 1.14 -19.75 3.21
CA SER C 125 0.19 -19.17 4.16
C SER C 125 0.47 -17.68 4.31
N LEU C 126 -0.37 -16.84 3.71
CA LEU C 126 -0.25 -15.40 3.85
C LEU C 126 -1.12 -14.88 4.98
N GLY C 127 -1.13 -15.53 6.14
CA GLY C 127 -2.11 -15.19 7.15
C GLY C 127 -1.67 -15.53 8.55
N SER C 128 -2.60 -15.99 9.37
CA SER C 128 -2.24 -16.47 10.70
C SER C 128 -1.97 -17.97 10.64
N ASN C 129 -1.29 -18.47 11.66
CA ASN C 129 -0.91 -19.87 11.70
C ASN C 129 -1.51 -20.59 12.91
N THR C 130 -2.76 -20.31 13.21
CA THR C 130 -3.48 -21.09 14.22
C THR C 130 -4.05 -22.35 13.58
N PRO C 131 -3.68 -23.54 14.05
CA PRO C 131 -3.97 -24.77 13.28
C PRO C 131 -5.41 -24.92 12.82
N ILE C 132 -6.40 -24.61 13.67
CA ILE C 132 -7.80 -24.83 13.30
C ILE C 132 -8.17 -24.00 12.08
N ASN C 133 -7.82 -22.72 12.10
CA ASN C 133 -8.23 -21.84 11.02
C ASN C 133 -7.46 -22.11 9.74
N VAL C 134 -6.23 -22.62 9.84
CA VAL C 134 -5.50 -23.04 8.66
C VAL C 134 -6.18 -24.24 8.01
N VAL C 135 -6.58 -25.23 8.81
CA VAL C 135 -7.27 -26.40 8.27
C VAL C 135 -8.58 -25.99 7.61
N ARG C 136 -9.35 -25.12 8.28
CA ARG C 136 -10.63 -24.70 7.73
C ARG C 136 -10.47 -23.92 6.45
N ALA C 137 -9.45 -23.04 6.38
CA ALA C 137 -9.21 -22.28 5.15
C ALA C 137 -8.78 -23.18 4.02
N THR C 138 -7.93 -24.18 4.30
CA THR C 138 -7.52 -25.12 3.27
C THR C 138 -8.71 -25.87 2.69
N VAL C 139 -9.60 -26.38 3.55
CA VAL C 139 -10.76 -27.07 3.02
C VAL C 139 -11.68 -26.10 2.29
N GLU C 140 -11.74 -24.85 2.74
CA GLU C 140 -12.52 -23.83 2.04
C GLU C 140 -11.98 -23.60 0.63
N GLY C 141 -10.68 -23.78 0.43
CA GLY C 141 -10.09 -23.56 -0.88
C GLY C 141 -10.18 -24.73 -1.82
N LEU C 142 -10.25 -25.95 -1.30
CA LEU C 142 -10.45 -27.10 -2.17
C LEU C 142 -11.85 -27.09 -2.78
N LYS C 143 -12.86 -26.64 -2.03
CA LYS C 143 -14.23 -26.60 -2.50
C LYS C 143 -14.42 -25.70 -3.71
N GLN C 144 -13.45 -24.85 -4.04
CA GLN C 144 -13.55 -24.01 -5.22
C GLN C 144 -13.01 -24.68 -6.47
N LEU C 145 -12.27 -25.79 -6.33
CA LEU C 145 -11.72 -26.49 -7.47
C LEU C 145 -12.82 -26.97 -8.40
N LYS C 146 -12.70 -26.65 -9.68
CA LYS C 146 -13.68 -26.99 -10.69
C LYS C 146 -13.14 -28.07 -11.61
N ARG C 147 -13.94 -29.10 -11.85
CA ARG C 147 -13.59 -30.11 -12.85
C ARG C 147 -13.65 -29.51 -14.24
N ALA C 148 -12.90 -30.13 -15.17
CA ALA C 148 -12.96 -29.70 -16.56
C ALA C 148 -14.26 -30.09 -17.24
N GLU C 149 -14.87 -31.19 -16.79
CA GLU C 149 -16.11 -31.66 -17.41
C GLU C 149 -17.28 -30.76 -17.05
N GLU C 150 -17.39 -30.39 -15.77
CA GLU C 150 -18.52 -29.61 -15.30
C GLU C 150 -18.60 -28.26 -16.00
N VAL C 151 -17.46 -27.59 -16.19
CA VAL C 151 -17.47 -26.29 -16.86
C VAL C 151 -18.02 -26.44 -18.27
N ALA C 152 -17.52 -27.44 -19.00
CA ALA C 152 -18.01 -27.69 -20.35
C ALA C 152 -19.49 -28.02 -20.36
N ALA C 153 -20.01 -28.61 -19.29
CA ALA C 153 -21.43 -28.93 -19.26
C ALA C 153 -22.27 -27.70 -18.99
N LEU C 154 -21.87 -26.88 -18.01
CA LEU C 154 -22.61 -25.66 -17.68
C LEU C 154 -22.74 -24.75 -18.89
N ARG C 155 -21.63 -24.44 -19.55
CA ARG C 155 -21.72 -23.68 -20.78
C ARG C 155 -22.25 -24.58 -21.90
N GLY C 156 -22.54 -23.97 -23.04
CA GLY C 156 -23.10 -24.72 -24.14
C GLY C 156 -22.06 -25.35 -25.05
N LYS C 157 -20.90 -25.67 -24.49
CA LYS C 157 -19.76 -26.08 -25.29
C LYS C 157 -19.43 -27.55 -25.03
N SER C 158 -18.39 -28.01 -25.72
CA SER C 158 -17.76 -29.29 -25.43
C SER C 158 -16.39 -29.03 -24.85
N VAL C 159 -15.78 -30.08 -24.31
CA VAL C 159 -14.39 -30.02 -23.90
C VAL C 159 -13.57 -30.04 -25.18
N GLU C 160 -12.27 -29.80 -25.08
CA GLU C 160 -11.39 -29.65 -26.24
C GLU C 160 -11.83 -28.45 -27.07
N GLU C 161 -12.87 -27.76 -26.60
CA GLU C 161 -13.23 -26.43 -27.07
C GLU C 161 -12.83 -25.33 -26.09
N ILE C 162 -12.73 -25.67 -24.80
CA ILE C 162 -12.22 -24.76 -23.78
C ILE C 162 -11.22 -25.55 -22.94
N ILE C 163 -9.97 -25.59 -23.39
CA ILE C 163 -8.85 -26.06 -22.55
C ILE C 163 -7.55 -25.50 -23.09
N GLN D 1 -43.02 45.64 -6.95
CA GLN D 1 -44.22 46.19 -6.32
C GLN D 1 -43.92 46.82 -4.97
N ASP D 2 -44.89 46.76 -4.05
CA ASP D 2 -44.80 47.31 -2.71
C ASP D 2 -44.91 46.20 -1.68
N THR D 3 -45.02 46.58 -0.41
CA THR D 3 -45.32 45.66 0.68
C THR D 3 -46.41 46.26 1.54
N LYS D 4 -47.27 45.42 2.10
CA LYS D 4 -48.40 45.87 2.90
C LYS D 4 -48.14 45.67 4.40
N TYR D 5 -48.50 46.67 5.19
CA TYR D 5 -48.37 46.60 6.63
C TYR D 5 -49.72 46.78 7.28
N GLU D 6 -49.78 46.48 8.57
CA GLU D 6 -50.94 46.80 9.39
C GLU D 6 -50.44 47.35 10.72
N ILE D 7 -50.66 48.64 10.94
CA ILE D 7 -50.25 49.30 12.17
C ILE D 7 -51.44 49.28 13.12
N MET D 8 -51.19 48.94 14.38
CA MET D 8 -52.25 48.83 15.38
C MET D 8 -51.76 49.47 16.66
N TYR D 9 -52.36 50.58 17.06
CA TYR D 9 -51.95 51.24 18.30
C TYR D 9 -53.11 51.32 19.28
N ILE D 10 -52.77 51.75 20.48
CA ILE D 10 -53.68 51.76 21.62
C ILE D 10 -53.67 53.17 22.18
N ILE D 11 -54.77 53.91 21.98
CA ILE D 11 -54.86 55.28 22.47
C ILE D 11 -55.18 55.28 23.96
N ARG D 12 -54.88 56.40 24.61
CA ARG D 12 -55.25 56.58 26.00
C ARG D 12 -56.78 56.59 26.14
N PRO D 13 -57.32 55.99 27.20
CA PRO D 13 -58.79 55.94 27.30
C PRO D 13 -59.43 57.28 27.61
N ASN D 14 -58.82 58.10 28.45
CA ASN D 14 -59.50 59.23 29.07
C ASN D 14 -59.31 60.55 28.33
N ILE D 15 -59.13 60.51 27.02
CA ILE D 15 -59.06 61.74 26.23
C ILE D 15 -60.42 62.03 25.65
N ASP D 16 -60.59 63.28 25.20
CA ASP D 16 -61.86 63.75 24.65
C ASP D 16 -62.03 63.23 23.22
N GLU D 17 -62.98 63.82 22.48
CA GLU D 17 -63.33 63.38 21.14
C GLU D 17 -63.00 64.43 20.09
N GLU D 18 -61.99 65.23 20.32
CA GLU D 18 -61.41 66.08 19.29
C GLU D 18 -59.89 65.96 19.22
N ALA D 19 -59.22 65.79 20.36
CA ALA D 19 -57.81 65.44 20.34
C ALA D 19 -57.61 64.07 19.69
N LYS D 20 -58.61 63.20 19.79
CA LYS D 20 -58.53 61.90 19.14
C LYS D 20 -58.48 62.05 17.62
N THR D 21 -59.40 62.83 17.06
CA THR D 21 -59.38 63.09 15.62
C THR D 21 -58.11 63.81 15.22
N ALA D 22 -57.65 64.75 16.05
CA ALA D 22 -56.40 65.43 15.76
C ALA D 22 -55.25 64.45 15.64
N LEU D 23 -55.15 63.52 16.59
CA LEU D 23 -54.08 62.52 16.57
C LEU D 23 -54.16 61.63 15.34
N VAL D 24 -55.34 61.13 15.04
CA VAL D 24 -55.50 60.25 13.89
C VAL D 24 -55.07 60.96 12.61
N GLU D 25 -55.58 62.17 12.39
CA GLU D 25 -55.22 62.89 11.17
C GLU D 25 -53.73 63.24 11.17
N ARG D 26 -53.18 63.56 12.33
CA ARG D 26 -51.76 63.89 12.41
C ARG D 26 -50.91 62.75 11.89
N PHE D 27 -51.20 61.54 12.35
CA PHE D 27 -50.36 60.42 11.94
C PHE D 27 -50.66 59.97 10.52
N ASP D 28 -51.89 60.15 10.04
CA ASP D 28 -52.12 59.91 8.61
C ASP D 28 -51.25 60.82 7.77
N THR D 29 -51.24 62.12 8.09
CA THR D 29 -50.38 63.04 7.36
C THR D 29 -48.93 62.57 7.40
N ILE D 30 -48.39 62.38 8.60
CA ILE D 30 -46.95 62.12 8.70
C ILE D 30 -46.56 60.73 8.24
N LEU D 31 -47.53 59.86 7.99
CA LEU D 31 -47.29 58.69 7.14
C LEU D 31 -47.17 59.11 5.68
N LYS D 32 -48.10 59.95 5.21
CA LYS D 32 -48.18 60.21 3.79
C LYS D 32 -47.08 61.12 3.28
N ASP D 33 -46.47 61.94 4.13
CA ASP D 33 -45.45 62.85 3.64
C ASP D 33 -44.19 62.13 3.19
N ASN D 34 -44.02 60.86 3.55
CA ASN D 34 -42.87 60.08 3.16
C ASN D 34 -43.19 59.04 2.10
N GLY D 35 -44.31 59.21 1.40
CA GLY D 35 -44.67 58.29 0.33
C GLY D 35 -45.23 56.96 0.82
N ALA D 36 -46.20 57.02 1.73
CA ALA D 36 -46.86 55.83 2.25
C ALA D 36 -48.35 55.94 1.94
N GLU D 37 -48.80 55.23 0.91
CA GLU D 37 -50.19 55.28 0.47
C GLU D 37 -51.07 54.59 1.51
N VAL D 38 -51.71 55.38 2.37
CA VAL D 38 -52.67 54.85 3.33
C VAL D 38 -53.95 54.47 2.59
N ILE D 39 -54.52 53.31 2.95
CA ILE D 39 -55.64 52.74 2.22
C ILE D 39 -56.77 52.29 3.12
N GLU D 40 -56.70 52.56 4.42
CA GLU D 40 -57.75 52.29 5.39
C GLU D 40 -57.30 52.83 6.73
N SER D 41 -58.27 53.29 7.52
CA SER D 41 -57.97 53.82 8.85
C SER D 41 -59.28 53.85 9.61
N LYS D 42 -59.36 53.08 10.69
CA LYS D 42 -60.61 52.86 11.39
C LYS D 42 -60.39 52.86 12.89
N ASP D 43 -61.48 52.98 13.62
CA ASP D 43 -61.51 52.56 15.01
C ASP D 43 -62.01 51.14 15.05
N TRP D 44 -61.70 50.45 16.15
CA TRP D 44 -62.03 49.05 16.27
C TRP D 44 -63.00 48.78 17.41
N GLU D 45 -62.65 49.17 18.63
CA GLU D 45 -63.37 48.70 19.80
C GLU D 45 -62.73 49.32 21.04
N LYS D 46 -63.51 49.38 22.10
CA LYS D 46 -63.04 49.76 23.42
C LYS D 46 -62.98 48.50 24.26
N ARG D 47 -61.78 48.16 24.74
CA ARG D 47 -61.56 46.93 25.48
C ARG D 47 -60.84 47.25 26.77
N ARG D 48 -60.99 46.36 27.75
CA ARG D 48 -60.12 46.38 28.89
C ARG D 48 -58.91 45.50 28.58
N LEU D 49 -57.88 45.62 29.39
CA LEU D 49 -56.62 44.95 29.10
C LEU D 49 -56.39 43.82 30.09
N ALA D 50 -55.51 42.90 29.73
CA ALA D 50 -55.23 41.75 30.59
C ALA D 50 -54.20 42.07 31.67
N TYR D 51 -53.58 43.25 31.61
CA TYR D 51 -52.69 43.74 32.64
C TYR D 51 -52.55 45.24 32.42
N GLU D 52 -52.19 45.97 33.48
CA GLU D 52 -52.08 47.42 33.36
C GLU D 52 -50.75 47.79 32.72
N MET D 53 -50.80 48.73 31.78
CA MET D 53 -49.63 49.09 31.00
C MET D 53 -48.79 50.16 31.68
N ASN D 54 -49.35 51.35 31.88
CA ASN D 54 -48.70 52.38 32.68
C ASN D 54 -49.44 52.62 33.98
N GLY D 55 -50.74 52.90 33.90
CA GLY D 55 -51.61 52.83 35.04
C GLY D 55 -53.01 52.51 34.56
N PHE D 56 -53.10 52.08 33.31
CA PHE D 56 -54.36 52.02 32.58
C PHE D 56 -54.79 50.58 32.41
N ARG D 57 -56.10 50.34 32.57
CA ARG D 57 -56.67 49.04 32.34
C ARG D 57 -57.75 49.08 31.27
N GLU D 58 -57.82 50.15 30.49
CA GLU D 58 -58.63 50.22 29.28
C GLU D 58 -57.88 51.01 28.23
N GLY D 59 -58.34 50.91 27.00
CA GLY D 59 -57.72 51.65 25.93
C GLY D 59 -58.47 51.41 24.65
N ILE D 60 -58.29 52.34 23.72
CA ILE D 60 -59.04 52.35 22.47
C ILE D 60 -58.11 51.92 21.34
N TYR D 61 -58.53 50.92 20.60
CA TYR D 61 -57.73 50.32 19.55
C TYR D 61 -58.07 50.93 18.20
N HIS D 62 -57.03 51.21 17.42
CA HIS D 62 -57.14 51.85 16.11
C HIS D 62 -56.22 51.12 15.16
N ILE D 63 -56.71 50.77 13.97
CA ILE D 63 -55.87 50.07 13.00
C ILE D 63 -55.86 50.83 11.67
N VAL D 64 -54.71 50.79 10.99
CA VAL D 64 -54.52 51.42 9.70
C VAL D 64 -53.99 50.38 8.71
N ASN D 65 -54.14 50.67 7.43
CA ASN D 65 -53.75 49.75 6.37
C ASN D 65 -52.99 50.51 5.30
N VAL D 66 -51.75 50.12 5.05
CA VAL D 66 -50.82 50.98 4.32
C VAL D 66 -49.86 50.14 3.51
N THR D 67 -49.62 50.55 2.27
CA THR D 67 -48.57 49.98 1.43
C THR D 67 -47.51 51.04 1.15
N SER D 68 -46.35 50.57 0.69
CA SER D 68 -45.20 51.40 0.39
C SER D 68 -44.09 50.53 -0.18
N PRO D 69 -43.15 51.09 -0.93
CA PRO D 69 -41.94 50.33 -1.27
C PRO D 69 -41.14 50.05 0.00
N SER D 70 -40.48 48.90 0.01
CA SER D 70 -39.90 48.34 1.23
C SER D 70 -38.78 49.20 1.82
N THR D 71 -38.23 50.15 1.07
CA THR D 71 -37.09 50.91 1.54
C THR D 71 -37.42 52.32 2.01
N ALA D 72 -38.67 52.77 1.84
CA ALA D 72 -39.01 54.14 2.19
C ALA D 72 -38.92 54.37 3.69
N GLY D 73 -38.40 55.53 4.07
CA GLY D 73 -38.20 55.84 5.47
C GLY D 73 -39.47 56.28 6.16
N ALA D 74 -40.62 55.82 5.70
CA ALA D 74 -41.88 56.20 6.30
C ALA D 74 -42.15 55.43 7.59
N ILE D 75 -42.29 54.11 7.49
CA ILE D 75 -42.83 53.32 8.60
C ILE D 75 -41.93 53.33 9.83
N ASN D 76 -40.67 53.76 9.72
CA ASN D 76 -39.85 53.98 10.91
C ASN D 76 -40.17 55.34 11.54
N GLU D 77 -40.63 56.29 10.74
CA GLU D 77 -41.03 57.58 11.29
C GLU D 77 -42.19 57.43 12.26
N PHE D 78 -43.13 56.55 11.92
CA PHE D 78 -44.23 56.26 12.83
C PHE D 78 -43.71 55.76 14.17
N ASP D 79 -42.77 54.80 14.14
CA ASP D 79 -42.19 54.30 15.38
C ASP D 79 -41.56 55.42 16.18
N ARG D 80 -40.68 56.18 15.54
CA ARG D 80 -39.88 57.20 16.21
C ARG D 80 -40.76 58.28 16.82
N LEU D 81 -41.91 58.56 16.22
CA LEU D 81 -42.81 59.54 16.81
C LEU D 81 -43.75 58.92 17.83
N ALA D 82 -44.11 57.65 17.67
CA ALA D 82 -45.06 57.03 18.57
C ALA D 82 -44.45 56.70 19.92
N LYS D 83 -43.16 56.39 19.99
CA LYS D 83 -42.65 56.06 21.30
C LYS D 83 -42.32 57.28 22.14
N ILE D 84 -42.64 58.49 21.68
CA ILE D 84 -42.44 59.69 22.47
C ILE D 84 -43.73 60.46 22.69
N ASN D 85 -44.87 59.90 22.33
CA ASN D 85 -46.15 60.57 22.51
C ASN D 85 -46.61 60.46 23.95
N ASP D 86 -47.84 60.88 24.22
CA ASP D 86 -48.44 60.76 25.55
C ASP D 86 -49.81 60.13 25.54
N ASP D 87 -50.43 59.95 24.38
CA ASP D 87 -51.75 59.34 24.27
C ASP D 87 -51.72 57.92 23.74
N ILE D 88 -50.68 57.52 23.05
CA ILE D 88 -50.54 56.17 22.55
C ILE D 88 -49.77 55.37 23.59
N ILE D 89 -50.09 54.08 23.72
CA ILE D 89 -49.48 53.24 24.73
C ILE D 89 -48.65 52.12 24.10
N ARG D 90 -49.09 51.57 22.98
CA ARG D 90 -48.35 50.51 22.30
C ARG D 90 -48.64 50.60 20.82
N HIS D 91 -47.74 50.04 20.02
CA HIS D 91 -48.00 49.88 18.61
C HIS D 91 -47.29 48.63 18.10
N MET D 92 -47.89 47.99 17.11
CA MET D 92 -47.28 46.84 16.46
C MET D 92 -47.41 47.00 14.96
N ILE D 93 -46.27 47.18 14.29
CA ILE D 93 -46.22 47.20 12.83
C ILE D 93 -45.87 45.80 12.36
N VAL D 94 -46.53 45.37 11.29
CA VAL D 94 -46.55 43.96 10.92
C VAL D 94 -46.77 43.85 9.41
N LYS D 95 -45.92 43.07 8.74
CA LYS D 95 -46.11 42.85 7.31
C LYS D 95 -47.34 41.97 7.08
N VAL D 96 -48.14 42.33 6.09
CA VAL D 96 -49.42 41.67 5.85
C VAL D 96 -49.38 40.96 4.51
N GLU D 97 -49.71 39.68 4.54
CA GLU D 97 -49.94 38.91 3.33
C GLU D 97 -50.64 37.62 3.71
N VAL E 1 -18.41 11.46 -9.67
CA VAL E 1 -18.85 11.35 -11.05
C VAL E 1 -18.33 10.05 -11.63
N MET E 2 -19.02 9.52 -12.62
CA MET E 2 -18.61 8.27 -13.24
C MET E 2 -17.34 8.45 -14.05
N THR E 3 -16.37 7.58 -13.85
CA THR E 3 -15.12 7.64 -14.57
C THR E 3 -14.76 6.35 -15.29
N ASP E 4 -15.42 5.23 -14.98
CA ASP E 4 -15.14 3.96 -15.65
C ASP E 4 -16.43 3.22 -15.97
N PRO E 5 -17.01 3.48 -17.13
CA PRO E 5 -18.25 2.79 -17.51
C PRO E 5 -18.11 1.30 -17.73
N ILE E 6 -16.94 0.82 -18.16
CA ILE E 6 -16.72 -0.62 -18.29
C ILE E 6 -16.73 -1.29 -16.93
N ALA E 7 -16.11 -0.67 -15.93
CA ALA E 7 -16.18 -1.22 -14.58
C ALA E 7 -17.59 -1.19 -14.04
N ASP E 8 -18.35 -0.13 -14.35
CA ASP E 8 -19.74 -0.10 -13.90
C ASP E 8 -20.55 -1.23 -14.51
N PHE E 9 -20.37 -1.48 -15.80
CA PHE E 9 -21.03 -2.61 -16.45
C PHE E 9 -20.68 -3.93 -15.77
N LEU E 10 -19.39 -4.18 -15.57
CA LEU E 10 -18.96 -5.42 -14.93
C LEU E 10 -19.57 -5.59 -13.55
N THR E 11 -19.63 -4.50 -12.77
CA THR E 11 -20.18 -4.63 -11.42
C THR E 11 -21.69 -4.79 -11.43
N ARG E 12 -22.39 -4.22 -12.40
CA ARG E 12 -23.80 -4.58 -12.55
C ARG E 12 -23.96 -6.08 -12.75
N ILE E 13 -23.18 -6.65 -13.66
CA ILE E 13 -23.31 -8.08 -13.92
C ILE E 13 -23.04 -8.88 -12.66
N ARG E 14 -21.97 -8.55 -11.94
CA ARG E 14 -21.63 -9.33 -10.76
C ARG E 14 -22.64 -9.14 -9.64
N ASN E 15 -23.14 -7.92 -9.45
CA ASN E 15 -24.10 -7.65 -8.39
C ASN E 15 -25.42 -8.37 -8.65
N ALA E 16 -25.91 -8.32 -9.89
CA ALA E 16 -27.15 -9.01 -10.22
C ALA E 16 -26.98 -10.51 -10.32
N ASN E 17 -25.75 -10.99 -10.55
CA ASN E 17 -25.51 -12.42 -10.54
C ASN E 17 -25.55 -12.98 -9.13
N MET E 18 -24.89 -12.31 -8.18
CA MET E 18 -24.79 -12.85 -6.84
C MET E 18 -26.16 -12.94 -6.15
N VAL E 19 -27.07 -12.03 -6.48
CA VAL E 19 -28.43 -12.11 -5.94
C VAL E 19 -29.32 -12.99 -6.82
N LYS E 20 -28.81 -13.48 -7.93
CA LYS E 20 -29.35 -14.62 -8.66
C LYS E 20 -30.71 -14.33 -9.31
N HIS E 21 -30.84 -13.18 -9.96
CA HIS E 21 -32.02 -12.97 -10.76
C HIS E 21 -31.63 -12.71 -12.20
N GLU E 22 -32.64 -12.72 -13.08
CA GLU E 22 -32.47 -13.16 -14.46
C GLU E 22 -32.59 -12.04 -15.49
N THR E 23 -32.28 -10.81 -15.13
CA THR E 23 -32.28 -9.73 -16.11
C THR E 23 -31.38 -8.64 -15.58
N LEU E 24 -31.09 -7.66 -16.44
CA LEU E 24 -30.15 -6.59 -16.18
C LEU E 24 -30.18 -5.62 -17.33
N GLU E 25 -30.08 -4.31 -17.04
CA GLU E 25 -30.09 -3.31 -18.10
C GLU E 25 -29.02 -2.25 -17.85
N VAL E 26 -28.38 -1.81 -18.93
CA VAL E 26 -27.29 -0.84 -18.88
C VAL E 26 -27.45 0.15 -20.01
N PRO E 27 -26.92 1.35 -19.83
CA PRO E 27 -26.77 2.27 -20.96
C PRO E 27 -25.71 1.77 -21.93
N ALA E 28 -26.01 1.90 -23.22
CA ALA E 28 -25.24 1.23 -24.26
C ALA E 28 -23.95 1.99 -24.58
N SER E 29 -23.06 1.28 -25.25
CA SER E 29 -21.78 1.83 -25.69
C SER E 29 -21.17 0.80 -26.63
N LYS E 30 -20.30 1.28 -27.53
CA LYS E 30 -19.71 0.38 -28.53
C LYS E 30 -18.83 -0.69 -27.92
N ILE E 31 -18.21 -0.42 -26.77
CA ILE E 31 -17.32 -1.41 -26.18
C ILE E 31 -18.11 -2.42 -25.35
N LYS E 32 -19.14 -1.95 -24.65
CA LYS E 32 -19.96 -2.85 -23.85
C LYS E 32 -20.73 -3.81 -24.73
N ARG E 33 -21.20 -3.35 -25.89
CA ARG E 33 -21.83 -4.25 -26.84
C ARG E 33 -20.86 -5.32 -27.33
N ASP E 34 -19.62 -4.92 -27.61
CA ASP E 34 -18.60 -5.89 -27.99
C ASP E 34 -18.42 -6.97 -26.93
N ILE E 35 -18.23 -6.57 -25.68
CA ILE E 35 -18.01 -7.60 -24.67
C ILE E 35 -19.28 -8.34 -24.33
N ALA E 36 -20.46 -7.78 -24.60
CA ALA E 36 -21.68 -8.56 -24.45
C ALA E 36 -21.77 -9.65 -25.50
N GLU E 37 -21.31 -9.37 -26.72
CA GLU E 37 -21.25 -10.43 -27.73
C GLU E 37 -20.22 -11.50 -27.36
N ILE E 38 -19.07 -11.08 -26.82
CA ILE E 38 -18.06 -12.06 -26.43
C ILE E 38 -18.55 -12.90 -25.27
N LEU E 39 -19.30 -12.29 -24.35
CA LEU E 39 -19.87 -13.06 -23.25
C LEU E 39 -20.96 -14.01 -23.73
N LYS E 40 -21.66 -13.65 -24.80
CA LYS E 40 -22.69 -14.54 -25.34
C LYS E 40 -22.09 -15.71 -26.11
N ARG E 41 -20.98 -15.48 -26.83
CA ARG E 41 -20.42 -16.56 -27.64
C ARG E 41 -19.85 -17.69 -26.80
N GLU E 42 -19.30 -17.41 -25.62
CA GLU E 42 -18.63 -18.44 -24.85
C GLU E 42 -19.58 -19.25 -23.99
N GLY E 43 -20.67 -18.67 -23.53
CA GLY E 43 -21.65 -19.45 -22.80
C GLY E 43 -21.95 -18.92 -21.42
N PHE E 44 -21.64 -17.66 -21.15
CA PHE E 44 -21.95 -17.08 -19.86
C PHE E 44 -23.30 -16.39 -19.85
N ILE E 45 -23.66 -15.71 -20.93
CA ILE E 45 -24.94 -15.05 -21.06
C ILE E 45 -25.86 -15.93 -21.89
N ARG E 46 -27.16 -15.74 -21.71
CA ARG E 46 -28.15 -16.43 -22.52
C ARG E 46 -28.53 -15.65 -23.76
N ASP E 47 -28.65 -14.34 -23.65
CA ASP E 47 -29.10 -13.53 -24.77
C ASP E 47 -28.73 -12.07 -24.51
N VAL E 48 -28.92 -11.25 -25.54
CA VAL E 48 -28.71 -9.81 -25.43
C VAL E 48 -29.56 -9.14 -26.50
N GLU E 49 -30.38 -8.17 -26.11
CA GLU E 49 -31.28 -7.48 -27.02
C GLU E 49 -31.05 -5.97 -26.97
N TYR E 50 -31.17 -5.31 -28.11
CA TYR E 50 -30.73 -3.93 -28.24
C TYR E 50 -31.91 -3.01 -28.50
N ILE E 51 -32.30 -2.27 -27.47
CA ILE E 51 -33.26 -1.20 -27.59
C ILE E 51 -32.48 0.10 -27.65
N GLU E 52 -33.08 1.12 -28.27
CA GLU E 52 -32.42 2.41 -28.38
C GLU E 52 -33.46 3.45 -28.71
N ASP E 53 -33.56 4.49 -27.88
CA ASP E 53 -34.61 5.49 -28.09
C ASP E 53 -34.08 6.88 -28.39
N ASP E 54 -33.49 7.58 -27.43
CA ASP E 54 -33.10 8.97 -27.69
C ASP E 54 -31.82 9.40 -27.01
N LYS E 55 -31.25 8.56 -26.17
CA LYS E 55 -29.92 8.77 -25.64
C LYS E 55 -29.16 7.53 -26.05
N GLN E 56 -27.95 7.35 -25.53
CA GLN E 56 -27.15 6.19 -25.92
C GLN E 56 -27.97 4.90 -25.84
N GLY E 57 -28.37 4.50 -24.63
CA GLY E 57 -28.78 3.14 -24.32
C GLY E 57 -29.94 2.59 -25.11
N VAL E 58 -30.34 1.33 -24.87
CA VAL E 58 -29.88 0.52 -23.74
C VAL E 58 -29.50 -0.87 -24.20
N ILE E 59 -29.01 -1.71 -23.28
CA ILE E 59 -28.62 -3.08 -23.57
C ILE E 59 -29.20 -3.96 -22.47
N ARG E 60 -29.92 -5.00 -22.86
CA ARG E 60 -30.52 -5.92 -21.90
C ARG E 60 -29.80 -7.26 -21.96
N VAL E 61 -29.40 -7.76 -20.81
CA VAL E 61 -28.67 -9.00 -20.68
C VAL E 61 -29.56 -10.02 -20.01
N PHE E 62 -29.48 -11.26 -20.43
CA PHE E 62 -30.25 -12.34 -19.83
C PHE E 62 -29.26 -13.35 -19.26
N LEU E 63 -29.17 -13.41 -17.94
CA LEU E 63 -28.18 -14.27 -17.32
C LEU E 63 -28.54 -15.74 -17.56
N LYS E 64 -27.71 -16.63 -17.02
CA LYS E 64 -27.85 -18.06 -17.26
C LYS E 64 -27.45 -18.83 -16.01
N TYR E 65 -28.23 -19.84 -15.68
CA TYR E 65 -28.03 -20.60 -14.45
C TYR E 65 -27.99 -22.09 -14.77
N GLY E 66 -27.37 -22.84 -13.86
CA GLY E 66 -27.18 -24.27 -14.05
C GLY E 66 -28.47 -25.08 -14.02
N LYS E 67 -28.35 -26.39 -13.80
CA LYS E 67 -29.52 -27.26 -13.71
C LYS E 67 -30.14 -27.23 -12.33
N ASN E 68 -29.32 -27.07 -11.30
CA ASN E 68 -29.78 -26.87 -9.93
C ASN E 68 -29.60 -25.42 -9.50
N GLU E 69 -29.85 -24.48 -10.41
CA GLU E 69 -29.82 -23.04 -10.14
C GLU E 69 -28.46 -22.58 -9.63
N GLU E 70 -27.38 -23.23 -10.07
CA GLU E 70 -26.04 -22.75 -9.78
C GLU E 70 -25.53 -21.90 -10.93
N ARG E 71 -24.50 -21.11 -10.65
CA ARG E 71 -24.12 -19.99 -11.49
C ARG E 71 -22.99 -20.36 -12.43
N VAL E 72 -23.09 -19.89 -13.68
CA VAL E 72 -22.09 -20.24 -14.68
C VAL E 72 -20.92 -19.27 -14.71
N ILE E 73 -21.15 -17.99 -14.42
CA ILE E 73 -20.04 -17.07 -14.14
C ILE E 73 -19.89 -17.02 -12.62
N THR E 74 -18.65 -17.13 -12.15
CA THR E 74 -18.41 -17.13 -10.71
C THR E 74 -17.77 -15.86 -10.21
N ASN E 75 -17.02 -15.16 -11.05
CA ASN E 75 -16.58 -13.81 -10.72
C ASN E 75 -16.13 -13.13 -12.00
N LEU E 76 -15.65 -11.90 -11.86
CA LEU E 76 -15.46 -11.03 -13.00
C LEU E 76 -14.65 -9.83 -12.54
N LYS E 77 -13.61 -9.46 -13.29
CA LYS E 77 -12.63 -8.53 -12.78
C LYS E 77 -12.15 -7.58 -13.88
N ARG E 78 -12.00 -6.31 -13.53
CA ARG E 78 -11.48 -5.29 -14.44
C ARG E 78 -9.98 -5.13 -14.25
N ILE E 79 -9.22 -5.27 -15.33
CA ILE E 79 -7.75 -5.31 -15.25
C ILE E 79 -7.12 -3.95 -15.54
N SER E 80 -7.36 -3.40 -16.71
CA SER E 80 -6.85 -2.07 -17.03
C SER E 80 -7.76 -1.01 -16.46
N LYS E 81 -7.19 -0.04 -15.77
CA LYS E 81 -7.97 0.96 -15.06
C LYS E 81 -7.54 2.35 -15.48
N PRO E 82 -8.43 3.31 -15.48
CA PRO E 82 -8.02 4.67 -15.82
C PRO E 82 -7.22 5.28 -14.70
N GLY E 83 -5.91 5.28 -14.81
CA GLY E 83 -5.11 5.58 -13.64
C GLY E 83 -3.94 4.62 -13.52
N LEU E 84 -4.07 3.44 -14.14
CA LEU E 84 -2.93 2.56 -14.36
C LEU E 84 -3.33 1.62 -15.49
N ARG E 85 -2.84 1.88 -16.70
CA ARG E 85 -3.24 1.09 -17.86
C ARG E 85 -2.29 -0.08 -18.07
N ALA E 86 -2.82 -1.19 -18.58
CA ALA E 86 -2.08 -2.44 -18.69
C ALA E 86 -2.05 -2.89 -20.14
N TYR E 87 -0.87 -2.84 -20.74
CA TYR E 87 -0.65 -3.25 -22.11
C TYR E 87 0.16 -4.54 -22.12
N VAL E 88 -0.14 -5.44 -23.04
CA VAL E 88 0.45 -6.77 -23.06
C VAL E 88 1.00 -7.06 -24.45
N LYS E 89 2.14 -7.74 -24.50
CA LYS E 89 2.79 -8.08 -25.76
C LYS E 89 2.40 -9.47 -26.19
N ALA E 90 2.63 -9.77 -27.47
CA ALA E 90 2.06 -10.95 -28.08
C ALA E 90 2.46 -12.23 -27.36
N ASP E 91 3.59 -12.24 -26.67
CA ASP E 91 3.99 -13.40 -25.90
C ASP E 91 3.64 -13.27 -24.43
N GLU E 92 2.97 -12.20 -24.03
CA GLU E 92 2.54 -11.99 -22.66
C GLU E 92 1.05 -12.19 -22.46
N VAL E 93 0.32 -12.60 -23.49
CA VAL E 93 -1.13 -12.78 -23.35
C VAL E 93 -1.40 -13.75 -22.22
N PRO E 94 -2.31 -13.44 -21.30
CA PRO E 94 -2.53 -14.29 -20.14
C PRO E 94 -3.51 -15.44 -20.39
N LYS E 95 -3.40 -16.46 -19.53
CA LYS E 95 -4.24 -17.66 -19.57
C LYS E 95 -4.95 -17.75 -18.22
N VAL E 96 -6.18 -17.27 -18.15
CA VAL E 96 -6.86 -17.14 -16.87
C VAL E 96 -7.45 -18.49 -16.47
N LEU E 97 -7.04 -18.99 -15.31
CA LEU E 97 -7.59 -20.18 -14.70
C LEU E 97 -7.25 -21.45 -15.47
N ASN E 98 -6.07 -21.50 -16.09
CA ASN E 98 -5.61 -22.66 -16.86
C ASN E 98 -6.54 -22.97 -18.03
N GLY E 99 -6.94 -21.94 -18.76
CA GLY E 99 -7.81 -22.12 -19.90
C GLY E 99 -9.28 -22.26 -19.58
N LEU E 100 -9.64 -22.59 -18.35
CA LEU E 100 -11.04 -22.70 -17.96
C LEU E 100 -11.74 -21.35 -17.84
N GLY E 101 -11.01 -20.24 -18.00
CA GLY E 101 -11.61 -18.94 -18.04
C GLY E 101 -11.06 -18.15 -19.21
N ILE E 102 -11.66 -17.00 -19.47
CA ILE E 102 -11.27 -16.24 -20.64
C ILE E 102 -10.76 -14.87 -20.22
N ALA E 103 -9.93 -14.28 -21.08
CA ALA E 103 -9.50 -12.91 -20.99
C ALA E 103 -9.97 -12.18 -22.24
N ILE E 104 -10.10 -10.86 -22.13
CA ILE E 104 -10.65 -10.05 -23.22
C ILE E 104 -9.66 -8.94 -23.54
N ILE E 105 -9.24 -8.86 -24.78
CA ILE E 105 -8.11 -8.04 -25.20
C ILE E 105 -8.54 -7.23 -26.42
N SER E 106 -8.14 -5.98 -26.47
CA SER E 106 -8.40 -5.11 -27.61
C SER E 106 -7.12 -4.95 -28.43
N THR E 107 -7.20 -5.28 -29.70
CA THR E 107 -6.05 -5.32 -30.59
C THR E 107 -6.31 -4.42 -31.78
N SER E 108 -5.34 -4.34 -32.68
CA SER E 108 -5.51 -3.54 -33.89
C SER E 108 -6.53 -4.14 -34.85
N GLU E 109 -7.05 -5.32 -34.57
CA GLU E 109 -8.05 -5.93 -35.43
C GLU E 109 -9.21 -6.49 -34.62
N GLY E 110 -9.74 -5.71 -33.70
CA GLY E 110 -10.95 -6.06 -32.98
C GLY E 110 -10.75 -6.15 -31.48
N VAL E 111 -11.87 -6.35 -30.79
CA VAL E 111 -11.90 -6.73 -29.38
C VAL E 111 -12.21 -8.21 -29.36
N ILE E 112 -11.24 -9.03 -28.97
CA ILE E 112 -11.28 -10.46 -29.19
C ILE E 112 -10.93 -11.18 -27.90
N THR E 113 -11.12 -12.49 -27.91
CA THR E 113 -10.76 -13.34 -26.79
C THR E 113 -9.26 -13.55 -26.77
N ASP E 114 -8.77 -14.16 -25.69
CA ASP E 114 -7.34 -14.38 -25.56
C ASP E 114 -6.85 -15.59 -26.35
N LYS E 115 -7.73 -16.52 -26.72
CA LYS E 115 -7.33 -17.56 -27.65
C LYS E 115 -7.10 -17.00 -29.03
N GLU E 116 -8.06 -16.22 -29.53
CA GLU E 116 -7.97 -15.64 -30.85
C GLU E 116 -6.78 -14.71 -31.00
N ALA E 117 -6.22 -14.24 -29.89
CA ALA E 117 -5.06 -13.36 -29.96
C ALA E 117 -3.75 -14.12 -29.95
N ARG E 118 -3.65 -15.20 -29.18
CA ARG E 118 -2.43 -15.99 -29.24
C ARG E 118 -2.44 -16.96 -30.42
N ALA E 119 -3.54 -17.02 -31.16
CA ALA E 119 -3.52 -17.64 -32.48
C ALA E 119 -3.11 -16.68 -33.59
N LYS E 120 -3.36 -15.37 -33.42
CA LYS E 120 -2.91 -14.37 -34.36
C LYS E 120 -1.55 -13.77 -34.01
N ASN E 121 -1.06 -13.97 -32.78
CA ASN E 121 0.21 -13.41 -32.32
C ASN E 121 0.21 -11.88 -32.37
N ILE E 122 -0.65 -11.27 -31.55
CA ILE E 122 -0.65 -9.84 -31.27
C ILE E 122 -1.04 -9.62 -29.82
N GLY E 123 -0.98 -8.36 -29.39
CA GLY E 123 -1.37 -7.98 -28.05
C GLY E 123 -2.07 -6.64 -28.00
N GLY E 124 -2.36 -6.14 -26.81
CA GLY E 124 -3.05 -4.86 -26.68
C GLY E 124 -3.46 -4.60 -25.25
N GLU E 125 -4.51 -3.79 -25.11
CA GLU E 125 -5.06 -3.49 -23.80
C GLU E 125 -5.88 -4.65 -23.28
N VAL E 126 -5.76 -4.93 -21.99
CA VAL E 126 -6.47 -6.03 -21.35
C VAL E 126 -7.66 -5.45 -20.61
N ILE E 127 -8.86 -5.89 -21.00
CA ILE E 127 -10.06 -5.35 -20.40
C ILE E 127 -10.40 -6.06 -19.11
N ALA E 128 -10.58 -7.37 -19.16
CA ALA E 128 -11.20 -8.06 -18.04
C ALA E 128 -10.81 -9.51 -18.02
N TYR E 129 -10.94 -10.11 -16.84
CA TYR E 129 -10.97 -11.55 -16.65
C TYR E 129 -12.38 -11.95 -16.25
N VAL E 130 -12.94 -12.96 -16.90
CA VAL E 130 -14.17 -13.58 -16.44
C VAL E 130 -13.94 -15.08 -16.36
N TRP E 131 -14.02 -15.62 -15.16
CA TRP E 131 -13.82 -17.04 -14.96
C TRP E 131 -15.05 -17.71 -14.36
N LYS F 1 -58.43 44.78 69.11
CA LYS F 1 -58.26 46.10 68.54
C LYS F 1 -58.45 46.09 67.03
N LYS F 2 -59.17 47.10 66.53
CA LYS F 2 -59.48 47.31 65.12
C LYS F 2 -60.51 46.31 64.61
N ASN F 3 -60.82 45.30 65.42
CA ASN F 3 -61.87 44.32 65.16
C ASN F 3 -61.98 44.00 63.67
N ILE F 4 -60.84 43.59 63.10
CA ILE F 4 -60.74 43.50 61.64
C ILE F 4 -61.70 42.45 61.10
N GLU F 5 -61.62 41.22 61.63
CA GLU F 5 -62.49 40.12 61.27
C GLU F 5 -62.33 39.67 59.82
N SER F 6 -61.17 39.95 59.22
CA SER F 6 -60.89 39.53 57.86
C SER F 6 -59.38 39.60 57.63
N GLY F 7 -58.88 38.73 56.76
CA GLY F 7 -57.47 38.74 56.45
C GLY F 7 -57.10 37.61 55.52
N VAL F 8 -55.81 37.28 55.52
CA VAL F 8 -55.22 36.29 54.63
C VAL F 8 -53.98 35.73 55.31
N ALA F 9 -53.85 34.40 55.31
CA ALA F 9 -52.69 33.74 55.90
C ALA F 9 -51.61 33.54 54.85
N HIS F 10 -50.37 33.88 55.20
CA HIS F 10 -49.21 33.68 54.34
C HIS F 10 -48.37 32.56 54.92
N ILE F 11 -48.12 31.54 54.11
CA ILE F 11 -47.32 30.38 54.51
C ILE F 11 -46.06 30.35 53.68
N HIS F 12 -44.92 30.25 54.36
CA HIS F 12 -43.60 30.32 53.74
C HIS F 12 -42.82 29.13 54.30
N SER F 13 -42.77 28.04 53.53
CA SER F 13 -42.32 26.74 54.06
C SER F 13 -41.20 26.16 53.20
N THR F 14 -39.98 26.24 53.70
CA THR F 14 -38.83 25.79 52.92
C THR F 14 -38.51 24.34 53.29
N PHE F 15 -37.29 23.93 52.96
CA PHE F 15 -36.84 22.59 53.30
C PHE F 15 -36.39 22.46 54.75
N ASN F 16 -36.09 23.56 55.44
CA ASN F 16 -35.57 23.41 56.79
C ASN F 16 -36.14 24.44 57.76
N ASN F 17 -37.34 24.94 57.51
CA ASN F 17 -38.06 25.79 58.45
C ASN F 17 -39.48 25.96 57.94
N THR F 18 -40.27 26.73 58.67
CA THR F 18 -41.66 27.01 58.30
C THR F 18 -42.13 28.24 59.04
N ILE F 19 -42.62 29.23 58.29
CA ILE F 19 -43.12 30.49 58.84
C ILE F 19 -44.56 30.66 58.39
N VAL F 20 -45.41 31.07 59.32
CA VAL F 20 -46.79 31.43 58.99
C VAL F 20 -47.07 32.78 59.60
N MET F 21 -47.38 33.76 58.76
CA MET F 21 -47.79 35.08 59.19
C MET F 21 -49.22 35.31 58.73
N ILE F 22 -50.05 35.83 59.62
CA ILE F 22 -51.44 36.19 59.33
C ILE F 22 -51.52 37.70 59.31
N THR F 23 -51.80 38.27 58.14
CA THR F 23 -52.07 39.69 58.03
C THR F 23 -53.49 39.92 57.56
N ASP F 24 -53.93 41.16 57.65
CA ASP F 24 -55.29 41.51 57.27
C ASP F 24 -55.40 41.54 55.75
N THR F 25 -56.55 41.98 55.26
CA THR F 25 -56.86 41.92 53.84
C THR F 25 -55.96 42.82 53.01
N HIS F 26 -54.94 43.41 53.63
CA HIS F 26 -54.04 44.30 52.90
C HIS F 26 -52.82 44.58 53.78
N GLY F 27 -51.67 44.03 53.40
CA GLY F 27 -50.43 44.45 54.01
C GLY F 27 -50.28 44.21 55.50
N ASN F 28 -50.38 45.31 56.26
CA ASN F 28 -49.93 45.42 57.64
C ASN F 28 -50.19 44.15 58.46
N ALA F 29 -49.19 43.74 59.23
CA ALA F 29 -49.21 42.44 59.88
C ALA F 29 -49.84 42.52 61.28
N LEU F 30 -50.45 41.41 61.69
CA LEU F 30 -51.07 41.30 63.01
C LEU F 30 -50.37 40.28 63.89
N ALA F 31 -50.22 39.04 63.44
CA ALA F 31 -49.63 38.01 64.28
C ALA F 31 -48.87 37.01 63.41
N TRP F 32 -47.74 36.55 63.92
CA TRP F 32 -46.92 35.59 63.21
C TRP F 32 -46.32 34.60 64.18
N SER F 33 -45.63 33.61 63.63
CA SER F 33 -44.91 32.59 64.39
C SER F 33 -44.04 31.83 63.42
N SER F 34 -43.21 30.94 63.97
CA SER F 34 -42.38 30.03 63.20
C SER F 34 -41.84 28.97 64.13
N ALA F 35 -41.36 27.88 63.54
CA ALA F 35 -40.93 26.73 64.33
C ALA F 35 -39.78 27.08 65.26
N GLY F 36 -38.91 27.99 64.85
CA GLY F 36 -37.81 28.37 65.72
C GLY F 36 -38.27 29.10 66.97
N SER F 37 -39.32 29.88 66.85
CA SER F 37 -39.88 30.62 67.98
C SER F 37 -40.67 29.75 68.92
N LEU F 38 -40.58 28.43 68.74
CA LEU F 38 -41.21 27.44 69.60
C LEU F 38 -40.18 26.53 70.24
N GLY F 39 -38.96 27.04 70.43
CA GLY F 39 -37.90 26.29 71.06
C GLY F 39 -37.27 25.19 70.22
N PHE F 40 -37.92 24.76 69.15
CA PHE F 40 -37.36 23.75 68.25
C PHE F 40 -36.01 24.21 67.69
N LYS F 41 -35.20 23.24 67.28
CA LYS F 41 -33.86 23.53 66.79
C LYS F 41 -33.50 22.57 65.67
N GLY F 42 -32.71 23.07 64.72
CA GLY F 42 -32.05 22.25 63.73
C GLY F 42 -32.95 21.45 62.82
N SER F 43 -32.80 20.12 62.85
CA SER F 43 -33.55 19.26 61.95
C SER F 43 -35.05 19.46 62.11
N LYS F 44 -35.55 19.40 63.35
CA LYS F 44 -36.96 19.31 63.63
C LYS F 44 -37.77 20.48 63.08
N LYS F 45 -37.14 21.58 62.70
CA LYS F 45 -37.92 22.73 62.27
C LYS F 45 -38.70 22.48 60.99
N SER F 46 -38.59 21.30 60.37
CA SER F 46 -39.25 21.02 59.11
C SER F 46 -40.30 19.93 59.17
N THR F 47 -40.44 19.24 60.30
CA THR F 47 -41.53 18.29 60.44
C THR F 47 -42.84 19.05 60.44
N PRO F 48 -43.94 18.40 60.07
CA PRO F 48 -45.23 19.11 60.07
C PRO F 48 -45.68 19.55 61.45
N PHE F 49 -45.39 18.77 62.50
CA PHE F 49 -45.86 19.13 63.84
C PHE F 49 -45.41 20.52 64.22
N ALA F 50 -44.20 20.91 63.82
CA ALA F 50 -43.76 22.28 64.03
C ALA F 50 -44.71 23.25 63.36
N ALA F 51 -45.10 22.95 62.11
CA ALA F 51 -46.04 23.81 61.42
C ALA F 51 -47.39 23.80 62.14
N GLN F 52 -47.77 22.65 62.71
CA GLN F 52 -48.99 22.56 63.50
C GLN F 52 -48.99 23.59 64.62
N MET F 53 -48.00 23.50 65.51
CA MET F 53 -48.03 24.40 66.65
C MET F 53 -47.75 25.85 66.28
N ALA F 54 -47.03 26.09 65.18
CA ALA F 54 -46.82 27.47 64.77
C ALA F 54 -48.10 28.09 64.24
N ALA F 55 -48.83 27.34 63.42
CA ALA F 55 -50.15 27.80 63.00
C ALA F 55 -51.02 28.10 64.20
N GLU F 56 -50.97 27.23 65.21
CA GLU F 56 -51.77 27.46 66.40
C GLU F 56 -51.37 28.76 67.10
N ALA F 57 -50.07 28.93 67.35
CA ALA F 57 -49.63 30.12 68.07
C ALA F 57 -49.93 31.39 67.29
N ALA F 58 -50.10 31.30 65.98
CA ALA F 58 -50.50 32.49 65.24
C ALA F 58 -52.00 32.73 65.33
N THR F 59 -52.81 31.70 65.08
CA THR F 59 -54.26 31.84 65.18
C THR F 59 -54.64 32.39 66.54
N LYS F 60 -54.25 31.69 67.60
CA LYS F 60 -54.67 32.00 68.97
C LYS F 60 -54.51 33.47 69.30
N VAL F 61 -53.67 34.19 68.57
CA VAL F 61 -53.43 35.61 68.80
C VAL F 61 -54.21 36.41 67.79
N ALA F 62 -54.36 35.88 66.58
CA ALA F 62 -55.09 36.62 65.56
C ALA F 62 -56.57 36.74 65.92
N MET F 63 -57.13 35.67 66.49
CA MET F 63 -58.51 35.70 66.95
C MET F 63 -58.64 36.25 68.37
N GLU F 64 -57.55 36.68 68.99
CA GLU F 64 -57.59 37.57 70.14
C GLU F 64 -57.77 39.02 69.74
N HIS F 65 -58.08 39.27 68.47
CA HIS F 65 -58.44 40.58 67.98
C HIS F 65 -59.68 40.53 67.10
N GLY F 66 -60.29 39.36 66.93
CA GLY F 66 -61.53 39.22 66.21
C GLY F 66 -61.28 38.91 64.75
N LEU F 67 -61.42 37.65 64.36
CA LEU F 67 -61.02 37.27 63.01
C LEU F 67 -61.71 35.96 62.64
N LYS F 68 -62.49 35.98 61.56
CA LYS F 68 -62.98 34.76 60.95
C LYS F 68 -62.46 34.58 59.53
N THR F 69 -62.66 35.57 58.67
CA THR F 69 -62.33 35.41 57.25
C THR F 69 -60.83 35.33 57.04
N VAL F 70 -60.38 34.33 56.28
CA VAL F 70 -58.97 34.18 55.95
C VAL F 70 -58.86 33.42 54.64
N ASP F 71 -57.81 33.70 53.90
CA ASP F 71 -57.39 32.93 52.74
C ASP F 71 -56.00 32.36 53.01
N VAL F 72 -55.52 31.54 52.10
CA VAL F 72 -54.21 30.93 52.24
C VAL F 72 -53.46 31.08 50.92
N THR F 73 -52.33 31.77 50.97
CA THR F 73 -51.38 31.85 49.87
C THR F 73 -50.10 31.17 50.34
N VAL F 74 -49.75 30.06 49.69
CA VAL F 74 -48.62 29.24 50.10
C VAL F 74 -47.48 29.47 49.12
N LYS F 75 -46.40 30.06 49.62
CA LYS F 75 -45.12 30.09 48.94
C LYS F 75 -44.40 28.80 49.31
N GLY F 76 -43.09 28.73 49.16
CA GLY F 76 -42.34 27.78 49.93
C GLY F 76 -42.54 26.33 49.55
N PRO F 77 -41.91 25.89 48.49
CA PRO F 77 -42.03 24.47 48.11
C PRO F 77 -41.37 23.55 49.14
N GLY F 78 -42.03 23.38 50.28
CA GLY F 78 -41.62 22.46 51.31
C GLY F 78 -42.66 21.42 51.61
N SER F 79 -42.76 20.95 52.86
CA SER F 79 -43.54 19.75 53.18
C SER F 79 -44.80 20.02 53.98
N GLY F 80 -44.71 20.72 55.11
CA GLY F 80 -45.83 20.85 56.02
C GLY F 80 -46.89 21.89 55.65
N ARG F 81 -46.96 22.22 54.35
CA ARG F 81 -47.86 23.28 53.91
C ARG F 81 -49.31 22.98 54.24
N GLU F 82 -49.71 21.71 54.24
CA GLU F 82 -51.10 21.35 54.49
C GLU F 82 -51.39 21.08 55.95
N ALA F 83 -50.40 20.63 56.72
CA ALA F 83 -50.55 20.59 58.17
C ALA F 83 -50.79 21.97 58.72
N ALA F 84 -50.12 22.97 58.13
CA ALA F 84 -50.41 24.35 58.52
C ALA F 84 -51.89 24.68 58.35
N ILE F 85 -52.50 24.24 57.24
CA ILE F 85 -53.91 24.54 57.00
C ILE F 85 -54.80 23.78 57.97
N ARG F 86 -54.53 22.50 58.16
CA ARG F 86 -55.36 21.70 59.05
C ARG F 86 -55.34 22.26 60.47
N SER F 87 -54.23 22.85 60.89
CA SER F 87 -54.25 23.56 62.15
C SER F 87 -54.91 24.93 62.03
N LEU F 88 -54.92 25.52 60.84
CA LEU F 88 -55.49 26.85 60.68
C LEU F 88 -57.01 26.82 60.79
N GLN F 89 -57.64 25.73 60.35
CA GLN F 89 -59.10 25.63 60.43
C GLN F 89 -59.55 25.11 61.79
N ALA F 90 -58.96 24.02 62.25
CA ALA F 90 -59.40 23.26 63.41
C ALA F 90 -59.07 23.91 64.75
N THR F 91 -58.60 25.16 64.78
CA THR F 91 -58.55 25.93 66.03
C THR F 91 -59.36 27.21 65.92
N GLY F 92 -60.24 27.33 64.92
CA GLY F 92 -61.23 28.38 64.93
C GLY F 92 -61.44 29.21 63.67
N LEU F 93 -60.42 29.33 62.83
CA LEU F 93 -60.51 30.27 61.72
C LEU F 93 -61.40 29.71 60.61
N GLU F 94 -61.66 30.56 59.62
CA GLU F 94 -62.69 30.38 58.61
C GLU F 94 -62.09 30.42 57.21
N VAL F 95 -61.09 29.58 56.99
CA VAL F 95 -60.47 29.33 55.69
C VAL F 95 -61.51 29.24 54.58
N THR F 96 -61.28 29.94 53.47
CA THR F 96 -62.14 29.84 52.31
C THR F 96 -61.40 29.87 50.98
N ALA F 97 -60.13 30.25 50.94
CA ALA F 97 -59.36 30.25 49.70
C ALA F 97 -57.99 29.63 49.95
N ILE F 98 -57.60 28.75 49.04
CA ILE F 98 -56.23 28.26 48.94
C ILE F 98 -55.71 28.66 47.57
N ARG F 99 -54.47 29.15 47.54
CA ARG F 99 -53.80 29.52 46.30
C ARG F 99 -52.32 29.20 46.46
N ASP F 100 -51.65 28.97 45.34
CA ASP F 100 -50.21 28.74 45.35
C ASP F 100 -49.49 29.93 44.73
N VAL F 101 -48.54 30.47 45.46
CA VAL F 101 -47.71 31.57 44.99
C VAL F 101 -46.25 31.10 45.06
N THR F 102 -45.78 30.49 43.99
CA THR F 102 -44.39 30.08 43.95
C THR F 102 -43.71 30.83 42.82
N PRO F 103 -42.68 31.60 43.09
CA PRO F 103 -41.98 32.30 42.01
C PRO F 103 -41.42 31.31 41.00
N VAL F 104 -41.82 31.48 39.75
CA VAL F 104 -41.27 30.67 38.67
C VAL F 104 -40.63 31.63 37.67
N PRO F 105 -39.30 31.66 37.61
CA PRO F 105 -38.65 32.50 36.61
C PRO F 105 -38.88 31.93 35.22
N HIS F 106 -38.86 32.83 34.24
CA HIS F 106 -39.01 32.45 32.84
C HIS F 106 -37.64 32.28 32.19
N ASN F 107 -36.72 31.65 32.94
CA ASN F 107 -35.30 31.49 32.63
C ASN F 107 -34.53 32.80 32.64
N GLY F 108 -34.39 33.40 33.83
CA GLY F 108 -33.64 34.64 33.96
C GLY F 108 -32.30 34.58 34.65
N CYS F 109 -32.21 33.98 35.83
CA CYS F 109 -31.00 34.03 36.65
C CYS F 109 -30.43 32.64 36.84
N ARG F 110 -29.16 32.59 37.18
CA ARG F 110 -28.36 31.36 37.17
C ARG F 110 -28.22 30.79 38.57
N PRO F 111 -28.51 29.51 38.79
CA PRO F 111 -28.51 28.97 40.15
C PRO F 111 -27.15 28.43 40.54
N PRO F 112 -26.91 28.22 41.84
CA PRO F 112 -25.57 27.85 42.31
C PRO F 112 -25.08 26.45 41.91
N LYS F 113 -23.83 26.15 42.25
CA LYS F 113 -23.23 24.85 41.93
C LYS F 113 -24.07 23.71 42.47
N ARG F 114 -23.98 22.57 41.80
CA ARG F 114 -24.57 21.34 42.29
C ARG F 114 -23.65 20.72 43.34
N ARG F 115 -24.21 20.34 44.48
CA ARG F 115 -23.40 19.84 45.59
C ARG F 115 -22.94 18.41 45.34
N ARG F 116 -21.66 18.15 45.61
CA ARG F 116 -21.08 16.81 45.47
C ARG F 116 -20.99 16.14 46.84
N VAL F 117 -22.12 15.61 47.29
CA VAL F 117 -22.17 14.91 48.57
C VAL F 117 -22.03 13.40 48.37
N PRO G 1 -2.16 3.36 -0.90
CA PRO G 1 -2.34 4.64 -1.58
C PRO G 1 -2.80 4.46 -3.00
N THR G 2 -3.36 5.50 -3.62
CA THR G 2 -3.45 5.49 -5.06
C THR G 2 -2.04 5.43 -5.64
N ILE G 3 -1.91 4.96 -6.88
CA ILE G 3 -0.57 4.91 -7.43
C ILE G 3 -0.05 6.28 -7.82
N ASN G 4 -0.91 7.29 -7.81
CA ASN G 4 -0.43 8.65 -8.04
C ASN G 4 0.22 9.22 -6.78
N GLN G 5 -0.35 8.92 -5.62
CA GLN G 5 0.29 9.27 -4.36
C GLN G 5 1.65 8.61 -4.23
N LEU G 6 1.75 7.34 -4.64
CA LEU G 6 3.02 6.62 -4.58
C LEU G 6 4.05 7.26 -5.49
N VAL G 7 3.63 7.68 -6.67
CA VAL G 7 4.54 8.32 -7.62
C VAL G 7 4.97 9.69 -7.12
N ARG G 8 4.10 10.41 -6.41
CA ARG G 8 4.50 11.69 -5.83
C ARG G 8 5.48 11.51 -4.68
N LYS G 9 5.35 10.45 -3.92
CA LYS G 9 6.19 10.25 -2.75
C LYS G 9 6.34 8.76 -2.48
N PRO G 10 7.51 8.19 -2.77
CA PRO G 10 7.67 6.73 -2.78
C PRO G 10 7.63 6.07 -1.41
N ARG G 11 7.88 4.77 -1.38
CA ARG G 11 7.92 4.02 -0.13
C ARG G 11 9.34 4.02 0.44
N LYS G 12 9.42 4.10 1.77
CA LYS G 12 10.69 4.13 2.46
C LYS G 12 10.66 3.08 3.56
N SER G 13 11.72 2.31 3.69
CA SER G 13 11.73 1.25 4.68
C SER G 13 12.51 1.68 5.92
N LYS G 14 12.52 0.81 6.93
CA LYS G 14 13.20 1.03 8.19
C LYS G 14 14.69 0.71 8.07
N VAL G 15 15.47 1.32 8.95
CA VAL G 15 16.92 1.16 8.94
C VAL G 15 17.33 0.29 10.12
N GLU G 16 18.14 -0.73 9.84
CA GLU G 16 18.58 -1.68 10.85
C GLU G 16 19.91 -1.23 11.44
N LYS G 17 20.15 -1.62 12.69
CA LYS G 17 21.38 -1.27 13.37
C LYS G 17 21.93 -2.47 14.13
N SER G 18 23.25 -2.58 14.13
CA SER G 18 23.94 -3.63 14.86
C SER G 18 23.65 -3.55 16.35
N ASP G 19 24.00 -4.63 17.06
CA ASP G 19 24.06 -4.63 18.51
C ASP G 19 25.48 -4.79 19.01
N SER G 20 26.47 -4.65 18.15
CA SER G 20 27.88 -4.65 18.55
C SER G 20 28.56 -3.42 17.96
N PRO G 21 28.03 -2.23 18.21
CA PRO G 21 28.44 -1.08 17.40
C PRO G 21 29.87 -0.62 17.63
N ALA G 22 30.47 -0.96 18.75
CA ALA G 22 31.86 -0.62 19.00
C ALA G 22 32.82 -1.54 18.28
N LEU G 23 32.35 -2.36 17.34
CA LEU G 23 33.23 -3.19 16.56
C LEU G 23 33.32 -2.75 15.10
N ASN G 24 32.73 -1.61 14.77
CA ASN G 24 32.99 -0.87 13.53
C ASN G 24 33.68 0.44 13.93
N LYS G 25 35.00 0.42 13.95
CA LYS G 25 35.79 1.48 14.55
C LYS G 25 36.73 2.11 13.55
N GLY G 26 37.53 3.04 14.04
CA GLY G 26 38.52 3.72 13.23
C GLY G 26 39.58 4.29 14.14
N TYR G 27 40.75 4.60 13.62
CA TYR G 27 41.83 4.93 14.51
C TYR G 27 41.61 6.31 15.12
N ASN G 28 42.40 6.64 16.14
CA ASN G 28 42.55 8.01 16.60
C ASN G 28 44.01 8.39 16.60
N SER G 29 44.68 8.25 15.45
CA SER G 29 46.12 8.46 15.36
C SER G 29 46.49 9.75 14.65
N PHE G 30 46.12 9.88 13.37
CA PHE G 30 46.51 11.06 12.61
C PHE G 30 45.41 12.12 12.57
N LYS G 31 44.21 11.77 12.09
CA LYS G 31 43.14 12.76 12.00
C LYS G 31 41.92 12.42 12.85
N LYS G 32 41.22 11.32 12.59
CA LYS G 32 39.90 11.06 13.19
C LYS G 32 39.52 9.59 13.00
N THR G 33 38.26 9.27 13.29
CA THR G 33 37.80 7.88 13.38
C THR G 33 36.90 7.52 12.21
N GLN G 34 37.21 6.41 11.55
CA GLN G 34 36.63 6.04 10.26
C GLN G 34 35.69 4.85 10.43
N THR G 35 34.53 4.93 9.80
CA THR G 35 33.53 3.87 9.89
C THR G 35 33.36 3.20 8.53
N ASN G 36 34.22 2.22 8.25
CA ASN G 36 33.98 1.31 7.14
C ASN G 36 34.40 -0.12 7.46
N VAL G 37 35.03 -0.35 8.59
CA VAL G 37 36.04 -1.40 8.68
C VAL G 37 35.60 -2.48 9.65
N ASN G 38 34.35 -2.91 9.52
CA ASN G 38 33.76 -3.97 10.32
C ASN G 38 34.76 -5.04 10.68
N SER G 39 34.92 -5.27 11.98
CA SER G 39 35.85 -6.26 12.52
C SER G 39 35.09 -7.40 13.18
N PRO G 40 35.65 -8.57 13.19
CA PRO G 40 35.09 -9.64 14.00
C PRO G 40 35.50 -9.54 15.47
N GLN G 41 36.71 -9.05 15.78
CA GLN G 41 37.14 -8.80 17.15
C GLN G 41 37.92 -7.49 17.22
N LYS G 42 38.09 -7.00 18.45
CA LYS G 42 38.94 -5.86 18.78
C LYS G 42 39.68 -6.20 20.05
N ARG G 43 40.79 -5.52 20.30
CA ARG G 43 41.53 -5.77 21.52
C ARG G 43 41.61 -4.51 22.37
N GLY G 44 42.07 -4.68 23.60
CA GLY G 44 42.12 -3.57 24.52
C GLY G 44 42.84 -3.93 25.79
N VAL G 45 42.85 -2.98 26.72
CA VAL G 45 43.52 -3.12 28.01
C VAL G 45 42.47 -2.90 29.09
N CYS G 46 42.47 -3.76 30.10
CA CYS G 46 41.42 -3.75 31.09
C CYS G 46 41.76 -2.76 32.20
N THR G 47 40.90 -1.77 32.39
CA THR G 47 41.10 -0.71 33.35
C THR G 47 40.46 -0.98 34.69
N ARG G 48 39.79 -2.12 34.86
CA ARG G 48 39.28 -2.56 36.16
C ARG G 48 38.77 -3.98 36.01
N VAL G 49 38.43 -4.57 37.15
CA VAL G 49 38.03 -5.96 37.25
C VAL G 49 36.94 -6.04 38.31
N GLY G 50 36.44 -7.25 38.57
CA GLY G 50 35.53 -7.39 39.68
C GLY G 50 34.27 -8.19 39.42
N THR G 51 33.18 -7.81 40.07
CA THR G 51 31.99 -8.63 40.10
C THR G 51 30.76 -7.73 40.13
N MET G 52 29.61 -8.31 39.74
CA MET G 52 28.35 -7.60 39.79
C MET G 52 27.21 -8.62 39.86
N THR G 53 26.04 -8.13 40.32
CA THR G 53 24.88 -8.95 40.66
C THR G 53 23.82 -8.87 39.57
N PRO G 54 23.24 -10.00 39.18
CA PRO G 54 22.32 -10.00 38.03
C PRO G 54 20.96 -9.40 38.28
N LYS G 55 20.11 -9.48 37.27
CA LYS G 55 18.77 -8.92 37.25
C LYS G 55 17.81 -9.83 38.00
N LYS G 56 16.52 -9.66 37.76
CA LYS G 56 15.44 -10.44 38.37
C LYS G 56 15.00 -11.55 37.44
N PRO G 57 14.88 -12.82 37.87
CA PRO G 57 15.10 -13.36 39.21
C PRO G 57 16.34 -14.22 39.40
N ASN G 58 17.43 -13.91 38.72
CA ASN G 58 18.66 -14.66 38.95
C ASN G 58 19.36 -14.18 40.20
N SER G 59 20.43 -14.87 40.57
CA SER G 59 21.17 -14.52 41.79
C SER G 59 22.58 -15.07 41.67
N ALA G 60 23.57 -14.18 41.60
CA ALA G 60 24.97 -14.58 41.53
C ALA G 60 25.85 -13.34 41.67
N LEU G 61 27.16 -13.54 41.50
CA LEU G 61 28.11 -12.45 41.39
C LEU G 61 28.90 -12.73 40.12
N ARG G 62 28.56 -12.05 39.04
CA ARG G 62 29.09 -12.36 37.72
C ARG G 62 30.32 -11.52 37.42
N LYS G 63 31.40 -12.17 36.99
CA LYS G 63 32.68 -11.51 36.77
C LYS G 63 32.67 -10.72 35.46
N TYR G 64 33.35 -9.58 35.47
CA TYR G 64 33.35 -8.67 34.33
C TYR G 64 34.61 -7.82 34.36
N ALA G 65 34.79 -7.00 33.33
CA ALA G 65 35.91 -6.08 33.24
C ALA G 65 35.45 -4.83 32.49
N ARG G 66 36.25 -3.78 32.57
CA ARG G 66 36.07 -2.63 31.70
C ARG G 66 37.33 -2.46 30.87
N VAL G 67 37.14 -2.16 29.60
CA VAL G 67 38.21 -2.30 28.63
C VAL G 67 38.20 -1.08 27.72
N ARG G 68 39.38 -0.56 27.43
CA ARG G 68 39.52 0.53 26.48
C ARG G 68 40.06 -0.07 25.19
N LEU G 69 39.44 0.28 24.07
CA LEU G 69 39.73 -0.38 22.83
C LEU G 69 40.66 0.47 21.96
N SER G 70 41.25 -0.17 20.95
CA SER G 70 42.22 0.50 20.09
C SER G 70 41.68 1.79 19.50
N ASN G 71 40.38 1.87 19.28
CA ASN G 71 39.77 3.07 18.73
C ASN G 71 39.33 4.03 19.82
N LEU G 72 39.61 3.72 21.08
CA LEU G 72 39.42 4.64 22.19
C LEU G 72 37.94 4.92 22.43
N ILE G 73 37.14 3.86 22.57
CA ILE G 73 35.82 3.95 23.15
C ILE G 73 35.67 2.81 24.13
N GLU G 74 34.98 3.07 25.23
CA GLU G 74 35.01 2.20 26.39
C GLU G 74 33.70 1.45 26.56
N VAL G 75 33.83 0.18 26.96
CA VAL G 75 32.72 -0.74 27.08
C VAL G 75 33.11 -1.74 28.15
N THR G 76 32.11 -2.35 28.77
CA THR G 76 32.34 -3.44 29.69
C THR G 76 32.06 -4.77 29.00
N ALA G 77 32.70 -5.82 29.49
CA ALA G 77 32.70 -7.11 28.81
C ALA G 77 32.73 -8.25 29.83
N TYR G 78 31.95 -9.29 29.56
CA TYR G 78 31.85 -10.43 30.45
C TYR G 78 33.04 -11.36 30.24
N ILE G 79 33.52 -11.93 31.32
CA ILE G 79 34.59 -12.93 31.27
C ILE G 79 33.98 -14.27 31.69
N PRO G 80 33.86 -15.24 30.78
CA PRO G 80 33.14 -16.47 31.11
C PRO G 80 34.03 -17.59 31.67
N GLY G 81 33.45 -18.78 31.85
CA GLY G 81 34.18 -19.90 32.38
C GLY G 81 34.27 -19.87 33.90
N ILE G 82 34.97 -20.86 34.45
CA ILE G 82 35.18 -20.98 35.89
C ILE G 82 36.64 -20.59 36.16
N GLY G 83 36.85 -19.40 36.70
CA GLY G 83 38.17 -19.01 37.17
C GLY G 83 39.08 -18.42 36.12
N HIS G 84 39.55 -17.20 36.33
CA HIS G 84 40.41 -16.54 35.35
C HIS G 84 41.72 -16.07 35.97
N ASN G 85 42.48 -15.25 35.24
CA ASN G 85 43.75 -14.69 35.70
C ASN G 85 43.93 -13.25 35.22
N LEU G 86 42.86 -12.46 35.19
CA LEU G 86 42.93 -11.12 34.63
C LEU G 86 43.12 -10.08 35.71
N GLN G 87 44.14 -9.24 35.57
CA GLN G 87 44.41 -8.14 36.48
C GLN G 87 44.52 -6.84 35.71
N GLU G 88 44.53 -5.73 36.44
CA GLU G 88 44.63 -4.39 35.87
C GLU G 88 45.79 -4.29 34.88
N HIS G 89 45.50 -3.72 33.71
CA HIS G 89 46.50 -3.42 32.67
C HIS G 89 46.99 -4.69 31.95
N SER G 90 46.13 -5.67 31.79
CA SER G 90 46.44 -6.82 30.95
C SER G 90 45.60 -6.73 29.69
N VAL G 91 46.18 -7.16 28.57
CA VAL G 91 45.60 -6.90 27.25
C VAL G 91 44.80 -8.12 26.81
N VAL G 92 43.61 -7.86 26.27
CA VAL G 92 42.57 -8.85 26.10
C VAL G 92 41.96 -8.68 24.71
N LEU G 93 41.08 -9.61 24.32
CA LEU G 93 40.42 -9.61 23.02
C LEU G 93 38.93 -9.83 23.19
N LEU G 94 38.12 -9.05 22.48
CA LEU G 94 36.68 -9.06 22.61
C LEU G 94 35.99 -9.59 21.36
N ARG G 95 34.89 -10.28 21.55
CA ARG G 95 34.01 -10.71 20.48
C ARG G 95 32.59 -10.32 20.83
N GLY G 96 31.71 -10.42 19.87
CA GLY G 96 30.33 -10.07 20.11
C GLY G 96 29.58 -11.14 20.88
N GLY G 97 28.46 -10.74 21.44
CA GLY G 97 27.71 -11.60 22.31
C GLY G 97 27.24 -10.82 23.51
N ARG G 98 25.94 -10.75 23.72
CA ARG G 98 25.38 -9.95 24.80
C ARG G 98 24.89 -10.86 25.91
N VAL G 99 25.19 -10.49 27.14
CA VAL G 99 24.76 -11.23 28.32
C VAL G 99 23.42 -10.67 28.79
N LYS G 100 22.55 -11.54 29.29
CA LYS G 100 21.24 -11.14 29.80
C LYS G 100 21.19 -11.10 31.32
N ASP G 101 22.27 -10.65 31.95
CA ASP G 101 22.35 -10.53 33.40
C ASP G 101 22.04 -9.11 33.88
N LEU G 102 22.63 -8.11 33.24
CA LEU G 102 22.49 -6.71 33.62
C LEU G 102 22.67 -5.87 32.37
N PRO G 103 22.23 -4.62 32.39
CA PRO G 103 22.41 -3.76 31.21
C PRO G 103 23.86 -3.37 31.04
N GLY G 104 24.15 -2.83 29.86
CA GLY G 104 25.43 -2.21 29.58
C GLY G 104 26.55 -3.16 29.19
N VAL G 105 26.29 -4.45 29.09
CA VAL G 105 27.32 -5.40 28.68
C VAL G 105 26.85 -6.06 27.38
N ARG G 106 27.69 -5.96 26.33
CA ARG G 106 27.37 -6.45 25.01
C ARG G 106 28.48 -7.28 24.38
N TYR G 107 29.52 -7.65 25.12
CA TYR G 107 30.67 -8.31 24.51
C TYR G 107 31.11 -9.44 25.41
N HIS G 108 31.93 -10.33 24.86
CA HIS G 108 32.58 -11.41 25.59
C HIS G 108 34.08 -11.31 25.36
N ILE G 109 34.87 -11.63 26.35
CA ILE G 109 36.28 -11.80 26.06
C ILE G 109 36.47 -13.24 25.62
N VAL G 110 37.48 -13.49 24.80
CA VAL G 110 37.74 -14.83 24.30
C VAL G 110 38.91 -15.41 25.07
N ARG G 111 38.71 -16.60 25.62
CA ARG G 111 39.70 -17.21 26.50
C ARG G 111 40.86 -17.79 25.71
N GLY G 112 42.05 -17.63 26.25
CA GLY G 112 43.23 -18.21 25.64
C GLY G 112 43.65 -17.58 24.33
N ALA G 113 43.60 -16.26 24.22
CA ALA G 113 43.91 -15.57 22.98
C ALA G 113 44.95 -14.48 23.11
N LEU G 114 45.18 -13.97 24.31
CA LEU G 114 46.21 -12.99 24.63
C LEU G 114 46.56 -13.26 26.09
N ASP G 115 46.92 -12.23 26.84
CA ASP G 115 47.15 -12.40 28.27
C ASP G 115 46.12 -13.26 29.00
N THR G 116 44.89 -13.32 28.53
CA THR G 116 43.89 -14.18 29.15
C THR G 116 44.21 -15.65 28.91
N ALA G 117 43.76 -16.51 29.84
CA ALA G 117 44.19 -17.90 29.85
C ALA G 117 43.00 -18.86 29.85
N GLY G 118 43.19 -20.00 29.19
CA GLY G 118 42.15 -21.00 29.17
C GLY G 118 41.88 -21.59 30.53
N VAL G 119 40.65 -22.06 30.72
CA VAL G 119 40.24 -22.64 32.00
C VAL G 119 40.80 -24.05 32.09
N ASN G 120 41.17 -24.46 33.31
CA ASN G 120 42.06 -25.59 33.52
C ASN G 120 41.40 -26.78 34.21
N ASP G 121 40.15 -27.04 33.90
CA ASP G 121 39.57 -28.33 34.20
C ASP G 121 38.86 -28.95 33.02
N ARG G 122 38.54 -28.17 32.00
CA ARG G 122 37.52 -28.58 31.06
C ARG G 122 37.92 -29.84 30.33
N LYS G 123 36.90 -30.63 29.99
CA LYS G 123 37.10 -31.82 29.21
C LYS G 123 36.10 -31.95 28.09
N GLN G 124 35.10 -31.09 27.98
CA GLN G 124 33.99 -31.40 27.09
C GLN G 124 33.74 -30.39 25.98
N SER G 125 33.94 -29.11 26.19
CA SER G 125 33.82 -28.16 25.07
C SER G 125 34.99 -27.19 25.08
N ARG G 126 36.20 -27.73 25.06
CA ARG G 126 37.43 -26.97 25.19
C ARG G 126 37.71 -26.03 24.02
N SER G 127 37.02 -26.16 22.90
CA SER G 127 37.26 -25.24 21.80
C SER G 127 36.78 -23.84 22.13
N LYS G 128 35.63 -23.72 22.79
CA LYS G 128 35.38 -22.55 23.61
C LYS G 128 36.19 -22.69 24.89
N TYR G 129 36.37 -21.60 25.61
CA TYR G 129 37.14 -21.59 26.86
C TYR G 129 38.63 -21.81 26.65
N GLY G 130 39.08 -22.10 25.42
CA GLY G 130 40.49 -22.14 25.10
C GLY G 130 41.35 -23.10 25.88
N THR G 131 40.93 -24.34 26.01
CA THR G 131 41.69 -25.37 26.69
C THR G 131 42.34 -26.27 25.66
N LYS G 132 43.59 -26.63 25.89
CA LYS G 132 44.24 -27.56 24.98
C LYS G 132 43.91 -28.98 25.36
N ARG G 133 44.16 -29.89 24.43
CA ARG G 133 43.80 -31.29 24.61
C ARG G 133 44.73 -31.95 25.61
N PRO G 134 44.22 -32.51 26.70
CA PRO G 134 45.10 -33.15 27.68
C PRO G 134 45.25 -34.65 27.44
N LYS G 135 46.47 -35.14 27.68
CA LYS G 135 46.66 -36.59 27.73
C LYS G 135 45.95 -37.20 28.93
N ALA G 136 45.57 -36.38 29.90
CA ALA G 136 44.79 -36.80 31.06
C ALA G 136 45.50 -37.87 31.86
N ALA H 1 -29.59 38.84 -5.71
CA ALA H 1 -30.14 39.95 -4.95
C ALA H 1 -30.89 40.91 -5.86
N ILE H 2 -30.44 41.00 -7.12
CA ILE H 2 -31.11 41.89 -8.06
C ILE H 2 -32.56 41.46 -8.23
N SER H 3 -33.41 42.42 -8.52
CA SER H 3 -34.83 42.14 -8.70
C SER H 3 -35.02 41.24 -9.92
N GLN H 4 -36.27 40.86 -10.17
CA GLN H 4 -36.56 40.03 -11.33
C GLN H 4 -36.82 40.85 -12.58
N GLU H 5 -36.78 42.18 -12.49
CA GLU H 5 -36.85 43.04 -13.65
C GLU H 5 -35.47 43.49 -14.12
N ARG H 6 -34.57 43.77 -13.18
CA ARG H 6 -33.16 43.97 -13.55
C ARG H 6 -32.61 42.75 -14.27
N LYS H 7 -32.93 41.57 -13.77
CA LYS H 7 -32.36 40.35 -14.34
C LYS H 7 -32.76 40.20 -15.80
N ASN H 8 -34.06 40.28 -16.09
CA ASN H 8 -34.50 40.16 -17.47
C ASN H 8 -34.03 41.34 -18.32
N GLU H 9 -33.93 42.52 -17.70
CA GLU H 9 -33.36 43.68 -18.37
C GLU H 9 -31.97 43.40 -18.89
N ILE H 10 -31.15 42.70 -18.11
CA ILE H 10 -29.76 42.45 -18.54
C ILE H 10 -29.58 41.11 -19.25
N ILE H 11 -30.56 40.22 -19.24
CA ILE H 11 -30.45 39.06 -20.12
C ILE H 11 -31.09 39.33 -21.47
N LYS H 12 -31.80 40.43 -21.64
CA LYS H 12 -32.25 40.80 -22.98
C LYS H 12 -31.23 41.58 -23.78
N GLU H 13 -30.02 41.80 -23.28
CA GLU H 13 -28.99 42.47 -24.07
C GLU H 13 -27.71 41.68 -24.25
N TYR H 14 -27.53 40.58 -23.52
CA TYR H 14 -26.42 39.67 -23.79
C TYR H 14 -26.90 38.38 -24.41
N ALA H 15 -28.19 38.26 -24.72
CA ALA H 15 -28.66 37.14 -25.51
C ALA H 15 -27.99 37.14 -26.87
N ARG H 16 -28.10 36.03 -27.60
CA ARG H 16 -27.56 35.95 -28.94
C ARG H 16 -28.66 35.76 -29.98
N HIS H 17 -29.44 34.70 -29.87
CA HIS H 17 -30.71 34.60 -30.56
C HIS H 17 -31.80 34.94 -29.55
N GLU H 18 -33.06 34.72 -29.92
CA GLU H 18 -34.14 34.90 -28.95
C GLU H 18 -34.29 33.63 -28.12
N GLY H 19 -34.82 33.80 -26.91
CA GLY H 19 -34.99 32.69 -25.97
C GLY H 19 -33.67 32.14 -25.46
N ASP H 20 -32.79 33.01 -24.99
CA ASP H 20 -31.37 32.70 -24.87
C ASP H 20 -30.88 32.93 -23.44
N THR H 21 -31.47 32.23 -22.49
CA THR H 21 -31.08 32.39 -21.10
C THR H 21 -29.80 31.65 -20.72
N GLY H 22 -29.29 30.76 -21.57
CA GLY H 22 -28.09 29.99 -21.27
C GLY H 22 -26.85 30.73 -21.72
N SER H 23 -26.00 30.15 -22.58
CA SER H 23 -25.04 30.97 -23.30
C SER H 23 -24.09 31.77 -22.41
N PRO H 24 -22.96 31.21 -22.00
CA PRO H 24 -22.15 31.82 -20.93
C PRO H 24 -22.03 33.34 -20.89
N GLU H 25 -22.34 34.06 -21.96
CA GLU H 25 -22.44 35.52 -21.84
C GLU H 25 -23.48 35.92 -20.81
N VAL H 26 -24.71 35.40 -20.96
CA VAL H 26 -25.80 35.73 -20.05
C VAL H 26 -25.41 35.43 -18.61
N GLN H 27 -24.83 34.25 -18.39
CA GLN H 27 -24.58 33.79 -17.04
C GLN H 27 -23.51 34.62 -16.37
N ILE H 28 -22.44 34.98 -17.09
CA ILE H 28 -21.41 35.76 -16.41
C ILE H 28 -21.86 37.21 -16.22
N ALA H 29 -22.71 37.73 -17.10
CA ALA H 29 -23.22 39.09 -16.88
C ALA H 29 -24.11 39.15 -15.65
N VAL H 30 -25.05 38.21 -15.52
CA VAL H 30 -25.94 38.20 -14.36
C VAL H 30 -25.16 37.94 -13.07
N LEU H 31 -24.17 37.05 -13.14
CA LEU H 31 -23.33 36.83 -11.97
C LEU H 31 -22.53 38.07 -11.62
N THR H 32 -22.17 38.88 -12.60
CA THR H 32 -21.41 40.10 -12.32
C THR H 32 -22.28 41.10 -11.57
N GLU H 33 -23.54 41.25 -11.99
CA GLU H 33 -24.45 42.10 -11.25
C GLU H 33 -24.59 41.64 -9.80
N ASP H 34 -24.77 40.33 -9.60
CA ASP H 34 -24.86 39.80 -8.24
C ASP H 34 -23.62 40.09 -7.41
N ILE H 35 -22.43 39.85 -7.98
CA ILE H 35 -21.24 40.02 -7.17
C ILE H 35 -21.05 41.48 -6.79
N ASN H 36 -21.40 42.41 -7.66
CA ASN H 36 -21.30 43.82 -7.29
C ASN H 36 -22.22 44.14 -6.12
N GLN H 37 -23.48 43.73 -6.20
CA GLN H 37 -24.39 44.07 -5.11
C GLN H 37 -23.94 43.45 -3.79
N LEU H 38 -23.46 42.20 -3.84
CA LEU H 38 -23.04 41.55 -2.61
C LEU H 38 -21.80 42.20 -2.03
N ASN H 39 -20.91 42.73 -2.87
CA ASN H 39 -19.76 43.47 -2.36
C ASN H 39 -20.22 44.72 -1.62
N GLU H 40 -21.24 45.40 -2.13
CA GLU H 40 -21.81 46.53 -1.39
C GLU H 40 -22.31 46.08 -0.02
N HIS H 41 -23.13 45.04 0.00
CA HIS H 41 -23.69 44.56 1.26
C HIS H 41 -22.60 44.16 2.24
N ALA H 42 -21.49 43.61 1.74
CA ALA H 42 -20.42 43.19 2.64
C ALA H 42 -19.72 44.39 3.24
N ARG H 43 -19.41 45.39 2.42
CA ARG H 43 -18.83 46.63 2.95
C ARG H 43 -19.69 47.20 4.06
N THR H 44 -21.00 47.15 3.92
CA THR H 44 -21.85 47.66 5.00
C THR H 44 -21.84 46.70 6.20
N HIS H 45 -22.10 45.41 5.97
CA HIS H 45 -22.16 44.38 7.02
C HIS H 45 -20.94 43.45 6.90
N LYS H 46 -19.80 43.92 7.38
CA LYS H 46 -18.55 43.20 7.16
C LYS H 46 -18.31 42.04 8.12
N LYS H 47 -19.16 41.83 9.12
CA LYS H 47 -19.09 40.63 9.94
C LYS H 47 -20.25 39.67 9.68
N ASP H 48 -20.82 39.73 8.48
CA ASP H 48 -21.74 38.70 8.02
C ASP H 48 -20.93 37.64 7.28
N HIS H 49 -20.30 36.77 8.06
CA HIS H 49 -19.46 35.72 7.48
C HIS H 49 -20.27 34.67 6.74
N HIS H 50 -21.56 34.54 7.04
CA HIS H 50 -22.37 33.51 6.41
C HIS H 50 -22.84 33.88 5.00
N SER H 51 -22.90 35.17 4.67
CA SER H 51 -23.17 35.60 3.29
C SER H 51 -21.91 35.68 2.43
N TYR H 52 -20.76 35.83 3.06
CA TYR H 52 -19.51 35.85 2.31
C TYR H 52 -19.22 34.51 1.65
N ARG H 53 -19.68 33.41 2.25
CA ARG H 53 -19.59 32.10 1.63
C ARG H 53 -20.24 32.10 0.26
N GLY H 54 -21.48 32.60 0.18
CA GLY H 54 -22.16 32.67 -1.10
C GLY H 54 -21.47 33.59 -2.10
N LEU H 55 -20.98 34.73 -1.62
CA LEU H 55 -20.17 35.60 -2.49
C LEU H 55 -19.04 34.81 -3.16
N MET H 56 -18.25 34.10 -2.35
CA MET H 56 -17.10 33.39 -2.88
C MET H 56 -17.53 32.30 -3.86
N LYS H 57 -18.65 31.63 -3.60
CA LYS H 57 -19.08 30.59 -4.52
C LYS H 57 -19.53 31.17 -5.86
N LYS H 58 -20.16 32.35 -5.85
CA LYS H 58 -20.48 33.02 -7.11
C LYS H 58 -19.21 33.34 -7.88
N ILE H 59 -18.18 33.81 -7.18
CA ILE H 59 -16.93 34.15 -7.87
C ILE H 59 -16.32 32.91 -8.52
N GLY H 60 -16.31 31.79 -7.80
CA GLY H 60 -15.82 30.55 -8.40
C GLY H 60 -16.59 30.16 -9.64
N HIS H 61 -17.91 30.23 -9.59
CA HIS H 61 -18.73 29.88 -10.75
C HIS H 61 -18.41 30.73 -11.97
N ARG H 62 -18.29 32.05 -11.77
CA ARG H 62 -17.99 32.93 -12.90
C ARG H 62 -16.63 32.64 -13.50
N ARG H 63 -15.60 32.46 -12.66
CA ARG H 63 -14.27 32.18 -13.19
C ARG H 63 -14.26 30.87 -13.99
N ASN H 64 -15.00 29.87 -13.53
CA ASN H 64 -15.08 28.62 -14.28
C ASN H 64 -15.72 28.81 -15.65
N LEU H 65 -16.83 29.55 -15.71
CA LEU H 65 -17.48 29.74 -17.00
C LEU H 65 -16.63 30.57 -17.95
N LEU H 66 -15.86 31.52 -17.41
CA LEU H 66 -14.91 32.27 -18.23
C LEU H 66 -13.86 31.35 -18.84
N ALA H 67 -13.31 30.44 -18.03
CA ALA H 67 -12.32 29.50 -18.56
C ALA H 67 -12.91 28.71 -19.70
N TYR H 68 -14.14 28.22 -19.54
CA TYR H 68 -14.76 27.46 -20.62
C TYR H 68 -14.87 28.29 -21.88
N LEU H 69 -15.43 29.50 -21.77
CA LEU H 69 -15.63 30.33 -22.97
C LEU H 69 -14.33 30.57 -23.69
N ARG H 70 -13.26 30.85 -22.94
CA ARG H 70 -11.96 31.07 -23.58
C ARG H 70 -11.48 29.82 -24.32
N LYS H 71 -11.48 28.67 -23.65
CA LYS H 71 -10.90 27.49 -24.28
C LYS H 71 -11.61 27.06 -25.56
N THR H 72 -12.76 27.64 -25.91
CA THR H 72 -13.48 27.22 -27.10
C THR H 72 -13.65 28.29 -28.14
N ASP H 73 -13.64 29.58 -27.76
CA ASP H 73 -13.73 30.66 -28.74
C ASP H 73 -13.12 31.90 -28.12
N ILE H 74 -11.95 32.28 -28.61
CA ILE H 74 -11.24 33.43 -28.04
C ILE H 74 -11.84 34.74 -28.47
N GLN H 75 -12.47 34.78 -29.65
CA GLN H 75 -13.07 36.01 -30.14
C GLN H 75 -14.22 36.46 -29.25
N ARG H 76 -15.18 35.57 -29.01
CA ARG H 76 -16.27 35.86 -28.10
C ARG H 76 -15.74 36.25 -26.72
N TYR H 77 -14.69 35.57 -26.27
CA TYR H 77 -14.13 35.87 -24.95
C TYR H 77 -13.61 37.31 -24.89
N ARG H 78 -12.77 37.69 -25.85
CA ARG H 78 -12.21 39.03 -25.84
C ARG H 78 -13.30 40.08 -25.94
N GLU H 79 -14.25 39.87 -26.85
CA GLU H 79 -15.30 40.85 -27.05
C GLU H 79 -16.12 41.03 -25.77
N LEU H 80 -16.49 39.92 -25.13
CA LEU H 80 -17.17 40.01 -23.84
C LEU H 80 -16.33 40.82 -22.86
N ILE H 81 -15.16 40.29 -22.48
CA ILE H 81 -14.41 40.88 -21.38
C ILE H 81 -14.05 42.33 -21.66
N GLN H 82 -14.13 42.77 -22.92
CA GLN H 82 -14.10 44.21 -23.16
C GLN H 82 -15.42 44.86 -22.80
N ARG H 83 -16.53 44.26 -23.26
CA ARG H 83 -17.84 44.85 -23.06
C ARG H 83 -18.22 44.96 -21.59
N LEU H 84 -17.78 44.02 -20.76
CA LEU H 84 -18.26 43.96 -19.39
C LEU H 84 -17.39 44.70 -18.38
N GLY H 85 -16.13 44.98 -18.71
CA GLY H 85 -15.31 45.82 -17.87
C GLY H 85 -14.66 45.11 -16.71
N LEU H 86 -13.80 44.15 -17.02
CA LEU H 86 -13.05 43.40 -16.02
C LEU H 86 -11.72 43.03 -16.65
N ARG H 87 -11.10 41.96 -16.15
CA ARG H 87 -9.79 41.51 -16.61
C ARG H 87 -8.73 42.56 -16.28
N ARG H 88 -8.56 42.78 -14.98
CA ARG H 88 -7.61 43.74 -14.42
C ARG H 88 -6.15 43.41 -14.74
N ALA I 1 50.77 -0.40 -36.38
CA ALA I 1 51.48 -1.66 -36.33
C ALA I 1 50.52 -2.75 -35.90
N VAL I 2 49.57 -3.06 -36.77
CA VAL I 2 48.69 -4.21 -36.53
C VAL I 2 49.51 -5.49 -36.67
N LYS I 3 49.22 -6.44 -35.80
CA LYS I 3 49.95 -7.69 -35.71
C LYS I 3 48.98 -8.86 -35.78
N ILE I 4 49.54 -10.05 -35.94
CA ILE I 4 48.81 -11.32 -35.86
C ILE I 4 49.64 -12.21 -34.97
N ARG I 5 49.19 -12.42 -33.73
CA ARG I 5 50.02 -13.04 -32.71
C ARG I 5 49.18 -13.96 -31.86
N LEU I 6 49.86 -14.70 -30.99
CA LEU I 6 49.26 -15.72 -30.15
C LEU I 6 48.92 -15.18 -28.77
N LYS I 7 47.96 -15.83 -28.13
CA LYS I 7 47.37 -15.36 -26.89
C LYS I 7 47.10 -16.56 -25.97
N ARG I 8 47.67 -16.56 -24.78
CA ARG I 8 47.69 -17.78 -23.96
C ARG I 8 46.37 -17.98 -23.22
N MET I 9 45.87 -19.22 -23.24
CA MET I 9 44.58 -19.56 -22.68
C MET I 9 44.53 -20.94 -22.03
N GLY I 10 45.60 -21.39 -21.39
CA GLY I 10 45.63 -22.69 -20.75
C GLY I 10 45.18 -22.67 -19.30
N SER I 11 45.78 -23.54 -18.48
CA SER I 11 45.56 -23.45 -17.04
C SER I 11 46.85 -23.15 -16.28
N LYS I 12 47.79 -24.10 -16.18
CA LYS I 12 49.07 -23.71 -15.62
C LYS I 12 50.20 -24.32 -16.40
N LYS I 13 50.11 -25.59 -16.75
CA LYS I 13 51.15 -26.23 -17.54
C LYS I 13 50.55 -26.99 -18.71
N SER I 14 49.36 -26.57 -19.15
CA SER I 14 48.73 -27.08 -20.36
C SER I 14 48.25 -25.88 -21.16
N PRO I 15 49.15 -25.26 -21.91
CA PRO I 15 48.78 -24.03 -22.62
C PRO I 15 47.94 -24.28 -23.86
N PHE I 16 47.20 -23.25 -24.23
CA PHE I 16 46.38 -23.21 -25.43
C PHE I 16 46.50 -21.80 -25.99
N TYR I 17 46.31 -21.63 -27.30
CA TYR I 17 46.46 -20.31 -27.90
C TYR I 17 45.33 -19.99 -28.88
N ARG I 18 44.86 -18.75 -28.84
CA ARG I 18 43.99 -18.19 -29.86
C ARG I 18 44.79 -17.31 -30.81
N ILE I 19 44.56 -17.44 -32.10
CA ILE I 19 45.24 -16.62 -33.08
C ILE I 19 44.42 -15.36 -33.28
N VAL I 20 45.04 -14.22 -33.05
CA VAL I 20 44.29 -12.97 -32.88
C VAL I 20 45.03 -11.85 -33.58
N VAL I 21 44.27 -10.86 -34.06
CA VAL I 21 44.84 -9.67 -34.70
C VAL I 21 44.65 -8.49 -33.76
N ALA I 22 45.74 -7.88 -33.34
CA ALA I 22 45.73 -6.87 -32.29
C ALA I 22 46.67 -5.73 -32.63
N ASP I 23 46.36 -4.55 -32.09
CA ASP I 23 47.30 -3.45 -32.08
C ASP I 23 48.50 -3.80 -31.21
N SER I 24 49.69 -3.44 -31.66
CA SER I 24 50.89 -3.98 -31.01
C SER I 24 51.14 -3.39 -29.63
N ARG I 25 50.54 -2.25 -29.30
CA ARG I 25 50.68 -1.66 -27.99
C ARG I 25 49.88 -2.38 -26.91
N SER I 26 48.93 -3.22 -27.29
CA SER I 26 48.04 -3.84 -26.33
C SER I 26 48.74 -4.90 -25.50
N PRO I 27 48.19 -5.23 -24.34
CA PRO I 27 48.76 -6.32 -23.54
C PRO I 27 48.51 -7.66 -24.22
N ARG I 28 49.35 -8.65 -23.88
CA ARG I 28 49.24 -9.94 -24.55
C ARG I 28 47.86 -10.56 -24.36
N ASP I 29 47.28 -10.41 -23.18
CA ASP I 29 45.97 -10.98 -22.91
C ASP I 29 44.88 -9.93 -22.79
N GLY I 30 45.16 -8.69 -23.19
CA GLY I 30 44.19 -7.61 -23.11
C GLY I 30 43.35 -7.47 -24.35
N ARG I 31 43.19 -6.24 -24.84
CA ARG I 31 42.23 -5.98 -25.89
C ARG I 31 42.78 -6.37 -27.26
N PHE I 32 41.89 -6.73 -28.16
CA PHE I 32 42.25 -7.13 -29.51
C PHE I 32 41.16 -6.69 -30.46
N ILE I 33 41.37 -6.89 -31.75
CA ILE I 33 40.43 -6.48 -32.77
C ILE I 33 39.48 -7.59 -33.16
N GLU I 34 40.00 -8.77 -33.48
CA GLU I 34 39.16 -9.94 -33.67
C GLU I 34 40.03 -11.19 -33.61
N THR I 35 39.38 -12.34 -33.51
CA THR I 35 40.07 -13.61 -33.41
C THR I 35 40.03 -14.35 -34.73
N VAL I 36 41.13 -14.98 -35.08
CA VAL I 36 41.31 -15.62 -36.39
C VAL I 36 41.93 -16.99 -36.15
N GLY I 37 41.11 -17.98 -35.85
CA GLY I 37 41.63 -19.33 -35.70
C GLY I 37 42.12 -19.71 -34.32
N THR I 38 42.75 -20.89 -34.25
CA THR I 38 43.14 -21.52 -32.99
C THR I 38 44.39 -22.36 -33.21
N TYR I 39 45.13 -22.62 -32.13
CA TYR I 39 46.38 -23.37 -32.25
C TYR I 39 46.71 -24.09 -30.95
N ASN I 40 47.13 -25.35 -31.06
CA ASN I 40 47.30 -26.24 -29.91
C ASN I 40 48.69 -26.87 -29.90
N PRO I 41 49.60 -26.38 -29.05
CA PRO I 41 50.97 -26.92 -29.05
C PRO I 41 51.10 -28.36 -28.59
N LEU I 42 50.18 -28.89 -27.79
CA LEU I 42 50.20 -30.31 -27.46
C LEU I 42 49.59 -31.03 -28.66
N LYS I 43 49.13 -32.27 -28.51
CA LYS I 43 48.44 -32.95 -29.61
C LYS I 43 49.39 -33.14 -30.81
N ASP I 44 50.28 -34.12 -30.66
CA ASP I 44 51.60 -34.23 -31.31
C ASP I 44 51.70 -33.68 -32.73
N PRO I 45 50.87 -34.04 -33.71
CA PRO I 45 50.77 -33.14 -34.87
C PRO I 45 49.84 -32.00 -34.51
N ALA I 46 50.40 -30.82 -34.20
CA ALA I 46 49.65 -29.77 -33.55
C ALA I 46 48.43 -29.38 -34.35
N GLU I 47 47.36 -29.00 -33.65
CA GLU I 47 46.09 -28.69 -34.28
C GLU I 47 46.00 -27.20 -34.60
N VAL I 48 45.73 -26.89 -35.85
CA VAL I 48 45.41 -25.53 -36.27
C VAL I 48 44.03 -25.54 -36.90
N VAL I 49 43.18 -24.64 -36.44
CA VAL I 49 41.95 -24.26 -37.11
C VAL I 49 42.09 -22.78 -37.43
N LEU I 50 41.65 -22.37 -38.61
CA LEU I 50 41.61 -20.95 -38.90
C LEU I 50 40.74 -20.70 -40.11
N LYS I 51 40.24 -19.47 -40.19
CA LYS I 51 39.26 -19.10 -41.19
C LYS I 51 39.88 -18.91 -42.57
N GLU I 52 41.06 -18.29 -42.64
CA GLU I 52 41.88 -18.12 -43.83
C GLU I 52 41.21 -17.29 -44.92
N ASP I 53 40.02 -16.77 -44.69
CA ASP I 53 39.46 -15.72 -45.53
C ASP I 53 39.51 -14.35 -44.88
N LEU I 54 39.76 -14.29 -43.57
CA LEU I 54 40.09 -13.04 -42.90
C LEU I 54 41.59 -12.83 -42.80
N VAL I 55 42.36 -13.91 -42.77
CA VAL I 55 43.81 -13.79 -42.75
C VAL I 55 44.29 -13.16 -44.04
N LEU I 56 43.73 -13.59 -45.17
CA LEU I 56 44.09 -13.00 -46.44
C LEU I 56 43.60 -11.57 -46.57
N ASP I 57 42.58 -11.18 -45.82
CA ASP I 57 42.12 -9.79 -45.91
C ASP I 57 42.93 -8.87 -45.02
N TRP I 58 43.31 -9.33 -43.83
CA TRP I 58 44.16 -8.52 -42.97
C TRP I 58 45.56 -8.41 -43.54
N LEU I 59 46.08 -9.50 -44.12
CA LEU I 59 47.42 -9.45 -44.68
C LEU I 59 47.54 -8.41 -45.77
N SER I 60 46.51 -8.26 -46.60
CA SER I 60 46.54 -7.31 -47.70
C SER I 60 46.31 -5.88 -47.24
N LYS I 61 46.03 -5.66 -45.95
CA LYS I 61 45.84 -4.32 -45.42
C LYS I 61 47.02 -3.86 -44.58
N GLY I 62 48.08 -4.66 -44.50
CA GLY I 62 49.27 -4.26 -43.79
C GLY I 62 49.48 -4.90 -42.45
N ALA I 63 48.63 -5.82 -42.03
CA ALA I 63 48.92 -6.57 -40.81
C ALA I 63 50.16 -7.42 -41.02
N GLN I 64 50.81 -7.77 -39.91
CA GLN I 64 52.05 -8.51 -39.96
C GLN I 64 52.10 -9.64 -38.95
N PRO I 65 52.52 -10.83 -39.33
CA PRO I 65 52.56 -11.95 -38.40
C PRO I 65 53.80 -11.95 -37.52
N SER I 66 53.67 -12.60 -36.38
CA SER I 66 54.83 -12.93 -35.58
C SER I 66 55.54 -14.13 -36.20
N ASP I 67 56.58 -14.61 -35.54
CA ASP I 67 57.40 -15.65 -36.16
C ASP I 67 56.70 -17.00 -36.14
N THR I 68 56.04 -17.36 -35.04
CA THR I 68 55.32 -18.62 -34.97
C THR I 68 54.06 -18.58 -35.84
N VAL I 69 53.38 -17.43 -35.89
CA VAL I 69 52.19 -17.31 -36.73
C VAL I 69 52.56 -17.47 -38.19
N ARG I 70 53.74 -17.02 -38.59
CA ARG I 70 54.12 -17.19 -39.99
C ARG I 70 54.41 -18.65 -40.31
N ASN I 71 55.03 -19.37 -39.38
CA ASN I 71 55.26 -20.79 -39.58
C ASN I 71 53.96 -21.53 -39.76
N ILE I 72 52.99 -21.29 -38.86
CA ILE I 72 51.74 -22.03 -38.96
C ILE I 72 50.78 -21.44 -39.99
N LEU I 73 51.12 -20.32 -40.60
CA LEU I 73 50.35 -19.81 -41.72
C LEU I 73 50.92 -20.25 -43.05
N SER I 74 52.19 -20.64 -43.08
CA SER I 74 52.75 -21.28 -44.26
C SER I 74 52.49 -22.78 -44.30
N LYS I 75 52.45 -23.45 -43.14
CA LYS I 75 52.04 -24.85 -43.18
C LYS I 75 50.62 -25.02 -43.70
N GLU I 76 49.82 -23.97 -43.69
CA GLU I 76 48.46 -24.03 -44.21
C GLU I 76 48.35 -23.52 -45.64
N GLY I 77 49.43 -23.00 -46.21
CA GLY I 77 49.41 -22.47 -47.55
C GLY I 77 48.72 -21.13 -47.67
N VAL I 78 48.81 -20.30 -46.66
CA VAL I 78 48.23 -18.96 -46.72
C VAL I 78 49.22 -17.93 -47.26
N MET I 79 50.51 -18.13 -47.01
CA MET I 79 51.51 -17.19 -47.50
C MET I 79 51.71 -17.31 -48.99
N LYS I 80 51.61 -18.52 -49.54
CA LYS I 80 51.64 -18.69 -50.99
C LYS I 80 50.49 -17.96 -51.67
N LYS I 81 49.30 -17.97 -51.07
CA LYS I 81 48.18 -17.28 -51.70
C LYS I 81 48.38 -15.77 -51.67
N HIS I 82 48.90 -15.25 -50.55
CA HIS I 82 49.26 -13.85 -50.49
C HIS I 82 50.27 -13.52 -51.59
N HIS I 83 51.26 -14.38 -51.76
CA HIS I 83 52.26 -14.23 -52.80
C HIS I 83 51.62 -14.15 -54.18
N GLU I 84 50.68 -15.02 -54.45
CA GLU I 84 50.07 -15.13 -55.77
C GLU I 84 49.02 -14.06 -56.02
N ALA I 85 48.57 -13.36 -54.99
CA ALA I 85 47.65 -12.25 -55.22
C ALA I 85 48.33 -10.91 -55.29
N LYS I 86 49.40 -10.71 -54.52
CA LYS I 86 50.04 -9.39 -54.49
C LYS I 86 50.94 -9.18 -55.69
N ASN I 87 52.03 -9.94 -55.77
CA ASN I 87 53.04 -9.74 -56.80
C ASN I 87 52.68 -10.43 -58.11
N VAL I 88 51.40 -10.76 -58.29
CA VAL I 88 50.88 -11.25 -59.56
C VAL I 88 49.74 -10.37 -60.07
N LYS I 89 48.90 -9.88 -59.17
CA LYS I 89 47.73 -9.05 -59.48
C LYS I 89 46.65 -9.91 -60.12
N GLU J 1 26.91 12.48 -46.88
CA GLU J 1 25.63 13.09 -46.51
C GLU J 1 24.54 12.02 -46.49
N ARG J 2 24.94 10.80 -46.84
CA ARG J 2 24.06 9.67 -46.62
C ARG J 2 23.77 9.42 -45.13
N ASN J 3 24.53 10.03 -44.24
CA ASN J 3 24.21 9.97 -42.82
C ASN J 3 23.32 11.13 -42.42
N GLN J 4 22.49 10.90 -41.42
CA GLN J 4 21.37 11.79 -41.12
C GLN J 4 21.43 12.29 -39.70
N ARG J 5 21.00 13.53 -39.50
CA ARG J 5 20.98 14.16 -38.20
C ARG J 5 19.61 13.96 -37.54
N LYS J 6 19.34 14.68 -36.46
CA LYS J 6 18.12 14.55 -35.67
C LYS J 6 17.27 15.80 -35.81
N VAL J 7 15.98 15.62 -36.10
CA VAL J 7 15.03 16.72 -36.14
C VAL J 7 13.99 16.48 -35.06
N TYR J 8 13.39 17.57 -34.57
CA TYR J 8 12.48 17.52 -33.44
C TYR J 8 11.33 18.47 -33.71
N GLN J 9 10.41 18.57 -32.74
CA GLN J 9 9.23 19.43 -32.83
C GLN J 9 8.94 20.03 -31.47
N GLY J 10 8.46 21.27 -31.46
CA GLY J 10 8.17 21.90 -30.19
C GLY J 10 7.51 23.24 -30.39
N ARG J 11 7.15 23.84 -29.26
CA ARG J 11 6.53 25.16 -29.25
C ARG J 11 7.50 26.17 -28.65
N VAL J 12 7.67 27.30 -29.32
CA VAL J 12 8.62 28.31 -28.89
C VAL J 12 8.16 28.91 -27.57
N VAL J 13 9.13 29.27 -26.73
CA VAL J 13 8.88 29.62 -25.34
C VAL J 13 9.48 30.98 -24.98
N SER J 14 10.68 31.27 -25.47
CA SER J 14 11.30 32.57 -25.27
C SER J 14 11.81 33.09 -26.60
N ASP J 15 11.70 34.41 -26.79
CA ASP J 15 12.25 35.06 -27.98
C ASP J 15 12.89 36.40 -27.65
N LYS J 16 13.61 36.49 -26.53
CA LYS J 16 14.17 37.76 -26.12
C LYS J 16 15.54 38.02 -26.74
N MET J 17 16.41 37.01 -26.71
CA MET J 17 17.72 37.10 -27.32
C MET J 17 17.61 37.40 -28.80
N ASP J 18 18.66 38.01 -29.36
CA ASP J 18 18.71 38.31 -30.78
C ASP J 18 19.29 37.12 -31.52
N LYS J 19 18.50 36.53 -32.42
CA LYS J 19 18.81 35.39 -33.27
C LYS J 19 18.73 34.05 -32.55
N THR J 20 18.14 33.96 -31.37
CA THR J 20 18.11 32.73 -30.61
C THR J 20 16.76 32.57 -29.91
N ILE J 21 16.23 31.35 -29.93
CA ILE J 21 14.93 31.03 -29.35
C ILE J 21 15.01 29.70 -28.60
N THR J 22 14.28 29.61 -27.49
CA THR J 22 14.19 28.37 -26.73
C THR J 22 12.94 27.61 -27.15
N VAL J 23 13.10 26.34 -27.48
CA VAL J 23 12.00 25.47 -27.90
C VAL J 23 11.88 24.33 -26.91
N VAL J 24 10.66 24.10 -26.41
CA VAL J 24 10.38 23.01 -25.50
C VAL J 24 9.79 21.85 -26.29
N VAL J 25 10.46 20.71 -26.27
CA VAL J 25 9.95 19.48 -26.85
C VAL J 25 9.44 18.60 -25.72
N GLU J 26 8.22 18.08 -25.87
CA GLU J 26 7.51 17.41 -24.79
C GLU J 26 7.20 15.97 -25.16
N THR J 27 7.26 15.09 -24.17
CA THR J 27 7.08 13.67 -24.37
C THR J 27 6.62 13.04 -23.06
N LYS J 28 6.05 11.85 -23.15
CA LYS J 28 5.65 11.08 -21.98
C LYS J 28 6.52 9.84 -21.84
N LYS J 29 6.90 9.54 -20.61
CA LYS J 29 7.67 8.33 -20.30
C LYS J 29 7.16 7.76 -19.00
N ASN J 30 7.43 6.47 -18.79
CA ASN J 30 6.87 5.75 -17.66
C ASN J 30 7.73 5.87 -16.42
N HIS J 31 7.19 5.37 -15.33
CA HIS J 31 7.84 5.25 -14.03
C HIS J 31 8.56 3.91 -13.93
N PRO J 32 9.75 3.86 -13.33
CA PRO J 32 10.45 2.57 -13.25
C PRO J 32 9.81 1.55 -12.32
N ILE J 33 9.37 1.94 -11.11
CA ILE J 33 8.75 0.98 -10.21
C ILE J 33 7.27 0.79 -10.54
N TYR J 34 6.49 1.86 -10.44
CA TYR J 34 5.08 1.81 -10.76
C TYR J 34 4.91 1.98 -12.26
N GLY J 35 3.67 1.85 -12.72
CA GLY J 35 3.50 1.69 -14.15
C GLY J 35 3.30 2.96 -14.93
N LYS J 36 2.51 3.88 -14.40
CA LYS J 36 1.84 4.90 -15.19
C LYS J 36 2.81 5.85 -15.88
N ARG J 37 2.27 6.65 -16.80
CA ARG J 37 3.04 7.49 -17.68
C ARG J 37 3.00 8.93 -17.20
N MET J 38 4.17 9.50 -16.98
CA MET J 38 4.34 10.89 -16.61
C MET J 38 4.83 11.65 -17.83
N LYS J 39 4.56 12.95 -17.85
CA LYS J 39 5.07 13.77 -18.94
C LYS J 39 6.39 14.41 -18.55
N TYR J 40 7.22 14.63 -19.56
CA TYR J 40 8.61 15.04 -19.38
C TYR J 40 8.93 16.12 -20.40
N SER J 41 9.74 17.09 -20.00
CA SER J 41 10.08 18.21 -20.87
C SER J 41 11.56 18.52 -20.78
N LYS J 42 12.13 18.95 -21.91
CA LYS J 42 13.48 19.50 -21.97
C LYS J 42 13.50 20.64 -22.97
N LYS J 43 14.28 21.67 -22.68
CA LYS J 43 14.38 22.87 -23.50
C LYS J 43 15.61 22.81 -24.39
N TYR J 44 15.45 23.29 -25.63
CA TYR J 44 16.53 23.37 -26.60
C TYR J 44 16.67 24.81 -27.09
N LYS J 45 17.88 25.19 -27.47
CA LYS J 45 18.15 26.47 -28.12
C LYS J 45 18.43 26.25 -29.60
N ALA J 46 17.88 27.14 -30.43
CA ALA J 46 18.02 27.04 -31.86
C ALA J 46 18.32 28.42 -32.43
N HIS J 47 18.88 28.42 -33.63
CA HIS J 47 19.42 29.62 -34.26
C HIS J 47 18.42 30.22 -35.25
N ASP J 48 18.36 31.55 -35.29
CA ASP J 48 17.38 32.27 -36.09
C ASP J 48 18.06 33.36 -36.92
N GLU J 49 18.13 33.15 -38.23
CA GLU J 49 18.85 34.06 -39.11
C GLU J 49 18.33 35.50 -39.03
N ASN J 50 17.07 35.69 -38.62
CA ASN J 50 16.49 37.01 -38.68
C ASN J 50 15.49 37.31 -37.57
N ASN J 51 15.42 36.48 -36.52
CA ASN J 51 14.50 36.69 -35.40
C ASN J 51 13.04 36.64 -35.86
N THR J 52 12.68 35.57 -36.56
CA THR J 52 11.36 35.45 -37.16
C THR J 52 10.30 34.91 -36.19
N ALA J 53 10.41 33.64 -35.81
CA ALA J 53 9.30 32.94 -35.18
C ALA J 53 9.02 33.50 -33.78
N LYS J 54 7.77 33.35 -33.35
CA LYS J 54 7.27 33.92 -32.09
C LYS J 54 6.65 32.82 -31.24
N VAL J 55 6.22 33.20 -30.04
CA VAL J 55 5.69 32.24 -29.09
C VAL J 55 4.46 31.54 -29.65
N GLY J 56 4.19 30.33 -29.15
CA GLY J 56 3.05 29.56 -29.60
C GLY J 56 3.23 28.90 -30.94
N ASP J 57 4.24 29.28 -31.72
CA ASP J 57 4.49 28.60 -32.98
C ASP J 57 4.88 27.16 -32.72
N ILE J 58 4.59 26.31 -33.69
CA ILE J 58 4.98 24.92 -33.65
C ILE J 58 6.00 24.70 -34.75
N VAL J 59 7.23 24.38 -34.34
CA VAL J 59 8.42 24.51 -35.18
C VAL J 59 9.04 23.14 -35.35
N LYS J 60 10.03 23.06 -36.25
CA LYS J 60 10.97 21.95 -36.28
C LYS J 60 12.38 22.50 -36.22
N ILE J 61 13.29 21.73 -35.60
CA ILE J 61 14.69 22.10 -35.47
C ILE J 61 15.56 20.92 -35.86
N MET J 62 16.85 21.18 -36.03
CA MET J 62 17.79 20.17 -36.50
C MET J 62 19.14 20.41 -35.84
N GLU J 63 19.90 19.33 -35.70
CA GLU J 63 21.15 19.36 -34.95
C GLU J 63 22.30 19.84 -35.81
N THR J 64 23.14 20.74 -35.29
CA THR J 64 24.18 21.26 -36.15
C THR J 64 25.61 20.95 -35.73
N ARG J 65 26.11 21.67 -34.76
CA ARG J 65 27.48 21.67 -34.26
C ARG J 65 27.50 22.81 -33.27
N PRO J 66 28.48 22.95 -32.43
CA PRO J 66 28.45 24.07 -31.48
C PRO J 66 28.45 25.44 -32.16
N LEU J 67 27.37 26.20 -31.94
CA LEU J 67 27.25 27.57 -32.41
C LEU J 67 27.42 28.58 -31.29
N SER J 68 27.53 28.14 -30.05
CA SER J 68 27.75 28.98 -28.89
C SER J 68 27.93 28.06 -27.69
N ALA J 69 28.00 28.66 -26.51
CA ALA J 69 28.15 27.88 -25.29
C ALA J 69 26.97 26.94 -25.06
N THR J 70 25.79 27.28 -25.59
CA THR J 70 24.60 26.49 -25.28
C THR J 70 23.82 26.04 -26.51
N LYS J 71 23.87 26.78 -27.62
CA LYS J 71 23.00 26.46 -28.73
C LYS J 71 23.61 25.45 -29.67
N ARG J 72 22.83 24.43 -30.03
CA ARG J 72 23.25 23.35 -30.90
C ARG J 72 22.26 23.06 -32.03
N PHE J 73 21.25 23.88 -32.23
CA PHE J 73 20.20 23.58 -33.20
C PHE J 73 19.95 24.79 -34.10
N ARG J 74 19.35 24.52 -35.24
CA ARG J 74 18.93 25.57 -36.15
C ARG J 74 17.44 25.42 -36.43
N LEU J 75 16.86 26.47 -36.98
CA LEU J 75 15.43 26.54 -37.25
C LEU J 75 15.14 26.02 -38.65
N LEU J 76 14.42 24.91 -38.73
CA LEU J 76 14.07 24.35 -40.03
C LEU J 76 12.90 25.10 -40.67
N GLU J 77 11.73 25.03 -40.04
CA GLU J 77 10.54 25.64 -40.64
C GLU J 77 9.49 25.83 -39.58
N VAL J 78 8.56 26.73 -39.87
CA VAL J 78 7.42 27.00 -39.01
C VAL J 78 6.21 26.26 -39.57
N VAL J 79 5.58 25.43 -38.75
CA VAL J 79 4.52 24.55 -39.21
C VAL J 79 3.14 25.17 -39.04
N GLU J 80 2.92 25.95 -37.99
CA GLU J 80 1.58 26.35 -37.62
C GLU J 80 1.67 27.51 -36.64
N GLU J 81 1.18 28.68 -37.04
CA GLU J 81 1.43 29.91 -36.31
C GLU J 81 0.33 30.23 -35.31
N ALA J 82 0.71 30.92 -34.24
CA ALA J 82 -0.22 31.27 -33.19
C ALA J 82 -0.95 32.57 -33.53
N VAL J 83 -2.21 32.64 -33.15
CA VAL J 83 -2.96 33.89 -33.21
C VAL J 83 -4.03 33.87 -32.13
N LYS K 1 -60.09 13.43 17.12
CA LYS K 1 -59.10 14.50 17.11
C LYS K 1 -58.79 14.96 15.69
N VAL K 2 -59.37 16.10 15.31
CA VAL K 2 -59.23 16.65 13.97
C VAL K 2 -58.69 18.07 14.09
N ASP K 3 -57.75 18.44 13.22
CA ASP K 3 -57.19 19.77 13.24
C ASP K 3 -58.29 20.80 12.98
N TYR K 4 -58.64 21.56 14.01
CA TYR K 4 -59.73 22.52 13.90
C TYR K 4 -59.41 23.65 12.94
N ILE K 5 -58.15 23.92 12.68
CA ILE K 5 -57.81 24.87 11.64
C ILE K 5 -58.01 24.26 10.27
N ALA K 6 -58.05 22.94 10.19
CA ALA K 6 -58.45 22.24 8.97
C ALA K 6 -59.93 21.90 8.95
N ALA K 7 -60.64 22.06 10.07
CA ALA K 7 -62.09 21.95 10.07
C ALA K 7 -62.67 22.96 9.11
N ASN K 8 -62.54 24.23 9.43
CA ASN K 8 -62.69 25.24 8.39
C ASN K 8 -61.44 25.22 7.53
N HIS K 9 -61.49 25.94 6.43
CA HIS K 9 -60.33 26.01 5.54
C HIS K 9 -59.55 27.30 5.79
N ILE K 10 -59.28 27.59 7.06
CA ILE K 10 -58.88 28.93 7.45
C ILE K 10 -57.44 29.19 7.05
N GLU K 11 -57.24 30.27 6.29
CA GLU K 11 -55.98 30.59 5.64
C GLU K 11 -55.08 31.46 6.51
N TYR K 12 -55.63 32.47 7.16
CA TYR K 12 -54.88 33.41 7.98
C TYR K 12 -55.38 33.33 9.41
N ILE K 13 -54.53 33.70 10.37
CA ILE K 13 -54.83 33.55 11.79
C ILE K 13 -55.04 34.89 12.48
N ASP K 14 -54.25 35.90 12.12
CA ASP K 14 -54.51 37.30 12.42
C ASP K 14 -54.29 37.73 13.86
N TYR K 15 -54.02 36.81 14.78
CA TYR K 15 -53.58 37.16 16.13
C TYR K 15 -54.54 38.10 16.84
N LYS K 16 -55.62 38.47 16.16
CA LYS K 16 -56.66 39.34 16.69
C LYS K 16 -57.92 38.60 17.06
N ASP K 17 -58.29 37.56 16.32
CA ASP K 17 -59.48 36.81 16.66
C ASP K 17 -59.20 35.99 17.90
N THR K 18 -59.16 36.66 19.05
CA THR K 18 -58.89 36.01 20.33
C THR K 18 -59.98 35.03 20.73
N GLU K 19 -61.05 34.92 19.93
CA GLU K 19 -62.03 33.88 20.15
C GLU K 19 -61.52 32.54 19.68
N LEU K 20 -60.87 32.51 18.51
CA LEU K 20 -60.25 31.28 18.02
C LEU K 20 -59.04 30.91 18.85
N LEU K 21 -58.18 31.88 19.15
CA LEU K 21 -56.96 31.61 19.89
C LEU K 21 -57.24 31.01 21.25
N LYS K 22 -58.35 31.39 21.87
CA LYS K 22 -58.54 31.09 23.28
C LYS K 22 -58.79 29.63 23.58
N ARG K 23 -58.87 28.77 22.56
CA ARG K 23 -59.10 27.35 22.75
C ARG K 23 -57.82 26.53 22.65
N PHE K 24 -56.67 27.17 22.46
CA PHE K 24 -55.39 26.50 22.41
C PHE K 24 -54.55 26.77 23.66
N ILE K 25 -55.06 27.58 24.58
CA ILE K 25 -54.38 27.91 25.83
C ILE K 25 -55.13 27.23 26.97
N SER K 26 -54.39 26.84 28.00
CA SER K 26 -54.98 26.11 29.10
C SER K 26 -55.86 27.03 29.93
N GLU K 27 -56.38 26.50 31.04
CA GLU K 27 -57.17 27.34 31.94
C GLU K 27 -56.31 28.29 32.76
N ARG K 28 -55.01 28.30 32.54
CA ARG K 28 -54.13 29.27 33.17
C ARG K 28 -53.43 30.18 32.16
N GLY K 29 -53.53 29.90 30.87
CA GLY K 29 -52.94 30.74 29.86
C GLY K 29 -51.78 30.11 29.11
N LYS K 30 -51.30 28.95 29.55
CA LYS K 30 -50.16 28.33 28.91
C LYS K 30 -50.56 27.62 27.62
N ILE K 31 -49.66 27.63 26.64
CA ILE K 31 -49.91 26.98 25.37
C ILE K 31 -49.94 25.48 25.55
N LEU K 32 -50.91 24.82 24.92
CA LEU K 32 -51.12 23.38 24.99
C LEU K 32 -50.35 22.68 23.87
N PRO K 33 -49.83 21.49 24.13
CA PRO K 33 -49.02 20.80 23.13
C PRO K 33 -49.82 20.43 21.89
N ARG K 34 -49.08 19.98 20.87
CA ARG K 34 -49.68 19.49 19.64
C ARG K 34 -50.44 18.20 19.84
N ARG K 35 -50.20 17.50 20.96
CA ARG K 35 -50.93 16.27 21.23
C ARG K 35 -52.32 16.55 21.78
N VAL K 36 -52.40 17.23 22.92
CA VAL K 36 -53.66 17.45 23.60
C VAL K 36 -54.65 18.22 22.76
N THR K 37 -54.23 18.76 21.61
CA THR K 37 -55.10 19.50 20.73
C THR K 37 -55.17 18.95 19.31
N GLY K 38 -54.30 18.01 18.96
CA GLY K 38 -54.37 17.33 17.68
C GLY K 38 -54.25 18.21 16.46
N THR K 39 -53.36 19.19 16.48
CA THR K 39 -53.15 20.02 15.31
C THR K 39 -51.88 19.57 14.59
N GLY K 40 -51.60 20.19 13.45
CA GLY K 40 -50.47 19.80 12.63
C GLY K 40 -49.18 20.49 13.03
N ALA K 41 -48.13 20.20 12.27
CA ALA K 41 -46.81 20.72 12.61
C ALA K 41 -46.67 22.20 12.28
N LYS K 42 -47.22 22.65 11.15
CA LYS K 42 -47.04 24.03 10.77
C LYS K 42 -48.13 24.94 11.28
N ASN K 43 -49.36 24.44 11.38
CA ASN K 43 -50.40 25.22 12.02
C ASN K 43 -50.05 25.48 13.47
N GLN K 44 -49.31 24.57 14.11
CA GLN K 44 -48.88 24.84 15.47
C GLN K 44 -47.88 25.98 15.51
N ARG K 45 -46.97 26.04 14.55
CA ARG K 45 -46.02 27.16 14.52
C ARG K 45 -46.75 28.49 14.34
N LYS K 46 -47.73 28.52 13.43
CA LYS K 46 -48.51 29.74 13.22
C LYS K 46 -49.31 30.12 14.46
N LEU K 47 -49.95 29.14 15.10
CA LEU K 47 -50.73 29.43 16.30
C LEU K 47 -49.84 29.97 17.42
N THR K 48 -48.65 29.41 17.59
CA THR K 48 -47.76 29.88 18.64
C THR K 48 -47.33 31.32 18.39
N ILE K 49 -46.96 31.63 17.14
CA ILE K 49 -46.64 33.03 16.83
C ILE K 49 -47.85 33.92 17.07
N ALA K 50 -49.05 33.41 16.79
CA ALA K 50 -50.26 34.20 16.97
C ALA K 50 -50.47 34.58 18.43
N ILE K 51 -50.42 33.61 19.34
CA ILE K 51 -50.71 33.96 20.72
C ILE K 51 -49.55 34.70 21.38
N LYS K 52 -48.30 34.48 20.93
CA LYS K 52 -47.21 35.32 21.42
C LYS K 52 -47.39 36.75 20.97
N ARG K 53 -47.90 36.95 19.76
CA ARG K 53 -48.24 38.29 19.29
C ARG K 53 -49.33 38.89 20.15
N ALA K 54 -50.36 38.10 20.45
CA ALA K 54 -51.50 38.60 21.23
C ALA K 54 -51.07 39.07 22.61
N ARG K 55 -50.27 38.28 23.31
CA ARG K 55 -49.90 38.64 24.68
C ARG K 55 -49.24 40.00 24.75
N ILE K 56 -48.44 40.36 23.75
CA ILE K 56 -47.69 41.61 23.79
C ILE K 56 -48.63 42.81 23.64
N MET K 57 -49.61 42.70 22.75
CA MET K 57 -50.58 43.75 22.48
C MET K 57 -51.68 43.83 23.51
N GLY K 58 -51.52 43.21 24.67
CA GLY K 58 -52.50 43.36 25.72
C GLY K 58 -53.87 42.82 25.42
N LEU K 59 -53.98 41.93 24.44
CA LEU K 59 -55.24 41.23 24.20
C LEU K 59 -55.38 39.97 25.02
N LEU K 60 -54.32 39.56 25.71
CA LEU K 60 -54.28 38.24 26.28
C LEU K 60 -53.31 38.21 27.45
N PRO K 61 -53.62 37.48 28.52
CA PRO K 61 -52.75 37.52 29.70
C PRO K 61 -51.50 36.68 29.54
N PHE K 62 -50.42 37.16 30.11
CA PHE K 62 -49.25 36.31 30.25
C PHE K 62 -49.49 35.26 31.33
N VAL K 63 -49.67 35.70 32.56
CA VAL K 63 -50.10 34.84 33.65
C VAL K 63 -51.48 35.30 34.07
N SER K 64 -52.27 34.39 34.65
CA SER K 64 -53.63 34.73 35.06
C SER K 64 -53.95 34.00 36.37
N ASP K 65 -53.68 34.65 37.49
CA ASP K 65 -54.14 34.19 38.79
C ASP K 65 -54.92 35.26 39.55
N GLU K 66 -54.41 36.48 39.61
CA GLU K 66 -55.12 37.58 40.26
C GLU K 66 -56.29 38.07 39.43
N PRO L 1 68.85 13.05 -12.96
CA PRO L 1 68.15 11.83 -13.41
C PRO L 1 68.93 10.56 -13.09
N ASN L 2 68.29 9.41 -13.25
CA ASN L 2 68.86 8.13 -12.85
C ASN L 2 69.33 7.30 -14.04
N ILE L 3 68.48 7.16 -15.04
CA ILE L 3 68.78 6.36 -16.21
C ILE L 3 69.70 7.14 -17.12
N GLU L 4 70.67 6.44 -17.71
CA GLU L 4 71.65 7.06 -18.57
C GLU L 4 71.02 7.73 -19.79
N SER L 5 69.97 7.13 -20.33
CA SER L 5 69.34 7.68 -21.52
C SER L 5 68.48 8.90 -21.22
N ALA L 6 68.10 9.09 -19.96
CA ALA L 6 67.36 10.28 -19.58
C ALA L 6 68.26 11.49 -19.48
N ILE L 7 69.55 11.28 -19.26
CA ILE L 7 70.52 12.36 -19.16
C ILE L 7 70.86 12.94 -20.52
N LYS L 8 70.84 12.12 -21.58
CA LYS L 8 71.11 12.64 -22.92
C LYS L 8 69.92 13.45 -23.45
N ARG L 9 68.70 12.98 -23.19
CA ARG L 9 67.52 13.71 -23.66
C ARG L 9 67.50 15.14 -23.15
N VAL L 10 68.08 15.38 -21.97
CA VAL L 10 68.05 16.73 -21.38
C VAL L 10 68.81 17.73 -22.26
N ARG L 11 70.06 17.42 -22.60
CA ARG L 11 70.82 18.31 -23.46
C ARG L 11 70.28 18.33 -24.88
N THR L 12 69.86 17.19 -25.41
CA THR L 12 69.33 17.18 -26.77
C THR L 12 68.14 18.11 -26.89
N SER L 13 67.21 18.04 -25.94
CA SER L 13 66.02 18.86 -26.02
C SER L 13 66.33 20.32 -25.69
N ALA L 14 67.32 20.58 -24.83
CA ALA L 14 67.74 21.96 -24.62
C ALA L 14 68.22 22.61 -25.92
N ASN L 15 69.04 21.88 -26.68
CA ASN L 15 69.54 22.41 -27.96
C ASN L 15 68.42 22.61 -28.97
N ALA L 16 67.51 21.64 -29.07
CA ALA L 16 66.38 21.79 -29.96
C ALA L 16 65.55 23.02 -29.61
N ASN L 17 65.35 23.26 -28.30
CA ASN L 17 64.61 24.44 -27.89
C ASN L 17 65.29 25.71 -28.35
N ALA L 18 66.62 25.78 -28.16
CA ALA L 18 67.35 26.97 -28.58
C ALA L 18 67.08 27.30 -30.05
N LYS L 19 67.36 26.36 -30.95
CA LYS L 19 67.22 26.73 -32.36
C LYS L 19 65.76 26.91 -32.77
N ASN L 20 64.83 26.15 -32.17
CA ASN L 20 63.42 26.34 -32.49
C ASN L 20 62.97 27.76 -32.19
N SER L 21 63.32 28.26 -31.01
CA SER L 21 62.90 29.62 -30.66
C SER L 21 63.54 30.65 -31.56
N SER L 22 64.83 30.49 -31.88
CA SER L 22 65.46 31.41 -32.83
C SER L 22 64.64 31.54 -34.11
N GLN L 23 64.30 30.40 -34.71
CA GLN L 23 63.66 30.46 -36.03
C GLN L 23 62.22 30.97 -35.94
N THR L 24 61.51 30.65 -34.85
CA THR L 24 60.16 31.21 -34.69
C THR L 24 60.20 32.72 -34.60
N ASN L 25 61.17 33.26 -33.85
CA ASN L 25 61.26 34.71 -33.77
C ASN L 25 61.58 35.32 -35.12
N ALA L 26 62.44 34.67 -35.90
CA ALA L 26 62.67 35.12 -37.28
C ALA L 26 61.35 35.30 -38.03
N MET L 27 60.51 34.27 -38.02
CA MET L 27 59.24 34.34 -38.74
C MET L 27 58.36 35.47 -38.23
N ARG L 28 58.24 35.58 -36.90
CA ARG L 28 57.35 36.58 -36.32
C ARG L 28 57.78 37.99 -36.71
N THR L 29 59.09 38.26 -36.71
CA THR L 29 59.53 39.60 -37.09
C THR L 29 59.34 39.85 -38.58
N ALA L 30 59.51 38.85 -39.44
CA ALA L 30 59.20 39.08 -40.85
C ALA L 30 57.76 39.52 -41.04
N ILE L 31 56.82 38.80 -40.41
CA ILE L 31 55.41 39.16 -40.55
C ILE L 31 55.16 40.56 -40.02
N LYS L 32 55.66 40.86 -38.82
CA LYS L 32 55.41 42.17 -38.25
C LYS L 32 56.03 43.29 -39.08
N LYS L 33 57.16 43.01 -39.73
CA LYS L 33 57.81 43.98 -40.58
C LYS L 33 56.99 44.28 -41.82
N PHE L 34 56.24 43.29 -42.30
CA PHE L 34 55.29 43.60 -43.35
C PHE L 34 54.12 44.43 -42.84
N GLU L 35 53.60 44.08 -41.66
CA GLU L 35 52.41 44.77 -41.16
C GLU L 35 52.67 46.25 -40.91
N GLU L 36 53.82 46.56 -40.32
CA GLU L 36 54.14 47.96 -40.04
C GLU L 36 54.40 48.79 -41.30
N ALA L 37 54.61 48.16 -42.46
CA ALA L 37 54.75 48.89 -43.71
C ALA L 37 53.48 48.95 -44.51
N VAL L 38 52.54 48.02 -44.29
CA VAL L 38 51.22 48.20 -44.90
C VAL L 38 50.39 49.16 -44.09
N ALA L 39 50.68 49.34 -42.80
CA ALA L 39 49.96 50.33 -42.01
C ALA L 39 50.51 51.74 -42.22
N ALA L 40 51.62 51.90 -42.92
CA ALA L 40 52.15 53.21 -43.26
C ALA L 40 51.76 53.66 -44.66
N GLY L 41 51.49 52.72 -45.56
CA GLY L 41 51.23 53.09 -46.94
C GLY L 41 52.50 53.39 -47.71
N ALA L 42 53.52 52.54 -47.56
CA ALA L 42 54.84 52.80 -48.10
C ALA L 42 55.07 52.11 -49.43
N ASP L 43 55.91 52.72 -50.25
CA ASP L 43 56.56 52.06 -51.36
C ASP L 43 57.34 50.85 -50.83
N ASN L 44 57.65 49.92 -51.73
CA ASN L 44 58.25 48.63 -51.34
C ASN L 44 57.30 47.88 -50.39
N VAL L 45 56.14 47.56 -50.95
CA VAL L 45 55.05 46.94 -50.19
C VAL L 45 54.70 45.55 -50.67
N ASP L 46 54.99 45.21 -51.93
CA ASP L 46 54.75 43.85 -52.38
C ASP L 46 55.94 42.94 -52.12
N ALA L 47 57.16 43.49 -52.13
CA ALA L 47 58.34 42.66 -51.88
C ALA L 47 58.32 42.10 -50.47
N LEU L 48 58.00 42.91 -49.46
CA LEU L 48 57.97 42.35 -48.12
C LEU L 48 56.74 41.49 -47.85
N TYR L 49 55.66 41.68 -48.61
CA TYR L 49 54.58 40.70 -48.59
C TYR L 49 55.10 39.34 -49.06
N ASN L 50 55.82 39.32 -50.18
CA ASN L 50 56.42 38.09 -50.66
C ASN L 50 57.34 37.48 -49.63
N GLU L 51 58.15 38.31 -48.97
CA GLU L 51 59.11 37.79 -48.00
C GLU L 51 58.41 37.18 -46.80
N ALA L 52 57.34 37.80 -46.33
CA ALA L 52 56.61 37.22 -45.20
C ALA L 52 55.96 35.89 -45.57
N VAL L 53 55.40 35.80 -46.77
CA VAL L 53 54.84 34.53 -47.20
C VAL L 53 55.91 33.46 -47.20
N LYS L 54 57.07 33.75 -47.79
CA LYS L 54 58.17 32.79 -47.82
C LYS L 54 58.61 32.40 -46.42
N ALA L 55 58.62 33.36 -45.49
CA ALA L 55 59.02 33.06 -44.13
C ALA L 55 58.11 32.02 -43.50
N VAL L 56 56.80 32.22 -43.62
CA VAL L 56 55.85 31.27 -43.05
C VAL L 56 56.04 29.89 -43.69
N ASP L 57 56.12 29.84 -45.02
CA ASP L 57 56.28 28.57 -45.71
C ASP L 57 57.52 27.82 -45.22
N MET L 58 58.64 28.52 -45.05
CA MET L 58 59.85 27.85 -44.57
C MET L 58 59.72 27.39 -43.13
N ALA L 59 58.98 28.13 -42.31
CA ALA L 59 58.77 27.65 -40.94
C ALA L 59 57.96 26.38 -40.90
N ALA L 60 57.06 26.18 -41.88
CA ALA L 60 56.26 24.97 -41.86
C ALA L 60 57.06 23.74 -42.28
N THR L 61 58.14 23.89 -43.05
CA THR L 61 58.95 22.73 -43.38
C THR L 61 59.99 22.42 -42.32
N LYS L 62 60.18 23.29 -41.35
CA LYS L 62 61.11 23.06 -40.25
C LYS L 62 60.41 22.49 -39.03
N GLY L 63 59.16 22.07 -39.15
CA GLY L 63 58.43 21.50 -38.05
C GLY L 63 58.21 22.44 -36.89
N LEU L 64 57.81 23.68 -37.18
CA LEU L 64 57.61 24.68 -36.14
C LEU L 64 56.16 25.10 -35.97
N ILE L 65 55.41 25.22 -37.05
CA ILE L 65 53.97 25.40 -37.05
C ILE L 65 53.38 24.25 -37.83
N HIS L 66 52.12 23.88 -37.55
CA HIS L 66 51.68 22.56 -38.00
C HIS L 66 51.60 22.40 -39.52
N LYS L 67 50.47 22.71 -40.13
CA LYS L 67 50.37 22.96 -41.57
C LYS L 67 49.14 23.79 -41.82
N ASN L 68 48.13 23.59 -40.96
CA ASN L 68 46.90 24.36 -41.04
C ASN L 68 47.11 25.77 -40.55
N LYS L 69 47.96 25.94 -39.53
CA LYS L 69 48.36 27.27 -39.11
C LYS L 69 48.98 28.05 -40.26
N ALA L 70 49.74 27.38 -41.11
CA ALA L 70 50.37 28.07 -42.22
C ALA L 70 49.35 28.49 -43.27
N ASN L 71 48.41 27.61 -43.60
CA ASN L 71 47.32 28.00 -44.50
C ASN L 71 46.57 29.19 -43.95
N ARG L 72 46.21 29.16 -42.67
CA ARG L 72 45.55 30.30 -42.03
C ARG L 72 46.37 31.58 -42.17
N ASP L 73 47.67 31.50 -41.89
CA ASP L 73 48.51 32.69 -41.94
C ASP L 73 48.56 33.27 -43.33
N LYS L 74 48.85 32.44 -44.32
CA LYS L 74 48.92 32.93 -45.69
C LYS L 74 47.59 33.51 -46.15
N ILE L 75 46.47 32.94 -45.69
CA ILE L 75 45.17 33.51 -46.00
C ILE L 75 45.04 34.91 -45.42
N ARG L 76 45.35 35.04 -44.13
CA ARG L 76 45.18 36.34 -43.48
C ARG L 76 46.01 37.41 -44.16
N LEU L 77 47.28 37.10 -44.45
CA LEU L 77 48.15 38.07 -45.10
C LEU L 77 47.65 38.40 -46.49
N SER L 78 47.19 37.40 -47.24
CA SER L 78 46.68 37.64 -48.57
C SER L 78 45.52 38.61 -48.56
N LYS L 79 44.64 38.49 -47.57
CA LYS L 79 43.50 39.42 -47.54
C LYS L 79 43.89 40.84 -47.16
N LEU L 80 45.14 41.08 -46.74
CA LEU L 80 45.55 42.41 -46.31
C LEU L 80 46.20 43.22 -47.44
N ALA L 81 46.99 42.57 -48.28
CA ALA L 81 47.73 43.25 -49.34
C ALA L 81 47.26 42.84 -50.72
N LYS L 82 47.43 41.59 -51.09
CA LYS L 82 47.00 41.09 -52.41
C LYS L 82 45.76 40.23 -52.30
#